data_7X0Y
#
_entry.id   7X0Y
#
_cell.length_a   1.00
_cell.length_b   1.00
_cell.length_c   1.00
_cell.angle_alpha   90.00
_cell.angle_beta   90.00
_cell.angle_gamma   90.00
#
_symmetry.space_group_name_H-M   'P 1'
#
loop_
_entity.id
_entity.type
_entity.pdbx_description
1 polymer Cryptochrome-2
2 polymer 'CIB1 fragment'
3 non-polymer 'FLAVIN-ADENINE DINUCLEOTIDE'
#
loop_
_entity_poly.entity_id
_entity_poly.type
_entity_poly.pdbx_seq_one_letter_code
_entity_poly.pdbx_strand_id
1 'polypeptide(L)'
;MKMDKKTIVWFRRDLRIEDNPALAAAAHEGSVFPVFIWCPEEEGQFYPGRASRWWMKQSLAHLSQSLKALGSDLTLIKTH
NTISAILDCIRVTGATKVVFNHLYDPVSLVRDHTVKEKLVERGISVQSYNGDLLYEPWEIYCEKGKPFTSFNSYWKKCLD
MSIESVMLPPPWRLMPITAAAEAIWACSIEELGLENEAEKPSNALLTRAWSPGWSNADKLLNEFIEKQLIDYAKNSKKVV
GNSTSLLSPYLHFGEISVRHVFQCARMKQIIWARDKNSEGEESADLFLRGIGLREYSRYICFNFPFTHEQSLLSHLRFFP
WDADVDKFKAWRQGRTGYPLVDAGMRELWATGWMHNRIRVIVSSFAVKFLLLPAKWGMKYFWDTLLDADLECDILGWQYI
SGSIPDGHELDRLDNPALQGAKYDPEGEYIRQWLPELARLPTEWIHHPWDAPLTVLKASGVELGTNYAKPIVDIDTAREL
LAKAISRTREAQIMIGAAPDEIVADSFEALGANTIKEPGLCPSVSSNDQQVPSAVRYNGSKRVKPEEEEERDMKKSRGFD
ERELFSTAESSSSSSVFFVSQSCSLASEGKNLEGIQDSSDQITTSLGKNGCK
;
C,B,A,D
2 'polypeptide(L)' (UNK)(UNK)(UNK)(UNK)(UNK)(UNK)(UNK)(UNK) E,F
#
# COMPACT_ATOMS: atom_id res chain seq x y z
N LYS A 5 4.49 -49.46 -23.80
CA LYS A 5 4.34 -48.01 -23.87
C LYS A 5 4.43 -47.41 -22.48
N LYS A 6 3.76 -48.06 -21.53
CA LYS A 6 3.76 -47.58 -20.16
C LYS A 6 5.16 -47.64 -19.58
N THR A 7 5.49 -46.66 -18.75
CA THR A 7 6.77 -46.60 -18.06
C THR A 7 6.51 -46.26 -16.60
N ILE A 8 7.38 -46.77 -15.72
CA ILE A 8 7.22 -46.56 -14.29
C ILE A 8 8.31 -45.60 -13.84
N VAL A 9 7.97 -44.30 -13.79
CA VAL A 9 8.84 -43.36 -13.11
C VAL A 9 8.86 -43.71 -11.63
N TRP A 10 9.95 -43.33 -10.95
CA TRP A 10 10.20 -43.80 -9.59
C TRP A 10 10.60 -42.62 -8.71
N PHE A 11 9.60 -41.99 -8.10
CA PHE A 11 9.86 -40.83 -7.25
C PHE A 11 10.65 -41.25 -6.01
N ARG A 12 11.83 -40.66 -5.82
CA ARG A 12 12.61 -40.89 -4.62
C ARG A 12 12.73 -39.62 -3.78
N ARG A 13 13.29 -38.56 -4.34
CA ARG A 13 13.54 -37.34 -3.59
C ARG A 13 13.28 -36.11 -4.44
N ASP A 14 12.34 -36.20 -5.35
CA ASP A 14 12.09 -35.20 -6.38
C ASP A 14 10.59 -34.93 -6.49
N LEU A 15 9.96 -34.65 -5.35
CA LEU A 15 8.52 -34.61 -5.25
C LEU A 15 7.92 -33.41 -5.98
N ARG A 16 8.03 -33.37 -7.30
CA ARG A 16 7.52 -32.23 -8.04
C ARG A 16 7.33 -32.61 -9.49
N ILE A 17 6.34 -31.97 -10.12
CA ILE A 17 5.99 -32.24 -11.50
C ILE A 17 6.58 -31.22 -12.47
N GLU A 18 7.05 -30.07 -11.99
CA GLU A 18 7.62 -29.06 -12.86
C GLU A 18 9.11 -29.32 -13.04
N ASP A 19 9.56 -29.36 -14.29
CA ASP A 19 10.98 -29.46 -14.61
C ASP A 19 11.58 -30.76 -14.08
N ASN A 20 10.82 -31.85 -14.18
CA ASN A 20 11.25 -33.15 -13.68
C ASN A 20 11.63 -34.02 -14.87
N PRO A 21 12.89 -34.00 -15.30
CA PRO A 21 13.26 -34.74 -16.52
C PRO A 21 13.17 -36.24 -16.39
N ALA A 22 12.94 -36.77 -15.19
CA ALA A 22 12.67 -38.19 -15.05
C ALA A 22 11.22 -38.54 -15.32
N LEU A 23 10.35 -37.54 -15.44
CA LEU A 23 8.93 -37.75 -15.69
C LEU A 23 8.54 -37.38 -17.12
N ALA A 24 8.87 -36.16 -17.54
CA ALA A 24 8.51 -35.71 -18.89
C ALA A 24 9.21 -36.51 -19.96
N ALA A 25 10.31 -37.19 -19.62
CA ALA A 25 10.93 -38.11 -20.57
C ALA A 25 9.99 -39.21 -20.96
N ALA A 26 9.03 -39.55 -20.09
CA ALA A 26 8.00 -40.52 -20.46
C ALA A 26 6.95 -39.92 -21.38
N ALA A 27 6.70 -38.61 -21.27
CA ALA A 27 5.57 -38.00 -21.96
C ALA A 27 5.69 -38.07 -23.48
N HIS A 28 6.91 -38.11 -24.01
CA HIS A 28 7.06 -38.38 -25.44
C HIS A 28 6.47 -39.73 -25.81
N GLU A 29 6.46 -40.68 -24.89
CA GLU A 29 6.04 -42.04 -25.19
C GLU A 29 4.54 -42.26 -24.98
N GLY A 30 4.08 -42.10 -23.74
CA GLY A 30 2.67 -42.37 -23.49
C GLY A 30 2.29 -42.53 -22.04
N SER A 31 1.56 -43.60 -21.73
CA SER A 31 1.03 -43.79 -20.40
C SER A 31 2.15 -44.05 -19.39
N VAL A 32 1.93 -43.60 -18.16
CA VAL A 32 2.88 -43.75 -17.07
C VAL A 32 2.15 -44.27 -15.85
N PHE A 33 2.92 -44.60 -14.81
CA PHE A 33 2.36 -45.01 -13.52
C PHE A 33 3.39 -44.72 -12.44
N PRO A 34 3.18 -43.68 -11.65
CA PRO A 34 4.15 -43.35 -10.60
C PRO A 34 3.92 -44.19 -9.36
N VAL A 35 5.01 -44.44 -8.64
CA VAL A 35 4.98 -45.23 -7.41
C VAL A 35 6.09 -44.71 -6.51
N PHE A 36 5.89 -44.85 -5.21
CA PHE A 36 6.83 -44.34 -4.22
C PHE A 36 7.06 -45.41 -3.16
N ILE A 37 8.29 -45.88 -3.04
CA ILE A 37 8.63 -46.99 -2.16
C ILE A 37 9.30 -46.46 -0.91
N TRP A 38 8.97 -47.06 0.22
CA TRP A 38 9.56 -46.73 1.51
C TRP A 38 9.96 -48.02 2.19
N CYS A 39 11.06 -47.97 2.95
CA CYS A 39 11.53 -49.13 3.71
C CYS A 39 12.21 -48.63 4.99
N PRO A 40 11.52 -48.70 6.13
CA PRO A 40 12.07 -48.19 7.37
C PRO A 40 13.10 -49.10 8.03
N GLU A 41 13.61 -50.10 7.33
CA GLU A 41 14.57 -51.04 7.90
C GLU A 41 15.83 -51.24 7.06
N GLU A 42 15.84 -50.83 5.79
CA GLU A 42 17.00 -51.00 4.95
C GLU A 42 17.94 -49.81 4.99
N GLU A 43 17.60 -48.75 5.73
CA GLU A 43 18.45 -47.57 5.81
C GLU A 43 19.30 -47.54 7.08
N GLY A 44 19.03 -48.41 8.05
CA GLY A 44 19.87 -48.53 9.22
C GLY A 44 19.89 -47.31 10.12
N GLN A 45 21.02 -46.60 10.14
CA GLN A 45 21.12 -45.41 10.97
C GLN A 45 20.49 -44.19 10.31
N PHE A 46 20.49 -44.13 8.98
CA PHE A 46 20.03 -42.96 8.24
C PHE A 46 18.53 -42.79 8.24
N TYR A 47 17.81 -43.59 9.04
CA TYR A 47 16.39 -43.42 9.29
C TYR A 47 16.12 -41.95 9.63
N PRO A 48 15.39 -41.22 8.80
CA PRO A 48 15.30 -39.77 8.96
C PRO A 48 14.65 -39.38 10.27
N GLY A 49 15.07 -38.24 10.81
CA GLY A 49 14.67 -37.82 12.13
C GLY A 49 13.23 -37.40 12.21
N ARG A 50 12.82 -37.05 13.44
CA ARG A 50 11.47 -36.58 13.69
C ARG A 50 11.15 -35.36 12.85
N ALA A 51 12.11 -34.45 12.69
CA ALA A 51 11.88 -33.26 11.89
C ALA A 51 11.59 -33.63 10.44
N SER A 52 12.55 -34.26 9.78
CA SER A 52 12.40 -34.55 8.36
C SER A 52 11.27 -35.54 8.11
N ARG A 53 11.03 -36.46 9.04
CA ARG A 53 9.97 -37.44 8.84
C ARG A 53 8.61 -36.77 8.74
N TRP A 54 8.39 -35.71 9.52
CA TRP A 54 7.14 -34.98 9.43
C TRP A 54 6.99 -34.30 8.08
N TRP A 55 8.08 -33.70 7.58
CA TRP A 55 8.03 -32.95 6.32
C TRP A 55 7.59 -33.83 5.16
N MET A 56 8.02 -35.09 5.16
CA MET A 56 7.59 -36.01 4.12
C MET A 56 6.09 -36.16 4.09
N LYS A 57 5.44 -36.04 5.26
CA LYS A 57 4.01 -36.31 5.34
C LYS A 57 3.21 -35.32 4.50
N GLN A 58 3.61 -34.06 4.50
CA GLN A 58 2.80 -33.05 3.82
C GLN A 58 2.97 -33.12 2.31
N SER A 59 4.21 -33.29 1.84
CA SER A 59 4.49 -33.18 0.41
C SER A 59 3.75 -34.25 -0.38
N LEU A 60 3.88 -35.51 0.03
CA LEU A 60 3.16 -36.60 -0.62
C LEU A 60 1.67 -36.35 -0.62
N ALA A 61 1.15 -35.79 0.48
CA ALA A 61 -0.23 -35.34 0.47
C ALA A 61 -0.43 -34.22 -0.54
N HIS A 62 0.62 -33.44 -0.81
CA HIS A 62 0.52 -32.33 -1.75
C HIS A 62 0.79 -32.75 -3.19
N LEU A 63 1.64 -33.75 -3.41
CA LEU A 63 1.92 -34.19 -4.77
C LEU A 63 0.78 -35.03 -5.33
N SER A 64 0.24 -35.94 -4.51
CA SER A 64 -0.87 -36.77 -4.93
C SER A 64 -2.05 -35.94 -5.36
N GLN A 65 -2.39 -34.92 -4.58
CA GLN A 65 -3.43 -33.97 -5.00
C GLN A 65 -2.99 -33.17 -6.22
N SER A 66 -1.69 -33.12 -6.51
CA SER A 66 -1.21 -32.36 -7.65
C SER A 66 -1.39 -33.14 -8.95
N LEU A 67 -0.85 -34.35 -9.01
CA LEU A 67 -0.82 -35.07 -10.28
C LEU A 67 -2.21 -35.48 -10.74
N LYS A 68 -3.15 -35.68 -9.80
CA LYS A 68 -4.48 -36.16 -10.17
C LYS A 68 -5.19 -35.20 -11.10
N ALA A 69 -4.90 -33.90 -11.00
CA ALA A 69 -5.47 -32.94 -11.94
C ALA A 69 -5.09 -33.27 -13.37
N LEU A 70 -3.93 -33.87 -13.57
CA LEU A 70 -3.51 -34.30 -14.91
C LEU A 70 -4.10 -35.64 -15.32
N GLY A 71 -5.05 -36.17 -14.54
CA GLY A 71 -5.68 -37.42 -14.88
C GLY A 71 -4.78 -38.61 -14.60
N SER A 72 -4.29 -38.72 -13.37
CA SER A 72 -3.36 -39.78 -13.02
C SER A 72 -3.53 -40.20 -11.58
N ASP A 73 -2.54 -40.92 -11.04
CA ASP A 73 -2.63 -41.44 -9.69
C ASP A 73 -1.27 -41.92 -9.21
N LEU A 74 -1.04 -41.87 -7.90
CA LEU A 74 0.25 -42.23 -7.31
C LEU A 74 0.00 -43.02 -6.03
N THR A 75 0.33 -44.31 -6.06
CA THR A 75 0.13 -45.16 -4.89
C THR A 75 1.17 -44.84 -3.83
N LEU A 76 1.17 -45.60 -2.74
CA LEU A 76 2.09 -45.35 -1.63
C LEU A 76 2.72 -46.63 -1.11
N ILE A 77 3.29 -47.44 -2.01
CA ILE A 77 3.81 -48.75 -1.65
C ILE A 77 4.85 -48.65 -0.53
N LYS A 78 4.76 -49.59 0.41
CA LYS A 78 5.75 -49.78 1.45
C LYS A 78 6.28 -51.21 1.36
N THR A 79 7.52 -51.43 1.79
CA THR A 79 8.15 -52.71 1.58
C THR A 79 9.08 -53.08 2.73
N HIS A 80 9.27 -54.38 2.91
CA HIS A 80 10.43 -54.90 3.60
C HIS A 80 11.67 -54.83 2.72
N ASN A 81 11.48 -54.98 1.41
CA ASN A 81 12.58 -55.03 0.45
C ASN A 81 12.19 -54.19 -0.74
N THR A 82 13.10 -53.34 -1.21
CA THR A 82 12.79 -52.43 -2.30
C THR A 82 12.75 -53.15 -3.65
N ILE A 83 13.78 -53.95 -3.94
CA ILE A 83 13.89 -54.56 -5.26
C ILE A 83 12.72 -55.49 -5.54
N SER A 84 12.14 -56.09 -4.49
CA SER A 84 11.07 -57.06 -4.70
C SER A 84 9.83 -56.40 -5.29
N ALA A 85 9.40 -55.27 -4.72
CA ALA A 85 8.11 -54.69 -5.09
C ALA A 85 8.09 -54.24 -6.54
N ILE A 86 9.23 -53.75 -7.05
CA ILE A 86 9.25 -53.19 -8.40
C ILE A 86 8.97 -54.27 -9.43
N LEU A 87 9.65 -55.41 -9.33
CA LEU A 87 9.30 -56.53 -10.20
C LEU A 87 7.91 -57.05 -9.90
N ASP A 88 7.39 -56.84 -8.69
CA ASP A 88 6.01 -57.20 -8.40
C ASP A 88 5.04 -56.31 -9.18
N CYS A 89 5.19 -54.99 -9.05
CA CYS A 89 4.36 -54.08 -9.84
C CYS A 89 4.61 -54.24 -11.34
N ILE A 90 5.78 -54.74 -11.73
CA ILE A 90 6.03 -55.05 -13.12
C ILE A 90 5.00 -56.05 -13.63
N ARG A 91 4.91 -57.20 -12.96
CA ARG A 91 4.00 -58.25 -13.39
C ARG A 91 2.56 -57.76 -13.47
N VAL A 92 2.15 -56.95 -12.50
CA VAL A 92 0.77 -56.48 -12.47
C VAL A 92 0.49 -55.57 -13.66
N THR A 93 1.41 -54.65 -13.96
CA THR A 93 1.20 -53.69 -15.04
C THR A 93 1.95 -54.05 -16.32
N GLY A 94 3.10 -54.70 -16.22
CA GLY A 94 3.84 -55.08 -17.41
C GLY A 94 4.34 -53.88 -18.21
N ALA A 95 5.18 -53.06 -17.61
CA ALA A 95 5.79 -51.93 -18.30
C ALA A 95 7.09 -52.40 -18.96
N THR A 96 7.87 -51.43 -19.47
CA THR A 96 9.17 -51.70 -20.04
C THR A 96 10.25 -50.75 -19.57
N LYS A 97 9.90 -49.66 -18.89
CA LYS A 97 10.85 -48.67 -18.42
C LYS A 97 10.57 -48.35 -16.96
N VAL A 98 11.65 -48.18 -16.19
CA VAL A 98 11.57 -47.72 -14.82
C VAL A 98 12.61 -46.60 -14.69
N VAL A 99 12.19 -45.37 -14.90
CA VAL A 99 13.06 -44.22 -14.83
C VAL A 99 13.03 -43.68 -13.41
N PHE A 100 14.15 -43.14 -12.95
CA PHE A 100 14.20 -42.48 -11.66
C PHE A 100 15.28 -41.42 -11.68
N ASN A 101 15.34 -40.66 -10.59
CA ASN A 101 16.34 -39.63 -10.45
C ASN A 101 17.46 -40.08 -9.53
N HIS A 102 18.61 -39.43 -9.66
CA HIS A 102 19.78 -39.85 -8.92
C HIS A 102 19.71 -39.38 -7.47
N LEU A 103 20.45 -40.06 -6.62
CA LEU A 103 20.76 -39.59 -5.28
C LEU A 103 22.18 -40.02 -4.95
N TYR A 104 22.99 -39.05 -4.54
CA TYR A 104 24.44 -39.25 -4.46
C TYR A 104 24.92 -39.52 -3.04
N ASP A 105 24.02 -39.89 -2.14
CA ASP A 105 24.46 -40.33 -0.82
C ASP A 105 24.93 -41.78 -0.92
N PRO A 106 26.06 -42.13 -0.31
CA PRO A 106 26.56 -43.51 -0.40
C PRO A 106 25.59 -44.54 0.16
N VAL A 107 24.73 -44.18 1.12
CA VAL A 107 23.82 -45.17 1.68
C VAL A 107 22.80 -45.62 0.65
N SER A 108 22.43 -44.74 -0.27
CA SER A 108 21.50 -45.08 -1.34
C SER A 108 22.17 -45.21 -2.69
N LEU A 109 23.45 -44.85 -2.80
CA LEU A 109 24.16 -44.96 -4.06
C LEU A 109 24.13 -46.37 -4.60
N VAL A 110 24.57 -47.34 -3.79
CA VAL A 110 24.68 -48.71 -4.27
C VAL A 110 23.32 -49.29 -4.57
N ARG A 111 22.27 -48.80 -3.89
CA ARG A 111 20.95 -49.40 -4.04
C ARG A 111 20.45 -49.31 -5.48
N ASP A 112 20.54 -48.13 -6.08
CA ASP A 112 20.12 -47.96 -7.47
C ASP A 112 20.96 -48.84 -8.38
N HIS A 113 22.26 -48.92 -8.13
CA HIS A 113 23.10 -49.79 -8.94
C HIS A 113 22.70 -51.25 -8.78
N THR A 114 22.19 -51.62 -7.61
CA THR A 114 21.70 -52.98 -7.41
C THR A 114 20.51 -53.28 -8.30
N VAL A 115 19.66 -52.29 -8.55
CA VAL A 115 18.50 -52.53 -9.41
C VAL A 115 18.83 -52.37 -10.88
N LYS A 116 19.86 -51.59 -11.22
CA LYS A 116 20.38 -51.62 -12.58
C LYS A 116 21.01 -52.96 -12.92
N GLU A 117 21.43 -53.72 -11.91
CA GLU A 117 22.06 -55.02 -12.11
C GLU A 117 21.05 -56.16 -12.17
N LYS A 118 19.80 -55.93 -11.79
CA LYS A 118 18.79 -56.97 -11.84
C LYS A 118 17.82 -56.80 -12.99
N LEU A 119 17.66 -55.57 -13.49
CA LEU A 119 16.65 -55.33 -14.51
C LEU A 119 17.07 -55.85 -15.88
N VAL A 120 18.38 -55.94 -16.14
CA VAL A 120 18.83 -56.44 -17.43
C VAL A 120 18.49 -57.91 -17.60
N GLU A 121 18.25 -58.64 -16.50
CA GLU A 121 17.76 -60.00 -16.61
C GLU A 121 16.40 -60.03 -17.29
N ARG A 122 15.44 -59.28 -16.75
CA ARG A 122 14.11 -59.19 -17.34
C ARG A 122 14.12 -58.53 -18.71
N GLY A 123 15.20 -57.83 -19.07
CA GLY A 123 15.27 -57.22 -20.37
C GLY A 123 14.43 -55.98 -20.54
N ILE A 124 14.25 -55.19 -19.48
CA ILE A 124 13.57 -53.91 -19.54
C ILE A 124 14.59 -52.82 -19.29
N SER A 125 14.76 -51.93 -20.25
CA SER A 125 15.82 -50.93 -20.17
C SER A 125 15.47 -49.88 -19.12
N VAL A 126 16.52 -49.26 -18.57
CA VAL A 126 16.39 -48.27 -17.52
C VAL A 126 17.11 -47.00 -17.95
N GLN A 127 16.71 -45.89 -17.37
CA GLN A 127 17.29 -44.59 -17.71
C GLN A 127 17.23 -43.69 -16.48
N SER A 128 18.38 -43.29 -15.98
CA SER A 128 18.50 -42.39 -14.85
C SER A 128 18.84 -40.99 -15.35
N TYR A 129 18.20 -39.98 -14.77
CA TYR A 129 18.28 -38.62 -15.27
C TYR A 129 18.78 -37.69 -14.18
N ASN A 130 19.43 -36.61 -14.61
CA ASN A 130 20.00 -35.61 -13.70
C ASN A 130 18.89 -34.65 -13.29
N GLY A 131 18.55 -34.64 -12.01
CA GLY A 131 17.46 -33.80 -11.56
C GLY A 131 17.73 -33.03 -10.29
N ASP A 132 19.00 -32.92 -9.89
CA ASP A 132 19.37 -32.24 -8.66
C ASP A 132 20.52 -31.24 -8.81
N LEU A 133 21.26 -31.26 -9.91
CA LEU A 133 22.49 -30.51 -10.02
C LEU A 133 22.58 -29.79 -11.35
N LEU A 134 23.36 -28.71 -11.36
CA LEU A 134 23.75 -28.10 -12.62
C LEU A 134 24.87 -28.89 -13.28
N TYR A 135 25.75 -29.48 -12.48
CA TYR A 135 26.93 -30.19 -12.97
C TYR A 135 27.00 -31.57 -12.30
N GLU A 136 26.44 -32.59 -12.96
CA GLU A 136 26.63 -33.96 -12.51
C GLU A 136 28.13 -34.27 -12.46
N PRO A 137 28.68 -34.58 -11.30
CA PRO A 137 30.14 -34.56 -11.19
C PRO A 137 30.77 -35.74 -11.91
N TRP A 138 30.80 -35.67 -13.22
CA TRP A 138 31.59 -36.57 -14.05
C TRP A 138 32.30 -35.74 -15.10
N GLU A 139 31.66 -34.65 -15.50
CA GLU A 139 32.16 -33.85 -16.62
C GLU A 139 33.20 -32.84 -16.15
N ILE A 140 33.13 -32.42 -14.89
CA ILE A 140 33.99 -31.37 -14.37
C ILE A 140 35.41 -31.85 -14.07
N TYR A 141 35.75 -33.08 -14.46
CA TYR A 141 37.13 -33.56 -14.41
C TYR A 141 38.07 -32.53 -15.03
N CYS A 142 38.96 -31.98 -14.20
CA CYS A 142 39.92 -30.98 -14.64
C CYS A 142 41.33 -31.55 -14.58
N GLU A 143 42.21 -30.97 -15.38
CA GLU A 143 43.61 -31.37 -15.51
C GLU A 143 43.75 -32.88 -15.69
N LYS A 144 42.85 -33.44 -16.51
CA LYS A 144 42.80 -34.85 -16.93
C LYS A 144 42.24 -35.78 -15.87
N GLY A 145 41.59 -35.28 -14.83
CA GLY A 145 40.98 -36.17 -13.86
C GLY A 145 41.48 -36.02 -12.44
N LYS A 146 41.93 -34.83 -12.08
CA LYS A 146 42.31 -34.52 -10.70
C LYS A 146 41.33 -33.49 -10.14
N PRO A 147 40.57 -33.82 -9.10
CA PRO A 147 39.57 -32.88 -8.59
C PRO A 147 40.24 -31.67 -7.94
N PHE A 148 39.42 -30.68 -7.62
CA PHE A 148 39.91 -29.47 -6.99
C PHE A 148 40.23 -29.74 -5.52
N THR A 149 40.64 -28.69 -4.82
CA THR A 149 40.93 -28.76 -3.39
C THR A 149 40.08 -27.80 -2.56
N SER A 150 39.94 -26.56 -2.99
CA SER A 150 39.09 -25.59 -2.33
C SER A 150 37.73 -25.57 -3.00
N PHE A 151 36.87 -24.67 -2.54
CA PHE A 151 35.58 -24.48 -3.20
C PHE A 151 35.73 -23.54 -4.40
N ASN A 152 36.37 -22.39 -4.19
CA ASN A 152 36.47 -21.38 -5.24
C ASN A 152 37.24 -21.88 -6.45
N SER A 153 38.19 -22.78 -6.25
CA SER A 153 38.77 -23.48 -7.38
C SER A 153 37.72 -24.30 -8.12
N TYR A 154 36.82 -24.93 -7.38
CA TYR A 154 35.75 -25.70 -8.01
C TYR A 154 34.69 -24.80 -8.61
N TRP A 155 34.43 -23.66 -7.98
CA TRP A 155 33.37 -22.77 -8.43
C TRP A 155 33.77 -21.95 -9.66
N LYS A 156 35.05 -21.98 -10.06
CA LYS A 156 35.50 -21.13 -11.15
C LYS A 156 35.46 -21.82 -12.50
N LYS A 157 35.92 -23.07 -12.58
CA LYS A 157 35.97 -23.77 -13.86
C LYS A 157 34.57 -23.94 -14.44
N CYS A 158 33.57 -24.15 -13.59
CA CYS A 158 32.20 -24.30 -14.07
C CYS A 158 31.70 -23.01 -14.71
N LEU A 159 32.19 -21.86 -14.23
CA LEU A 159 31.73 -20.59 -14.79
C LEU A 159 32.18 -20.42 -16.22
N ASP A 160 33.49 -20.48 -16.47
CA ASP A 160 34.00 -20.35 -17.83
C ASP A 160 33.48 -21.47 -18.72
N MET A 161 33.21 -22.63 -18.14
CA MET A 161 32.63 -23.77 -18.85
C MET A 161 31.14 -23.91 -18.55
N SER A 162 30.45 -22.77 -18.47
CA SER A 162 29.05 -22.77 -18.04
C SER A 162 28.14 -23.35 -19.12
N ILE A 163 28.29 -24.61 -19.41
CA ILE A 163 27.34 -25.36 -20.23
C ILE A 163 26.38 -26.08 -19.30
N GLU A 164 25.10 -26.06 -19.65
CA GLU A 164 24.06 -26.60 -18.80
C GLU A 164 23.20 -27.55 -19.60
N SER A 165 22.13 -28.02 -18.97
CA SER A 165 21.09 -28.77 -19.67
C SER A 165 19.92 -27.86 -19.96
N VAL A 166 18.95 -28.38 -20.70
CA VAL A 166 17.83 -27.61 -21.18
C VAL A 166 16.68 -27.74 -20.19
N MET A 167 16.19 -26.60 -19.71
CA MET A 167 15.03 -26.61 -18.83
C MET A 167 13.83 -27.15 -19.60
N LEU A 168 13.43 -28.39 -19.28
CA LEU A 168 12.42 -29.09 -20.05
C LEU A 168 11.02 -28.56 -19.75
N PRO A 169 10.13 -28.60 -20.72
CA PRO A 169 8.79 -28.04 -20.55
C PRO A 169 8.00 -28.83 -19.52
N PRO A 170 6.82 -28.36 -19.15
CA PRO A 170 5.94 -29.14 -18.30
C PRO A 170 5.08 -30.07 -19.12
N PRO A 171 4.51 -31.10 -18.50
CA PRO A 171 3.68 -32.06 -19.25
C PRO A 171 2.24 -31.57 -19.38
N TRP A 172 1.59 -32.05 -20.44
CA TRP A 172 0.21 -31.67 -20.72
C TRP A 172 -0.79 -32.77 -20.41
N ARG A 173 -0.46 -34.02 -20.72
CA ARG A 173 -1.39 -35.12 -20.54
C ARG A 173 -0.69 -36.32 -19.92
N LEU A 174 -1.42 -37.02 -19.05
CA LEU A 174 -0.90 -38.11 -18.26
C LEU A 174 -1.86 -39.30 -18.27
N MET A 175 -2.25 -39.74 -19.47
CA MET A 175 -3.15 -40.90 -19.59
C MET A 175 -2.57 -42.11 -18.88
N PRO A 176 -3.16 -42.51 -17.75
CA PRO A 176 -2.57 -43.58 -16.94
C PRO A 176 -3.01 -44.96 -17.38
N ILE A 177 -2.53 -45.98 -16.67
CA ILE A 177 -2.97 -47.34 -16.89
C ILE A 177 -2.99 -48.08 -15.56
N ALA A 181 -6.50 -54.88 -8.12
CA ALA A 181 -5.32 -55.59 -7.63
C ALA A 181 -4.66 -54.83 -6.49
N GLU A 182 -3.70 -55.47 -5.83
CA GLU A 182 -2.91 -54.87 -4.75
C GLU A 182 -1.44 -54.99 -5.14
N ALA A 183 -0.85 -53.88 -5.56
CA ALA A 183 0.61 -53.75 -5.59
C ALA A 183 1.09 -54.18 -4.22
N ILE A 184 1.87 -55.27 -4.18
CA ILE A 184 1.75 -56.30 -3.15
C ILE A 184 1.61 -55.73 -1.74
N TRP A 185 0.52 -56.10 -1.08
CA TRP A 185 0.14 -55.60 0.25
C TRP A 185 0.19 -54.07 0.29
N ALA A 186 -0.60 -53.48 -0.60
CA ALA A 186 -0.68 -52.02 -0.70
C ALA A 186 -1.08 -51.41 0.63
N CYS A 187 -0.37 -50.37 1.06
CA CYS A 187 -0.56 -49.77 2.36
C CYS A 187 -1.08 -48.35 2.22
N SER A 188 -1.83 -47.91 3.23
CA SER A 188 -2.40 -46.57 3.23
C SER A 188 -1.31 -45.55 3.54
N ILE A 189 -1.71 -44.30 3.75
CA ILE A 189 -0.74 -43.25 4.02
C ILE A 189 -0.21 -43.34 5.45
N GLU A 190 -1.07 -43.64 6.41
CA GLU A 190 -0.68 -43.60 7.81
C GLU A 190 -0.04 -44.90 8.31
N GLU A 191 -0.32 -46.03 7.68
CA GLU A 191 0.46 -47.22 7.96
C GLU A 191 1.91 -47.01 7.58
N LEU A 192 2.16 -46.17 6.58
CA LEU A 192 3.51 -45.74 6.25
C LEU A 192 3.99 -44.76 7.31
N GLY A 193 4.32 -45.28 8.49
CA GLY A 193 4.55 -44.45 9.64
C GLY A 193 5.66 -43.43 9.50
N LEU A 194 5.28 -42.16 9.37
CA LEU A 194 6.21 -41.05 9.45
C LEU A 194 6.19 -40.39 10.81
N GLU A 195 5.15 -40.63 11.59
CA GLU A 195 5.04 -40.13 12.96
C GLU A 195 4.77 -41.30 13.88
N ASN A 196 4.95 -41.06 15.17
CA ASN A 196 4.44 -41.96 16.19
C ASN A 196 3.16 -41.39 16.78
N GLU A 197 2.56 -42.16 17.68
CA GLU A 197 1.29 -41.73 18.26
C GLU A 197 1.47 -40.50 19.13
N ALA A 198 2.50 -40.49 19.97
CA ALA A 198 2.68 -39.41 20.94
C ALA A 198 2.97 -38.09 20.26
N GLU A 199 3.95 -38.08 19.35
CA GLU A 199 4.46 -36.84 18.78
C GLU A 199 3.53 -36.20 17.75
N LYS A 200 2.29 -36.69 17.63
CA LYS A 200 1.38 -36.10 16.65
C LYS A 200 1.03 -34.65 16.98
N PRO A 201 0.43 -34.34 18.13
CA PRO A 201 0.00 -32.96 18.37
C PRO A 201 1.15 -31.99 18.49
N SER A 202 2.30 -32.43 19.01
CA SER A 202 3.45 -31.53 19.14
C SER A 202 3.93 -31.05 17.79
N ASN A 203 3.68 -31.82 16.73
CA ASN A 203 4.01 -31.38 15.38
C ASN A 203 3.03 -30.34 14.85
N ALA A 204 1.99 -30.01 15.62
CA ALA A 204 1.01 -29.04 15.15
C ALA A 204 1.62 -27.65 15.00
N LEU A 205 2.34 -27.18 16.01
CA LEU A 205 2.81 -25.80 16.01
C LEU A 205 3.83 -25.52 14.92
N LEU A 206 4.49 -26.55 14.38
CA LEU A 206 5.50 -26.33 13.35
C LEU A 206 4.91 -25.76 12.07
N THR A 207 3.60 -25.88 11.86
CA THR A 207 2.98 -25.30 10.68
C THR A 207 3.14 -23.80 10.65
N ARG A 208 3.22 -23.16 11.82
CA ARG A 208 3.40 -21.71 11.86
C ARG A 208 4.68 -21.28 11.16
N ALA A 209 5.70 -22.14 11.16
CA ALA A 209 6.96 -21.80 10.53
C ALA A 209 6.99 -22.10 9.05
N TRP A 210 6.30 -23.15 8.60
CA TRP A 210 6.46 -23.60 7.22
C TRP A 210 5.12 -24.08 6.66
N SER A 211 5.12 -24.30 5.34
CA SER A 211 3.95 -24.82 4.65
C SER A 211 4.44 -25.58 3.42
N PRO A 212 4.61 -26.89 3.55
CA PRO A 212 5.23 -27.66 2.46
C PRO A 212 4.36 -27.69 1.22
N GLY A 213 4.93 -28.26 0.16
CA GLY A 213 4.25 -28.41 -1.13
C GLY A 213 4.96 -27.64 -2.21
N TRP A 214 5.14 -28.29 -3.37
CA TRP A 214 5.85 -27.65 -4.46
C TRP A 214 5.11 -26.42 -4.97
N SER A 215 3.80 -26.37 -4.81
CA SER A 215 3.04 -25.22 -5.29
C SER A 215 3.35 -23.96 -4.51
N ASN A 216 4.02 -24.06 -3.36
CA ASN A 216 4.42 -22.89 -2.61
C ASN A 216 5.86 -22.47 -2.87
N ALA A 217 6.70 -23.39 -3.34
CA ALA A 217 8.11 -23.08 -3.54
C ALA A 217 8.29 -21.93 -4.52
N ASP A 218 7.47 -21.92 -5.57
CA ASP A 218 7.58 -20.85 -6.57
C ASP A 218 7.30 -19.48 -5.95
N LYS A 219 6.29 -19.40 -5.07
CA LYS A 219 5.95 -18.12 -4.46
C LYS A 219 7.12 -17.57 -3.67
N LEU A 220 7.70 -18.39 -2.78
CA LEU A 220 8.89 -17.96 -2.07
C LEU A 220 10.04 -17.69 -3.02
N LEU A 221 10.06 -18.33 -4.18
CA LEU A 221 11.09 -18.06 -5.16
C LEU A 221 10.87 -16.70 -5.82
N ASN A 222 9.72 -16.52 -6.46
CA ASN A 222 9.48 -15.28 -7.19
C ASN A 222 9.40 -14.09 -6.25
N GLU A 223 8.79 -14.29 -5.08
CA GLU A 223 8.75 -13.20 -4.10
C GLU A 223 10.15 -12.81 -3.66
N PHE A 224 11.04 -13.78 -3.47
CA PHE A 224 12.38 -13.49 -3.00
C PHE A 224 13.22 -12.82 -4.08
N ILE A 225 13.07 -13.24 -5.33
CA ILE A 225 13.95 -12.76 -6.39
C ILE A 225 13.69 -11.30 -6.70
N GLU A 226 12.42 -10.88 -6.67
CA GLU A 226 12.07 -9.53 -7.07
C GLU A 226 11.83 -8.59 -5.91
N LYS A 227 12.03 -9.05 -4.67
CA LYS A 227 11.75 -8.19 -3.52
C LYS A 227 12.97 -8.00 -2.62
N GLN A 228 13.74 -9.04 -2.36
CA GLN A 228 14.80 -8.97 -1.37
C GLN A 228 16.18 -9.33 -1.89
N LEU A 229 16.29 -9.85 -3.12
CA LEU A 229 17.61 -10.27 -3.61
C LEU A 229 18.59 -9.12 -3.68
N ILE A 230 18.10 -7.87 -3.79
CA ILE A 230 19.00 -6.73 -3.75
C ILE A 230 19.69 -6.64 -2.39
N ASP A 231 19.00 -7.06 -1.33
CA ASP A 231 19.50 -6.87 0.03
C ASP A 231 20.14 -8.11 0.62
N TYR A 232 20.36 -9.15 -0.19
CA TYR A 232 21.04 -10.34 0.34
C TYR A 232 22.49 -10.05 0.67
N ALA A 233 23.14 -9.17 -0.09
CA ALA A 233 24.54 -8.86 0.17
C ALA A 233 24.70 -8.14 1.50
N LYS A 234 23.71 -7.38 1.93
CA LYS A 234 23.80 -6.59 3.15
C LYS A 234 23.03 -7.19 4.31
N ASN A 235 22.16 -8.18 4.07
CA ASN A 235 21.39 -8.80 5.13
C ASN A 235 21.94 -10.16 5.55
N SER A 236 22.78 -10.78 4.73
CA SER A 236 23.18 -12.16 4.97
C SER A 236 23.98 -12.34 6.26
N LYS A 237 24.62 -11.28 6.75
CA LYS A 237 25.39 -11.37 7.99
C LYS A 237 24.63 -10.70 9.14
N LYS A 238 23.31 -10.86 9.16
CA LYS A 238 22.46 -10.34 10.21
C LYS A 238 21.56 -11.44 10.72
N VAL A 239 21.78 -11.86 11.97
CA VAL A 239 20.93 -12.89 12.57
C VAL A 239 19.50 -12.39 12.73
N VAL A 240 19.33 -11.08 12.87
CA VAL A 240 18.01 -10.52 13.17
C VAL A 240 17.08 -10.73 11.99
N GLY A 241 15.78 -10.79 12.29
CA GLY A 241 14.73 -10.79 11.31
C GLY A 241 14.83 -11.90 10.28
N ASN A 242 14.10 -11.67 9.18
CA ASN A 242 14.12 -12.57 8.03
C ASN A 242 14.98 -11.92 6.95
N SER A 243 16.30 -12.10 7.09
CA SER A 243 17.26 -11.59 6.13
C SER A 243 17.86 -12.69 5.27
N THR A 244 17.22 -13.84 5.20
CA THR A 244 17.75 -14.97 4.46
C THR A 244 16.63 -15.59 3.62
N SER A 245 17.04 -16.35 2.61
CA SER A 245 16.07 -16.91 1.66
C SER A 245 15.09 -17.85 2.32
N LEU A 246 15.54 -18.65 3.27
CA LEU A 246 14.70 -19.65 3.91
C LEU A 246 14.21 -20.68 2.89
N LEU A 247 15.02 -20.93 1.87
CA LEU A 247 14.69 -21.86 0.80
C LEU A 247 15.35 -23.21 1.00
N SER A 248 15.98 -23.45 2.15
CA SER A 248 16.73 -24.69 2.33
C SER A 248 15.85 -25.92 2.24
N PRO A 249 14.78 -26.05 3.02
CA PRO A 249 13.96 -27.28 2.94
C PRO A 249 13.35 -27.49 1.57
N TYR A 250 12.71 -26.47 1.01
CA TYR A 250 12.09 -26.58 -0.31
C TYR A 250 13.08 -27.07 -1.36
N LEU A 251 14.35 -26.73 -1.22
CA LEU A 251 15.35 -27.22 -2.16
C LEU A 251 15.74 -28.66 -1.86
N HIS A 252 15.67 -29.07 -0.60
CA HIS A 252 16.21 -30.38 -0.24
C HIS A 252 15.41 -31.50 -0.87
N PHE A 253 14.09 -31.46 -0.71
CA PHE A 253 13.26 -32.59 -1.11
C PHE A 253 12.90 -32.57 -2.58
N GLY A 254 13.68 -31.87 -3.40
CA GLY A 254 13.36 -31.80 -4.82
C GLY A 254 12.04 -31.13 -5.10
N GLU A 255 11.53 -30.34 -4.18
CA GLU A 255 10.25 -29.68 -4.41
C GLU A 255 10.38 -28.50 -5.35
N ILE A 256 11.60 -28.08 -5.65
CA ILE A 256 11.83 -27.05 -6.65
C ILE A 256 13.12 -27.39 -7.41
N SER A 257 13.06 -27.33 -8.73
CA SER A 257 14.22 -27.67 -9.54
C SER A 257 15.34 -26.67 -9.27
N VAL A 258 16.48 -27.18 -8.79
CA VAL A 258 17.56 -26.30 -8.37
C VAL A 258 18.10 -25.47 -9.52
N ARG A 259 17.98 -25.94 -10.76
CA ARG A 259 18.53 -25.18 -11.87
C ARG A 259 17.65 -24.00 -12.25
N HIS A 260 16.33 -24.15 -12.11
CA HIS A 260 15.45 -23.03 -12.40
C HIS A 260 15.72 -21.87 -11.47
N VAL A 261 16.05 -22.17 -10.21
CA VAL A 261 16.41 -21.11 -9.27
C VAL A 261 17.64 -20.37 -9.76
N PHE A 262 18.62 -21.09 -10.29
CA PHE A 262 19.78 -20.44 -10.86
C PHE A 262 19.41 -19.62 -12.10
N GLN A 263 18.32 -19.97 -12.78
CA GLN A 263 17.99 -19.28 -14.02
C GLN A 263 17.52 -17.85 -13.76
N CYS A 264 16.39 -17.71 -13.06
CA CYS A 264 15.85 -16.38 -12.81
C CYS A 264 16.81 -15.52 -12.02
N ALA A 265 17.62 -16.13 -11.15
CA ALA A 265 18.63 -15.38 -10.42
C ALA A 265 19.62 -14.73 -11.39
N ARG A 266 20.18 -15.53 -12.30
CA ARG A 266 21.10 -14.96 -13.28
C ARG A 266 20.42 -13.96 -14.19
N MET A 267 19.11 -14.08 -14.40
CA MET A 267 18.42 -13.14 -15.27
C MET A 267 18.43 -11.74 -14.67
N LYS A 268 17.96 -11.60 -13.43
CA LYS A 268 18.00 -10.31 -12.78
C LYS A 268 19.43 -9.83 -12.57
N GLN A 269 20.38 -10.75 -12.47
CA GLN A 269 21.78 -10.37 -12.33
C GLN A 269 22.23 -9.52 -13.51
N ILE A 270 22.09 -10.05 -14.72
CA ILE A 270 22.49 -9.30 -15.91
C ILE A 270 21.62 -8.06 -16.08
N ILE A 271 20.38 -8.09 -15.61
CA ILE A 271 19.51 -6.92 -15.71
C ILE A 271 20.12 -5.75 -14.95
N TRP A 272 20.63 -6.02 -13.75
CA TRP A 272 21.24 -4.95 -12.98
C TRP A 272 22.57 -4.52 -13.56
N ALA A 273 23.21 -5.38 -14.37
CA ALA A 273 24.42 -4.95 -15.04
C ALA A 273 24.14 -3.91 -16.11
N ARG A 274 22.96 -3.97 -16.73
CA ARG A 274 22.58 -2.95 -17.69
C ARG A 274 22.48 -1.58 -17.03
N ASP A 275 21.64 -1.47 -16.00
CA ASP A 275 21.39 -0.20 -15.31
C ASP A 275 22.52 0.20 -14.39
N LYS A 276 23.65 -0.52 -14.40
CA LYS A 276 24.84 -0.15 -13.63
C LYS A 276 24.58 -0.14 -12.12
N ASN A 277 23.56 -0.85 -11.65
CA ASN A 277 23.27 -0.93 -10.22
C ASN A 277 24.34 -1.81 -9.58
N SER A 278 25.51 -1.21 -9.34
CA SER A 278 26.65 -1.97 -8.85
C SER A 278 26.38 -2.58 -7.48
N GLU A 279 25.53 -1.95 -6.67
CA GLU A 279 25.21 -2.51 -5.36
C GLU A 279 24.49 -3.84 -5.50
N GLY A 280 23.55 -3.94 -6.43
CA GLY A 280 22.85 -5.19 -6.62
C GLY A 280 23.75 -6.28 -7.16
N GLU A 281 24.63 -5.94 -8.09
CA GLU A 281 25.42 -6.94 -8.80
C GLU A 281 26.32 -7.73 -7.86
N GLU A 282 26.70 -7.15 -6.74
CA GLU A 282 27.35 -7.92 -5.69
C GLU A 282 26.35 -8.66 -4.82
N SER A 283 25.13 -8.13 -4.69
CA SER A 283 24.10 -8.86 -3.97
C SER A 283 23.73 -10.16 -4.69
N ALA A 284 23.82 -10.15 -6.01
CA ALA A 284 23.47 -11.34 -6.78
C ALA A 284 24.58 -12.38 -6.72
N ASP A 285 25.79 -11.99 -7.11
CA ASP A 285 26.90 -12.94 -7.19
C ASP A 285 27.19 -13.59 -5.86
N LEU A 286 26.91 -12.89 -4.76
CA LEU A 286 27.03 -13.54 -3.46
C LEU A 286 25.98 -14.62 -3.29
N PHE A 287 24.75 -14.37 -3.75
CA PHE A 287 23.66 -15.30 -3.51
C PHE A 287 23.86 -16.61 -4.27
N LEU A 288 24.12 -16.52 -5.59
CA LEU A 288 24.39 -17.73 -6.36
C LEU A 288 25.58 -18.49 -5.82
N ARG A 289 26.49 -17.82 -5.12
CA ARG A 289 27.48 -18.54 -4.33
C ARG A 289 26.81 -19.36 -3.23
N GLY A 290 25.70 -18.87 -2.68
CA GLY A 290 24.99 -19.61 -1.65
C GLY A 290 24.46 -20.94 -2.15
N ILE A 291 23.83 -20.94 -3.33
CA ILE A 291 23.53 -22.21 -3.97
C ILE A 291 24.82 -22.92 -4.35
N GLY A 292 25.88 -22.16 -4.63
CA GLY A 292 27.12 -22.69 -5.15
C GLY A 292 27.77 -23.75 -4.29
N LEU A 293 28.10 -23.39 -3.05
CA LEU A 293 28.79 -24.33 -2.17
C LEU A 293 28.00 -25.61 -1.95
N ARG A 294 26.68 -25.56 -2.11
CA ARG A 294 25.89 -26.78 -2.12
C ARG A 294 26.43 -27.78 -3.13
N GLU A 295 26.72 -27.30 -4.34
CA GLU A 295 27.25 -28.18 -5.37
C GLU A 295 28.59 -28.77 -4.97
N TYR A 296 29.40 -28.02 -4.21
CA TYR A 296 30.66 -28.57 -3.75
C TYR A 296 30.45 -29.73 -2.78
N SER A 297 29.31 -29.77 -2.08
CA SER A 297 29.02 -30.88 -1.19
C SER A 297 29.00 -32.19 -1.95
N ARG A 298 28.09 -32.31 -2.92
CA ARG A 298 28.03 -33.51 -3.72
C ARG A 298 29.29 -33.76 -4.53
N TYR A 299 30.11 -32.73 -4.76
CA TYR A 299 31.31 -32.93 -5.55
C TYR A 299 32.37 -33.71 -4.77
N ILE A 300 32.47 -33.48 -3.47
CA ILE A 300 33.39 -34.28 -2.68
C ILE A 300 32.76 -35.60 -2.32
N CYS A 301 31.44 -35.65 -2.16
CA CYS A 301 30.79 -36.90 -1.77
C CYS A 301 30.84 -37.92 -2.88
N PHE A 302 31.03 -37.50 -4.14
CA PHE A 302 31.14 -38.45 -5.23
C PHE A 302 32.57 -38.96 -5.38
N ASN A 303 33.52 -38.04 -5.63
CA ASN A 303 34.89 -38.44 -5.93
C ASN A 303 35.53 -39.18 -4.77
N PHE A 304 35.06 -38.94 -3.55
CA PHE A 304 35.35 -39.80 -2.42
C PHE A 304 34.05 -40.05 -1.69
N PRO A 305 33.87 -41.24 -1.10
CA PRO A 305 32.78 -41.41 -0.14
C PRO A 305 32.97 -40.45 1.03
N PHE A 306 31.87 -40.16 1.72
CA PHE A 306 31.90 -39.15 2.77
C PHE A 306 32.87 -39.55 3.88
N THR A 307 33.76 -38.61 4.22
CA THR A 307 34.91 -38.87 5.09
C THR A 307 35.83 -39.94 4.52
N HIS A 308 35.74 -40.16 3.22
CA HIS A 308 36.49 -41.11 2.41
C HIS A 308 36.12 -42.57 2.67
N GLU A 309 35.44 -42.88 3.79
CA GLU A 309 34.82 -44.19 3.90
C GLU A 309 33.49 -44.22 4.66
N GLN A 310 33.37 -43.42 5.72
CA GLN A 310 32.38 -43.67 6.76
C GLN A 310 31.94 -42.35 7.37
N SER A 311 31.27 -42.42 8.52
CA SER A 311 30.66 -41.22 9.11
C SER A 311 31.70 -40.21 9.56
N LEU A 312 32.86 -40.68 10.02
CA LEU A 312 33.95 -39.82 10.45
C LEU A 312 35.18 -40.14 9.62
N LEU A 313 36.04 -39.15 9.40
CA LEU A 313 37.13 -39.29 8.45
C LEU A 313 38.10 -40.39 8.84
N SER A 314 38.95 -40.13 9.83
CA SER A 314 39.64 -41.19 10.53
C SER A 314 40.01 -40.84 11.97
N HIS A 315 39.68 -39.65 12.47
CA HIS A 315 40.41 -39.07 13.59
C HIS A 315 39.66 -39.18 14.92
N LEU A 316 38.46 -38.59 15.00
CA LEU A 316 37.85 -38.32 16.31
C LEU A 316 37.32 -39.60 16.97
N ARG A 317 38.27 -40.49 17.27
CA ARG A 317 38.08 -41.58 18.21
C ARG A 317 39.03 -41.48 19.39
N PHE A 318 40.23 -40.95 19.19
CA PHE A 318 41.09 -40.45 20.24
C PHE A 318 40.59 -39.07 20.65
N PHE A 319 41.40 -38.30 21.38
CA PHE A 319 41.00 -36.95 21.77
C PHE A 319 39.78 -37.04 22.66
N PRO A 320 39.93 -37.56 23.89
CA PRO A 320 38.79 -38.03 24.66
C PRO A 320 37.74 -36.98 24.93
N TRP A 321 36.56 -37.44 25.35
CA TRP A 321 35.41 -36.60 25.54
C TRP A 321 35.16 -36.37 27.03
N ASP A 322 34.31 -35.38 27.31
CA ASP A 322 33.73 -35.22 28.64
C ASP A 322 32.53 -36.16 28.70
N ALA A 323 32.80 -37.41 29.05
CA ALA A 323 31.76 -38.43 29.05
C ALA A 323 30.77 -38.11 30.16
N ASP A 324 29.64 -37.53 29.79
CA ASP A 324 28.60 -37.19 30.75
C ASP A 324 27.38 -36.68 29.99
N VAL A 325 26.22 -36.77 30.62
CA VAL A 325 24.98 -36.36 30.00
C VAL A 325 24.37 -35.12 30.67
N ASP A 326 24.62 -34.91 31.95
CA ASP A 326 24.07 -33.72 32.62
C ASP A 326 24.62 -32.44 32.01
N LYS A 327 25.84 -32.47 31.49
CA LYS A 327 26.31 -31.37 30.66
C LYS A 327 25.46 -31.29 29.39
N PHE A 328 25.42 -32.37 28.61
CA PHE A 328 24.63 -32.39 27.39
C PHE A 328 23.15 -32.17 27.67
N LYS A 329 22.66 -32.68 28.80
CA LYS A 329 21.26 -32.48 29.15
C LYS A 329 20.91 -31.00 29.29
N ALA A 330 21.90 -30.15 29.53
CA ALA A 330 21.65 -28.72 29.56
C ALA A 330 21.38 -28.18 28.16
N TRP A 331 22.06 -28.74 27.15
CA TRP A 331 22.16 -28.07 25.85
C TRP A 331 20.79 -27.86 25.22
N ARG A 332 20.05 -28.94 24.95
CA ARG A 332 18.72 -28.77 24.42
C ARG A 332 17.80 -28.06 25.40
N GLN A 333 18.14 -28.08 26.69
CA GLN A 333 17.40 -27.31 27.67
C GLN A 333 17.71 -25.83 27.60
N GLY A 334 18.75 -25.44 26.87
CA GLY A 334 19.07 -24.04 26.71
C GLY A 334 19.38 -23.30 27.99
N ARG A 335 20.25 -23.87 28.81
CA ARG A 335 20.71 -23.21 30.03
C ARG A 335 22.23 -23.15 30.04
N THR A 336 22.83 -22.85 28.89
CA THR A 336 24.28 -22.75 28.80
C THR A 336 24.81 -21.39 29.22
N GLY A 337 24.01 -20.58 29.89
CA GLY A 337 24.49 -19.30 30.38
C GLY A 337 24.60 -18.23 29.32
N TYR A 338 25.38 -18.48 28.27
CA TYR A 338 25.53 -17.50 27.20
C TYR A 338 24.21 -17.36 26.47
N PRO A 339 23.56 -16.20 26.51
CA PRO A 339 22.31 -16.03 25.78
C PRO A 339 22.44 -16.21 24.28
N LEU A 340 23.64 -16.05 23.72
CA LEU A 340 23.77 -16.27 22.28
C LEU A 340 23.62 -17.74 21.92
N VAL A 341 23.88 -18.64 22.86
CA VAL A 341 23.63 -20.06 22.64
C VAL A 341 22.21 -20.44 23.03
N ASP A 342 21.80 -20.07 24.26
CA ASP A 342 20.46 -20.40 24.71
C ASP A 342 19.39 -19.71 23.89
N ALA A 343 19.74 -18.65 23.16
CA ALA A 343 18.83 -18.16 22.13
C ALA A 343 18.79 -19.10 20.94
N GLY A 344 19.76 -19.99 20.81
CA GLY A 344 19.75 -20.96 19.74
C GLY A 344 18.75 -22.07 19.96
N MET A 345 18.93 -22.85 21.02
CA MET A 345 18.11 -24.04 21.22
C MET A 345 16.64 -23.68 21.42
N ARG A 346 16.37 -22.57 22.08
CA ARG A 346 14.98 -22.14 22.27
C ARG A 346 14.30 -21.89 20.93
N GLU A 347 15.06 -21.52 19.92
CA GLU A 347 14.50 -21.35 18.58
C GLU A 347 14.50 -22.68 17.83
N LEU A 348 15.67 -23.33 17.75
CA LEU A 348 15.78 -24.59 17.03
C LEU A 348 14.81 -25.63 17.55
N TRP A 349 14.54 -25.61 18.85
CA TRP A 349 13.51 -26.50 19.38
C TRP A 349 12.12 -26.07 18.95
N ALA A 350 11.92 -24.77 18.68
CA ALA A 350 10.60 -24.24 18.47
C ALA A 350 10.32 -23.83 17.03
N THR A 351 11.29 -23.96 16.14
CA THR A 351 11.05 -23.68 14.73
C THR A 351 11.63 -24.70 13.78
N GLY A 352 12.57 -25.55 14.21
CA GLY A 352 13.20 -26.48 13.31
C GLY A 352 14.17 -25.86 12.34
N TRP A 353 14.61 -24.63 12.57
CA TRP A 353 15.51 -23.97 11.64
C TRP A 353 16.28 -22.88 12.35
N MET A 354 17.55 -22.74 11.99
CA MET A 354 18.41 -21.70 12.55
C MET A 354 19.25 -21.10 11.45
N HIS A 355 19.52 -19.80 11.57
CA HIS A 355 20.40 -19.14 10.64
C HIS A 355 21.79 -19.78 10.68
N ASN A 356 22.53 -19.62 9.59
CA ASN A 356 23.83 -20.26 9.48
C ASN A 356 24.77 -19.81 10.58
N ARG A 357 24.92 -18.49 10.76
CA ARG A 357 25.93 -17.97 11.68
C ARG A 357 25.67 -18.40 13.11
N ILE A 358 24.41 -18.39 13.56
CA ILE A 358 24.12 -18.97 14.86
C ILE A 358 24.41 -20.46 14.86
N ARG A 359 24.20 -21.12 13.72
CA ARG A 359 24.41 -22.56 13.67
C ARG A 359 25.87 -22.93 13.88
N VAL A 360 26.79 -22.09 13.42
CA VAL A 360 28.20 -22.38 13.63
C VAL A 360 28.62 -22.00 15.05
N ILE A 361 27.97 -20.99 15.65
CA ILE A 361 28.32 -20.61 17.00
C ILE A 361 27.71 -21.55 18.02
N VAL A 362 26.67 -22.29 17.65
CA VAL A 362 26.14 -23.33 18.52
C VAL A 362 26.82 -24.65 18.25
N SER A 363 27.09 -24.96 16.98
CA SER A 363 27.80 -26.19 16.64
C SER A 363 29.20 -26.19 17.20
N SER A 364 29.94 -25.10 16.99
CA SER A 364 31.32 -25.02 17.47
C SER A 364 31.38 -25.11 18.99
N PHE A 365 30.30 -24.79 19.68
CA PHE A 365 30.37 -24.73 21.13
C PHE A 365 30.53 -26.09 21.77
N ALA A 366 29.76 -27.09 21.32
CA ALA A 366 29.68 -28.35 22.05
C ALA A 366 31.00 -29.10 22.02
N VAL A 367 31.82 -28.88 21.00
CA VAL A 367 33.10 -29.55 20.88
C VAL A 367 34.24 -28.72 21.46
N LYS A 368 34.15 -27.40 21.37
CA LYS A 368 35.29 -26.58 21.76
C LYS A 368 35.16 -26.01 23.16
N PHE A 369 33.96 -25.87 23.70
CA PHE A 369 33.79 -25.42 25.07
C PHE A 369 33.16 -26.47 25.96
N LEU A 370 31.97 -26.97 25.62
CA LEU A 370 31.38 -28.03 26.41
C LEU A 370 32.22 -29.30 26.32
N LEU A 371 32.80 -29.58 25.15
CA LEU A 371 33.63 -30.77 24.93
C LEU A 371 32.80 -32.04 25.11
N LEU A 372 31.81 -32.19 24.25
CA LEU A 372 31.04 -33.42 24.12
C LEU A 372 31.57 -34.25 22.96
N PRO A 373 31.09 -35.48 22.80
CA PRO A 373 31.48 -36.26 21.61
C PRO A 373 30.88 -35.63 20.37
N ALA A 374 31.74 -35.36 19.37
CA ALA A 374 31.33 -34.60 18.19
C ALA A 374 30.16 -35.26 17.48
N LYS A 375 30.25 -36.56 17.23
CA LYS A 375 29.12 -37.27 16.65
C LYS A 375 27.92 -37.27 17.60
N TRP A 376 28.18 -37.23 18.92
CA TRP A 376 27.10 -37.27 19.89
C TRP A 376 26.17 -36.07 19.77
N GLY A 377 26.63 -34.97 19.19
CA GLY A 377 25.78 -33.81 19.00
C GLY A 377 25.22 -33.75 17.59
N MET A 378 26.00 -34.22 16.62
CA MET A 378 25.54 -34.23 15.24
C MET A 378 24.27 -35.05 15.08
N LYS A 379 24.22 -36.21 15.76
CA LYS A 379 23.05 -37.08 15.65
C LYS A 379 21.78 -36.36 16.07
N TYR A 380 21.86 -35.57 17.14
CA TYR A 380 20.67 -34.87 17.62
C TYR A 380 20.16 -33.88 16.57
N PHE A 381 21.07 -33.23 15.84
CA PHE A 381 20.63 -32.32 14.79
C PHE A 381 19.80 -33.05 13.75
N TRP A 382 20.14 -34.30 13.46
CA TRP A 382 19.34 -35.09 12.52
C TRP A 382 17.93 -35.28 13.02
N ASP A 383 17.70 -35.16 14.32
CA ASP A 383 16.38 -35.38 14.89
C ASP A 383 15.48 -34.15 14.85
N THR A 384 16.05 -32.95 14.77
CA THR A 384 15.24 -31.75 14.93
C THR A 384 15.44 -30.68 13.88
N LEU A 385 16.50 -30.71 13.10
CA LEU A 385 16.66 -29.74 12.03
C LEU A 385 15.87 -30.21 10.81
N LEU A 386 15.02 -29.33 10.28
CA LEU A 386 14.12 -29.69 9.19
C LEU A 386 14.83 -29.97 7.87
N ASP A 387 16.15 -29.89 7.83
CA ASP A 387 16.92 -30.03 6.60
C ASP A 387 17.99 -31.10 6.74
N ALA A 388 17.64 -32.22 7.37
CA ALA A 388 18.60 -33.28 7.68
C ALA A 388 19.15 -33.85 6.38
N ASP A 389 20.44 -33.63 6.14
CA ASP A 389 21.10 -34.08 4.92
C ASP A 389 22.54 -34.44 5.25
N LEU A 390 22.89 -35.71 5.06
CA LEU A 390 24.24 -36.15 5.32
C LEU A 390 25.24 -35.38 4.47
N GLU A 391 24.97 -35.24 3.17
CA GLU A 391 25.90 -34.59 2.26
C GLU A 391 26.07 -33.10 2.53
N CYS A 392 25.26 -32.51 3.40
CA CYS A 392 25.47 -31.13 3.84
C CYS A 392 25.75 -31.02 5.33
N ASP A 393 25.17 -31.88 6.15
CA ASP A 393 25.44 -31.81 7.58
C ASP A 393 26.89 -32.18 7.88
N ILE A 394 27.42 -33.19 7.21
CA ILE A 394 28.81 -33.54 7.40
C ILE A 394 29.75 -32.47 6.85
N LEU A 395 29.29 -31.67 5.89
CA LEU A 395 30.13 -30.62 5.32
C LEU A 395 30.51 -29.59 6.38
N GLY A 396 29.51 -28.97 7.00
CA GLY A 396 29.80 -27.93 7.97
C GLY A 396 30.53 -28.46 9.19
N TRP A 397 30.09 -29.60 9.72
CA TRP A 397 30.80 -30.23 10.84
C TRP A 397 32.26 -30.50 10.47
N GLN A 398 32.53 -30.81 9.21
CA GLN A 398 33.90 -30.84 8.75
C GLN A 398 34.44 -29.46 8.43
N TYR A 399 33.60 -28.44 8.40
CA TYR A 399 34.11 -27.08 8.22
C TYR A 399 34.70 -26.53 9.51
N ILE A 400 34.07 -26.82 10.65
CA ILE A 400 34.59 -26.31 11.91
C ILE A 400 35.95 -26.92 12.22
N SER A 401 36.06 -28.24 12.17
CA SER A 401 37.28 -28.93 12.58
C SER A 401 38.30 -28.95 11.46
N ASP A 414 37.80 -16.65 19.07
CA ASP A 414 36.49 -16.01 19.10
C ASP A 414 36.13 -15.59 20.52
N ASN A 415 35.00 -14.88 20.65
CA ASN A 415 34.55 -14.31 21.91
C ASN A 415 33.07 -14.05 21.81
N PRO A 416 32.27 -14.51 22.79
CA PRO A 416 30.81 -14.28 22.72
C PRO A 416 30.41 -12.82 22.58
N ALA A 417 31.29 -11.89 22.95
CA ALA A 417 31.08 -10.48 22.65
C ALA A 417 31.76 -10.06 21.36
N LEU A 418 33.00 -10.48 21.14
CA LEU A 418 33.75 -10.04 19.97
C LEU A 418 33.13 -10.51 18.67
N GLN A 419 32.39 -11.62 18.68
CA GLN A 419 31.67 -12.08 17.49
C GLN A 419 30.20 -11.73 17.52
N GLY A 420 29.60 -11.63 18.70
CA GLY A 420 28.20 -11.25 18.78
C GLY A 420 27.92 -9.84 18.32
N ALA A 421 28.95 -8.99 18.25
CA ALA A 421 28.73 -7.61 17.87
C ALA A 421 28.36 -7.47 16.39
N LYS A 422 28.94 -8.30 15.54
CA LYS A 422 28.67 -8.17 14.10
C LYS A 422 27.25 -8.59 13.77
N TYR A 423 26.77 -9.69 14.36
CA TYR A 423 25.50 -10.30 14.00
C TYR A 423 24.37 -9.94 14.96
N ASP A 424 24.58 -8.97 15.84
CA ASP A 424 23.54 -8.59 16.78
C ASP A 424 23.87 -7.22 17.37
N PRO A 425 23.72 -6.14 16.61
CA PRO A 425 24.23 -4.85 17.10
C PRO A 425 23.42 -4.27 18.24
N GLU A 426 22.11 -4.49 18.26
CA GLU A 426 21.27 -3.98 19.33
C GLU A 426 20.84 -5.07 20.30
N GLY A 427 21.09 -6.34 19.99
CA GLY A 427 20.70 -7.42 20.85
C GLY A 427 19.23 -7.75 20.82
N GLU A 428 18.42 -6.96 20.11
CA GLU A 428 16.98 -7.17 20.04
C GLU A 428 16.62 -8.58 19.58
N TYR A 429 17.49 -9.24 18.83
CA TYR A 429 17.29 -10.67 18.59
C TYR A 429 17.26 -11.46 19.89
N ILE A 430 18.03 -11.03 20.88
CA ILE A 430 18.04 -11.74 22.15
C ILE A 430 16.84 -11.34 23.00
N ARG A 431 16.42 -10.08 22.93
CA ARG A 431 15.25 -9.62 23.66
C ARG A 431 13.95 -10.05 22.99
N GLN A 432 14.02 -10.75 21.87
CA GLN A 432 12.86 -11.35 21.24
C GLN A 432 12.70 -12.82 21.61
N TRP A 433 13.80 -13.50 21.90
CA TRP A 433 13.79 -14.91 22.23
C TRP A 433 14.08 -15.17 23.70
N LEU A 434 14.60 -14.19 24.43
CA LEU A 434 14.96 -14.34 25.84
C LEU A 434 14.22 -13.27 26.62
N PRO A 435 12.94 -13.49 26.92
CA PRO A 435 12.13 -12.45 27.56
C PRO A 435 12.62 -11.99 28.92
N GLU A 436 13.57 -12.68 29.54
CA GLU A 436 14.03 -12.26 30.85
C GLU A 436 14.96 -11.05 30.77
N LEU A 437 15.92 -11.08 29.84
CA LEU A 437 17.01 -10.12 29.83
C LEU A 437 16.67 -8.83 29.10
N ALA A 438 15.39 -8.45 29.04
CA ALA A 438 15.01 -7.34 28.18
C ALA A 438 15.45 -5.98 28.70
N ARG A 439 16.20 -5.90 29.79
CA ARG A 439 16.54 -4.61 30.39
C ARG A 439 18.04 -4.53 30.70
N LEU A 440 18.87 -4.83 29.70
CA LEU A 440 20.27 -4.50 29.84
C LEU A 440 20.74 -3.73 28.61
N PRO A 441 21.77 -2.90 28.77
CA PRO A 441 22.30 -2.16 27.61
C PRO A 441 22.90 -3.11 26.58
N THR A 442 22.86 -2.66 25.33
CA THR A 442 23.26 -3.52 24.22
C THR A 442 24.71 -3.98 24.33
N GLU A 443 25.56 -3.17 24.98
CA GLU A 443 26.97 -3.50 25.10
C GLU A 443 27.26 -4.44 26.27
N TRP A 444 26.26 -5.11 26.81
CA TRP A 444 26.49 -6.07 27.87
C TRP A 444 25.74 -7.37 27.71
N ILE A 445 24.69 -7.43 26.88
CA ILE A 445 23.75 -8.53 26.96
C ILE A 445 24.30 -9.84 26.44
N HIS A 446 25.53 -9.86 25.92
CA HIS A 446 26.12 -11.12 25.48
C HIS A 446 26.98 -11.78 26.54
N HIS A 447 27.25 -11.12 27.66
CA HIS A 447 28.09 -11.68 28.72
C HIS A 447 27.75 -11.03 30.04
N PRO A 448 26.65 -11.43 30.66
CA PRO A 448 26.18 -10.73 31.87
C PRO A 448 27.15 -10.75 33.04
N TRP A 449 28.07 -11.72 33.08
CA TRP A 449 28.95 -11.82 34.24
C TRP A 449 29.92 -10.65 34.36
N ASP A 450 30.12 -9.89 33.28
CA ASP A 450 31.02 -8.75 33.36
C ASP A 450 30.32 -7.50 33.89
N ALA A 451 29.01 -7.42 33.77
CA ALA A 451 28.27 -6.26 34.24
C ALA A 451 28.47 -6.09 35.74
N PRO A 452 29.13 -5.02 36.19
CA PRO A 452 29.34 -4.83 37.63
C PRO A 452 28.01 -4.77 38.37
N LEU A 453 28.08 -5.00 39.68
CA LEU A 453 26.89 -5.33 40.45
C LEU A 453 25.90 -4.16 40.51
N THR A 454 26.36 -2.93 40.31
CA THR A 454 25.42 -1.81 40.34
C THR A 454 24.41 -1.89 39.22
N VAL A 455 24.80 -2.42 38.05
CA VAL A 455 23.89 -2.54 36.93
C VAL A 455 23.08 -3.84 36.98
N LEU A 456 23.28 -4.65 38.02
CA LEU A 456 22.60 -5.95 38.07
C LEU A 456 21.29 -5.87 38.86
N LYS A 457 21.36 -5.51 40.14
CA LYS A 457 20.15 -5.46 40.95
C LYS A 457 19.18 -4.43 40.42
N ALA A 458 19.70 -3.31 39.92
CA ALA A 458 18.83 -2.34 39.26
C ALA A 458 18.11 -2.98 38.09
N SER A 459 18.84 -3.70 37.25
CA SER A 459 18.19 -4.52 36.24
C SER A 459 17.51 -5.70 36.92
N GLY A 460 16.83 -6.51 36.12
CA GLY A 460 15.97 -7.53 36.68
C GLY A 460 16.57 -8.91 36.78
N VAL A 461 17.89 -9.03 36.64
CA VAL A 461 18.53 -10.34 36.54
C VAL A 461 19.51 -10.51 37.69
N GLU A 462 19.40 -11.64 38.39
CA GLU A 462 20.42 -12.09 39.33
C GLU A 462 20.72 -13.54 38.99
N LEU A 463 21.92 -13.79 38.48
CA LEU A 463 22.28 -15.09 37.94
C LEU A 463 22.21 -16.16 39.01
N GLY A 464 21.55 -17.27 38.69
CA GLY A 464 21.32 -18.35 39.62
C GLY A 464 19.86 -18.53 40.00
N THR A 465 19.10 -17.44 40.07
CA THR A 465 17.67 -17.52 40.32
C THR A 465 16.87 -17.03 39.12
N ASN A 466 17.09 -15.79 38.68
CA ASN A 466 16.36 -15.26 37.54
C ASN A 466 16.96 -15.68 36.21
N TYR A 467 18.15 -16.28 36.22
CA TYR A 467 18.76 -16.79 35.00
C TYR A 467 19.93 -17.70 35.36
N ALA A 468 19.98 -18.88 34.74
CA ALA A 468 20.95 -19.91 35.12
C ALA A 468 22.38 -19.41 34.91
N LYS A 469 23.19 -19.55 35.96
CA LYS A 469 24.60 -19.19 35.88
C LYS A 469 25.26 -19.94 34.74
N PRO A 470 26.22 -19.32 34.04
CA PRO A 470 26.92 -20.02 32.96
C PRO A 470 27.70 -21.20 33.52
N ILE A 471 27.34 -22.40 33.09
CA ILE A 471 28.00 -23.62 33.55
C ILE A 471 29.20 -23.82 32.62
N VAL A 472 30.24 -23.03 32.85
CA VAL A 472 31.48 -23.09 32.10
C VAL A 472 32.50 -22.18 32.77
N ASP A 473 33.78 -22.46 32.60
CA ASP A 473 34.81 -21.45 32.80
C ASP A 473 35.09 -20.82 31.43
N ILE A 474 34.97 -19.49 31.34
CA ILE A 474 35.04 -18.84 30.05
C ILE A 474 36.41 -18.96 29.42
N ASP A 475 37.45 -19.16 30.21
CA ASP A 475 38.81 -19.31 29.68
C ASP A 475 39.52 -20.49 30.32
N LYS B 5 -37.19 27.67 25.80
CA LYS B 5 -37.68 26.31 25.94
C LYS B 5 -38.01 25.68 24.60
N LYS B 6 -38.24 26.54 23.60
CA LYS B 6 -38.56 26.08 22.26
C LYS B 6 -37.96 27.04 21.24
N THR B 7 -37.28 26.50 20.23
CA THR B 7 -36.54 27.31 19.29
C THR B 7 -36.71 26.75 17.88
N ILE B 8 -36.48 27.59 16.89
CA ILE B 8 -36.56 27.22 15.47
C ILE B 8 -35.30 27.72 14.78
N VAL B 9 -34.41 26.79 14.44
CA VAL B 9 -33.20 27.14 13.69
C VAL B 9 -33.64 27.49 12.28
N TRP B 10 -32.72 28.02 11.47
CA TRP B 10 -33.06 28.34 10.09
C TRP B 10 -31.77 28.33 9.27
N PHE B 11 -31.51 27.23 8.59
CA PHE B 11 -30.30 27.06 7.80
C PHE B 11 -30.42 27.84 6.50
N ARG B 12 -29.33 28.51 6.11
CA ARG B 12 -29.27 29.17 4.81
C ARG B 12 -28.13 28.63 3.96
N ARG B 13 -26.90 28.66 4.46
CA ARG B 13 -25.76 28.09 3.76
C ARG B 13 -24.83 27.39 4.74
N ASP B 14 -25.40 26.65 5.67
CA ASP B 14 -24.66 25.97 6.72
C ASP B 14 -25.05 24.50 6.78
N LEU B 15 -25.04 23.84 5.64
CA LEU B 15 -25.46 22.44 5.58
C LEU B 15 -24.42 21.53 6.21
N ARG B 16 -24.25 21.66 7.53
CA ARG B 16 -23.26 20.93 8.30
C ARG B 16 -23.66 21.05 9.74
N ILE B 17 -23.28 20.06 10.56
CA ILE B 17 -23.60 20.09 11.96
C ILE B 17 -22.38 20.13 12.86
N GLU B 18 -21.23 19.63 12.42
CA GLU B 18 -20.03 19.73 13.24
C GLU B 18 -19.58 21.18 13.30
N ASP B 19 -19.61 21.75 14.50
CA ASP B 19 -19.29 23.16 14.71
C ASP B 19 -20.26 24.07 13.95
N ASN B 20 -21.53 24.01 14.35
CA ASN B 20 -22.54 24.95 13.86
C ASN B 20 -22.97 25.83 15.01
N PRO B 21 -22.28 26.95 15.25
CA PRO B 21 -22.54 27.75 16.45
C PRO B 21 -23.95 28.28 16.54
N ALA B 22 -24.63 28.49 15.42
CA ALA B 22 -26.04 28.82 15.49
C ALA B 22 -26.91 27.60 15.73
N LEU B 23 -26.32 26.42 15.84
CA LEU B 23 -27.07 25.20 16.05
C LEU B 23 -26.98 24.71 17.49
N ALA B 24 -25.76 24.52 17.99
CA ALA B 24 -25.59 24.06 19.36
C ALA B 24 -26.18 25.04 20.36
N ALA B 25 -26.11 26.34 20.05
CA ALA B 25 -26.66 27.34 20.95
C ALA B 25 -28.15 27.17 21.17
N ALA B 26 -28.85 26.52 20.24
CA ALA B 26 -30.25 26.22 20.44
C ALA B 26 -30.46 24.92 21.19
N ALA B 27 -29.53 23.98 21.09
CA ALA B 27 -29.70 22.68 21.72
C ALA B 27 -29.78 22.75 23.23
N HIS B 28 -29.26 23.81 23.85
CA HIS B 28 -29.22 23.87 25.30
C HIS B 28 -30.48 24.45 25.92
N GLU B 29 -31.22 25.28 25.20
CA GLU B 29 -32.35 25.99 25.76
C GLU B 29 -33.66 25.21 25.68
N GLY B 30 -33.60 23.93 25.34
CA GLY B 30 -34.81 23.15 25.21
C GLY B 30 -34.83 22.27 23.98
N SER B 31 -35.80 22.49 23.09
CA SER B 31 -35.96 21.67 21.90
C SER B 31 -35.90 22.55 20.65
N VAL B 32 -35.67 21.91 19.52
CA VAL B 32 -35.39 22.59 18.27
C VAL B 32 -36.36 22.09 17.20
N PHE B 33 -36.38 22.79 16.08
CA PHE B 33 -37.10 22.36 14.88
C PHE B 33 -36.45 22.99 13.66
N PRO B 34 -35.69 22.23 12.89
CA PRO B 34 -35.02 22.80 11.72
C PRO B 34 -36.02 23.24 10.67
N VAL B 35 -35.50 23.95 9.67
CA VAL B 35 -36.29 24.52 8.58
C VAL B 35 -35.34 24.86 7.45
N PHE B 36 -35.83 24.77 6.22
CA PHE B 36 -35.13 25.37 5.09
C PHE B 36 -36.13 26.03 4.15
N ILE B 37 -35.87 27.28 3.79
CA ILE B 37 -36.75 28.07 2.96
C ILE B 37 -36.10 28.24 1.60
N TRP B 38 -36.93 28.24 0.55
CA TRP B 38 -36.47 28.51 -0.80
C TRP B 38 -37.07 29.82 -1.29
N CYS B 39 -36.23 30.64 -1.94
CA CYS B 39 -36.55 32.02 -2.29
C CYS B 39 -36.64 32.09 -3.81
N PRO B 40 -37.78 31.68 -4.38
CA PRO B 40 -37.81 31.43 -5.82
C PRO B 40 -37.67 32.69 -6.66
N GLU B 41 -38.34 33.77 -6.28
CA GLU B 41 -38.33 34.98 -7.08
C GLU B 41 -37.95 36.25 -6.31
N GLU B 42 -37.68 36.16 -5.00
CA GLU B 42 -37.15 37.30 -4.29
C GLU B 42 -35.65 37.46 -4.50
N GLU B 43 -35.02 36.58 -5.28
CA GLU B 43 -33.64 36.77 -5.69
C GLU B 43 -33.52 37.58 -6.98
N GLY B 44 -34.64 37.87 -7.64
CA GLY B 44 -34.63 38.68 -8.86
C GLY B 44 -33.78 38.07 -9.94
N GLN B 45 -32.64 38.69 -10.20
CA GLN B 45 -31.64 38.11 -11.08
C GLN B 45 -30.64 37.26 -10.32
N PHE B 46 -30.71 37.23 -8.99
CA PHE B 46 -29.78 36.47 -8.17
C PHE B 46 -30.26 35.05 -7.93
N TYR B 47 -31.14 34.54 -8.77
CA TYR B 47 -31.44 33.12 -8.76
C TYR B 47 -30.16 32.33 -8.99
N PRO B 48 -29.89 31.29 -8.21
CA PRO B 48 -28.66 30.54 -8.39
C PRO B 48 -28.61 29.87 -9.76
N GLY B 49 -27.40 29.60 -10.22
CA GLY B 49 -27.20 29.08 -11.55
C GLY B 49 -27.78 27.69 -11.73
N ARG B 50 -27.45 27.10 -12.87
CA ARG B 50 -27.94 25.76 -13.19
C ARG B 50 -27.23 24.70 -12.35
N ALA B 51 -25.93 24.54 -12.57
CA ALA B 51 -25.18 23.53 -11.85
C ALA B 51 -25.25 23.75 -10.35
N SER B 52 -25.08 25.01 -9.93
CA SER B 52 -25.16 25.32 -8.51
C SER B 52 -26.50 24.94 -7.93
N ARG B 53 -27.57 25.03 -8.73
CA ARG B 53 -28.85 24.48 -8.28
C ARG B 53 -28.73 23.00 -8.02
N TRP B 54 -28.00 22.29 -8.87
CA TRP B 54 -27.94 20.84 -8.72
C TRP B 54 -27.21 20.45 -7.45
N TRP B 55 -26.14 21.17 -7.11
CA TRP B 55 -25.37 20.81 -5.93
C TRP B 55 -26.25 20.90 -4.68
N MET B 56 -27.11 21.91 -4.61
CA MET B 56 -27.99 22.02 -3.47
C MET B 56 -28.94 20.84 -3.39
N LYS B 57 -29.47 20.41 -4.54
CA LYS B 57 -30.42 19.30 -4.52
C LYS B 57 -29.77 18.00 -4.08
N GLN B 58 -28.46 17.90 -4.20
CA GLN B 58 -27.78 16.71 -3.67
C GLN B 58 -27.29 16.90 -2.26
N SER B 59 -27.08 18.14 -1.83
CA SER B 59 -26.58 18.36 -0.47
C SER B 59 -27.69 18.18 0.56
N LEU B 60 -28.88 18.70 0.29
CA LEU B 60 -29.96 18.66 1.27
C LEU B 60 -30.38 17.23 1.57
N ALA B 61 -30.64 16.44 0.51
CA ALA B 61 -31.11 15.08 0.70
C ALA B 61 -30.12 14.26 1.53
N HIS B 62 -28.83 14.39 1.22
CA HIS B 62 -27.82 13.79 2.06
C HIS B 62 -27.88 14.34 3.47
N LEU B 63 -28.04 15.65 3.60
CA LEU B 63 -28.11 16.25 4.93
C LEU B 63 -29.35 15.78 5.67
N SER B 64 -30.45 15.56 4.96
CA SER B 64 -31.70 15.20 5.62
C SER B 64 -31.56 13.87 6.36
N GLN B 65 -30.73 12.96 5.85
CA GLN B 65 -30.46 11.75 6.60
C GLN B 65 -29.71 12.07 7.89
N SER B 66 -28.72 12.96 7.81
CA SER B 66 -27.81 13.19 8.93
C SER B 66 -28.56 13.64 10.18
N LEU B 67 -29.44 14.63 10.04
CA LEU B 67 -30.25 15.02 11.18
C LEU B 67 -31.24 13.94 11.56
N LYS B 68 -31.58 13.04 10.63
CA LYS B 68 -32.47 11.95 10.99
C LYS B 68 -31.83 11.03 12.00
N ALA B 69 -30.54 10.74 11.84
CA ALA B 69 -29.83 9.90 12.80
C ALA B 69 -29.83 10.53 14.19
N LEU B 70 -29.76 11.86 14.26
CA LEU B 70 -29.84 12.55 15.53
C LEU B 70 -31.25 12.62 16.08
N GLY B 71 -32.24 12.16 15.32
CA GLY B 71 -33.60 12.19 15.82
C GLY B 71 -34.32 13.49 15.53
N SER B 72 -34.44 13.84 14.25
CA SER B 72 -35.22 15.00 13.85
C SER B 72 -35.30 15.00 12.33
N ASP B 73 -36.17 15.85 11.80
CA ASP B 73 -36.46 15.88 10.37
C ASP B 73 -36.48 17.32 9.90
N LEU B 74 -35.81 17.58 8.77
CA LEU B 74 -35.74 18.91 8.22
C LEU B 74 -36.95 19.19 7.32
N THR B 75 -37.58 20.34 7.52
CA THR B 75 -38.73 20.77 6.74
C THR B 75 -38.31 21.80 5.71
N LEU B 76 -39.11 21.93 4.65
CA LEU B 76 -38.72 22.67 3.46
C LEU B 76 -39.91 23.45 2.91
N ILE B 77 -39.82 24.78 2.95
CA ILE B 77 -40.88 25.65 2.45
C ILE B 77 -40.34 26.46 1.28
N LYS B 78 -41.16 26.63 0.25
CA LYS B 78 -40.78 27.36 -0.95
C LYS B 78 -41.76 28.51 -1.15
N THR B 79 -41.31 29.73 -0.86
CA THR B 79 -42.16 30.91 -0.99
C THR B 79 -41.26 32.12 -1.21
N HIS B 80 -41.86 33.23 -1.63
CA HIS B 80 -41.16 34.48 -1.82
C HIS B 80 -41.55 35.49 -0.75
N ASN B 81 -42.06 35.03 0.39
CA ASN B 81 -42.52 35.93 1.44
C ASN B 81 -42.03 35.41 2.79
N THR B 82 -40.72 35.13 2.85
CA THR B 82 -40.02 34.48 3.95
C THR B 82 -40.55 34.87 5.32
N ILE B 83 -40.71 36.18 5.55
CA ILE B 83 -41.30 36.63 6.80
C ILE B 83 -42.69 36.05 6.97
N SER B 84 -43.45 35.93 5.88
CA SER B 84 -44.78 35.37 6.01
C SER B 84 -44.74 33.89 6.38
N ALA B 85 -43.99 33.08 5.65
CA ALA B 85 -43.96 31.66 5.93
C ALA B 85 -43.30 31.37 7.27
N ILE B 86 -42.25 32.12 7.61
CA ILE B 86 -41.65 32.00 8.93
C ILE B 86 -42.66 32.41 9.99
N LEU B 87 -43.45 33.44 9.71
CA LEU B 87 -44.48 33.85 10.65
C LEU B 87 -45.59 32.82 10.77
N ASP B 88 -45.79 32.00 9.73
CA ASP B 88 -46.76 30.93 9.82
C ASP B 88 -46.22 29.78 10.66
N CYS B 89 -44.99 29.36 10.37
CA CYS B 89 -44.40 28.23 11.09
C CYS B 89 -44.17 28.55 12.56
N ILE B 90 -44.15 29.83 12.94
CA ILE B 90 -44.05 30.15 14.35
C ILE B 90 -45.27 29.64 15.10
N ARG B 91 -46.46 29.90 14.58
CA ARG B 91 -47.67 29.56 15.32
C ARG B 91 -47.93 28.06 15.38
N VAL B 92 -47.06 27.22 14.82
CA VAL B 92 -47.23 25.79 15.01
C VAL B 92 -46.60 25.30 16.31
N THR B 93 -45.65 26.06 16.87
CA THR B 93 -44.99 25.67 18.11
C THR B 93 -44.88 26.77 19.13
N GLY B 94 -45.01 28.03 18.75
CA GLY B 94 -44.85 29.13 19.69
C GLY B 94 -43.46 29.20 20.29
N ALA B 95 -42.44 29.28 19.44
CA ALA B 95 -41.08 29.45 19.92
C ALA B 95 -40.74 30.93 20.00
N THR B 96 -39.89 31.28 20.97
CA THR B 96 -39.50 32.66 21.20
C THR B 96 -38.12 32.95 20.62
N LYS B 97 -37.61 32.11 19.73
CA LYS B 97 -36.27 32.27 19.22
C LYS B 97 -36.20 31.73 17.80
N VAL B 98 -35.40 32.39 16.97
CA VAL B 98 -35.13 31.92 15.61
C VAL B 98 -33.68 32.23 15.28
N VAL B 99 -32.85 31.20 15.23
CA VAL B 99 -31.41 31.35 15.07
C VAL B 99 -31.07 31.16 13.61
N PHE B 100 -29.95 31.75 13.21
CA PHE B 100 -29.42 31.53 11.87
C PHE B 100 -27.95 31.92 11.90
N ASN B 101 -27.36 32.08 10.73
CA ASN B 101 -25.97 32.50 10.64
C ASN B 101 -25.89 33.84 9.90
N HIS B 102 -24.76 34.51 10.06
CA HIS B 102 -24.53 35.78 9.40
C HIS B 102 -24.05 35.59 7.97
N LEU B 103 -24.74 36.20 7.02
CA LEU B 103 -24.33 36.18 5.63
C LEU B 103 -24.27 37.61 5.11
N TYR B 104 -23.46 37.82 4.07
CA TYR B 104 -23.13 39.15 3.59
C TYR B 104 -23.43 39.35 2.12
N ASP B 105 -24.40 38.64 1.59
CA ASP B 105 -24.83 38.93 0.25
C ASP B 105 -25.74 40.15 0.24
N PRO B 106 -25.70 40.95 -0.83
CA PRO B 106 -26.50 42.18 -0.86
C PRO B 106 -27.99 41.96 -0.77
N VAL B 107 -28.48 40.76 -1.04
CA VAL B 107 -29.93 40.55 -1.03
C VAL B 107 -30.43 40.01 0.31
N SER B 108 -29.62 39.19 1.00
CA SER B 108 -30.04 38.67 2.29
C SER B 108 -29.77 39.63 3.43
N LEU B 109 -28.80 40.53 3.29
CA LEU B 109 -28.61 41.60 4.25
C LEU B 109 -29.92 42.36 4.46
N VAL B 110 -30.46 42.93 3.38
CA VAL B 110 -31.73 43.62 3.46
C VAL B 110 -32.84 42.67 3.88
N ARG B 111 -32.73 41.39 3.50
CA ARG B 111 -33.70 40.42 3.96
C ARG B 111 -33.61 40.22 5.47
N ASP B 112 -32.44 40.45 6.05
CA ASP B 112 -32.26 40.12 7.45
C ASP B 112 -32.63 41.24 8.40
N HIS B 113 -32.34 42.49 8.04
CA HIS B 113 -32.69 43.58 8.95
C HIS B 113 -34.19 43.72 9.12
N THR B 114 -34.98 43.25 8.15
CA THR B 114 -36.43 43.32 8.27
C THR B 114 -37.01 42.16 9.06
N VAL B 115 -36.52 40.94 8.84
CA VAL B 115 -37.09 39.77 9.49
C VAL B 115 -36.98 39.88 11.00
N LYS B 116 -35.84 40.35 11.50
CA LYS B 116 -35.75 40.68 12.91
C LYS B 116 -36.75 41.77 13.25
N GLU B 117 -36.86 42.79 12.39
CA GLU B 117 -37.77 43.89 12.64
C GLU B 117 -39.20 43.40 12.79
N LYS B 118 -39.68 42.63 11.81
CA LYS B 118 -41.02 42.04 11.92
C LYS B 118 -41.12 41.03 13.04
N LEU B 119 -40.01 40.58 13.60
CA LEU B 119 -40.03 39.72 14.78
C LEU B 119 -39.83 40.50 16.08
N VAL B 120 -38.91 41.46 16.10
CA VAL B 120 -38.71 42.24 17.32
C VAL B 120 -39.91 43.15 17.54
N GLU B 121 -40.41 43.77 16.47
CA GLU B 121 -41.60 44.61 16.59
C GLU B 121 -42.80 43.79 17.01
N ARG B 122 -43.00 42.63 16.38
CA ARG B 122 -43.99 41.67 16.86
C ARG B 122 -43.56 41.04 18.17
N GLY B 123 -42.30 41.15 18.54
CA GLY B 123 -41.84 40.73 19.85
C GLY B 123 -41.71 39.23 20.02
N ILE B 124 -40.77 38.63 19.29
CA ILE B 124 -40.35 37.26 19.54
C ILE B 124 -38.84 37.20 19.37
N SER B 125 -38.14 36.78 20.43
CA SER B 125 -36.71 36.99 20.52
C SER B 125 -35.97 36.24 19.42
N VAL B 126 -34.76 36.70 19.14
CA VAL B 126 -33.95 36.17 18.04
C VAL B 126 -32.49 36.45 18.34
N GLN B 127 -31.64 35.46 18.05
CA GLN B 127 -30.20 35.63 18.17
C GLN B 127 -29.55 35.24 16.86
N SER B 128 -28.57 36.02 16.43
CA SER B 128 -27.69 35.61 15.36
C SER B 128 -26.43 35.00 15.93
N TYR B 129 -25.60 34.46 15.04
CA TYR B 129 -24.29 33.96 15.42
C TYR B 129 -23.35 34.13 14.24
N ASN B 130 -22.11 33.72 14.43
CA ASN B 130 -21.09 33.77 13.40
C ASN B 130 -20.48 32.39 13.26
N GLY B 131 -20.57 31.82 12.08
CA GLY B 131 -20.06 30.49 11.84
C GLY B 131 -19.46 30.31 10.47
N ASP B 132 -19.23 31.41 9.75
CA ASP B 132 -18.62 31.33 8.44
C ASP B 132 -17.29 32.06 8.35
N LEU B 133 -16.97 32.92 9.31
CA LEU B 133 -15.74 33.70 9.25
C LEU B 133 -14.98 33.59 10.56
N LEU B 134 -13.65 33.57 10.44
CA LEU B 134 -12.81 33.64 11.63
C LEU B 134 -12.94 34.99 12.31
N TYR B 135 -12.58 36.05 11.60
CA TYR B 135 -12.74 37.41 12.09
C TYR B 135 -13.95 38.06 11.44
N GLU B 136 -14.82 38.64 12.26
CA GLU B 136 -15.93 39.39 11.70
C GLU B 136 -15.39 40.66 11.03
N PRO B 137 -15.97 41.07 9.89
CA PRO B 137 -15.42 42.20 9.16
C PRO B 137 -15.64 43.56 9.81
N TRP B 138 -16.24 43.64 11.00
CA TRP B 138 -16.26 44.90 11.72
C TRP B 138 -15.21 44.96 12.82
N GLU B 139 -14.55 43.85 13.13
CA GLU B 139 -13.59 43.86 14.21
C GLU B 139 -12.32 44.63 13.85
N ILE B 140 -11.72 44.27 12.72
CA ILE B 140 -10.42 44.81 12.35
C ILE B 140 -10.54 46.31 12.11
N TYR B 141 -9.72 47.08 12.80
CA TYR B 141 -9.64 48.53 12.64
C TYR B 141 -8.21 48.93 12.33
N CYS B 142 -8.05 50.11 11.72
CA CYS B 142 -6.72 50.56 11.32
C CYS B 142 -6.09 51.48 12.36
N GLU B 143 -6.67 52.66 12.60
CA GLU B 143 -6.30 53.45 13.77
C GLU B 143 -7.47 53.65 14.73
N LYS B 144 -8.58 54.25 14.29
CA LYS B 144 -9.76 54.38 15.13
C LYS B 144 -11.00 53.77 14.49
N GLY B 145 -11.35 54.16 13.27
CA GLY B 145 -12.54 53.67 12.62
C GLY B 145 -12.42 53.52 11.12
N LYS B 146 -11.22 53.44 10.59
CA LYS B 146 -11.13 53.35 9.15
C LYS B 146 -10.72 51.94 8.72
N PRO B 147 -11.05 51.54 7.50
CA PRO B 147 -10.68 50.21 7.02
C PRO B 147 -9.39 50.23 6.23
N PHE B 148 -8.75 49.08 6.06
CA PHE B 148 -7.58 48.99 5.22
C PHE B 148 -8.00 48.89 3.76
N THR B 149 -7.02 48.87 2.86
CA THR B 149 -7.31 48.60 1.46
C THR B 149 -6.30 47.68 0.79
N SER B 150 -5.17 47.39 1.41
CA SER B 150 -4.18 46.46 0.87
C SER B 150 -4.31 45.13 1.61
N PHE B 151 -4.60 44.07 0.85
CA PHE B 151 -4.85 42.77 1.46
C PHE B 151 -3.65 42.29 2.28
N ASN B 152 -2.44 42.53 1.78
CA ASN B 152 -1.27 42.17 2.55
C ASN B 152 -1.23 42.95 3.86
N SER B 153 -1.67 44.21 3.84
CA SER B 153 -1.81 44.94 5.09
C SER B 153 -2.90 44.37 5.97
N TYR B 154 -4.03 43.98 5.37
CA TYR B 154 -5.09 43.34 6.12
C TYR B 154 -4.60 42.03 6.73
N TRP B 155 -4.05 41.14 5.90
CA TRP B 155 -3.62 39.84 6.40
C TRP B 155 -2.50 39.97 7.42
N LYS B 156 -1.63 40.97 7.27
CA LYS B 156 -0.59 41.19 8.26
C LYS B 156 -1.16 41.54 9.62
N LYS B 157 -2.39 42.04 9.68
CA LYS B 157 -3.02 42.32 10.96
C LYS B 157 -3.83 41.16 11.50
N CYS B 158 -4.42 40.34 10.62
CA CYS B 158 -5.19 39.20 11.09
C CYS B 158 -4.29 38.16 11.75
N LEU B 159 -3.02 38.13 11.39
CA LEU B 159 -2.07 37.19 11.97
C LEU B 159 -1.60 37.62 13.35
N ASP B 160 -2.14 38.70 13.90
CA ASP B 160 -1.68 39.20 15.19
C ASP B 160 -2.84 39.58 16.10
N MET B 161 -3.98 38.91 15.94
CA MET B 161 -5.09 39.07 16.89
C MET B 161 -5.80 37.71 16.93
N SER B 162 -5.41 36.90 17.90
CA SER B 162 -5.90 35.53 18.00
C SER B 162 -7.27 35.43 18.62
N ILE B 163 -7.79 36.52 19.18
CA ILE B 163 -9.13 36.50 19.77
C ILE B 163 -10.15 36.15 18.68
N GLU B 164 -10.90 35.08 18.90
CA GLU B 164 -11.84 34.62 17.89
C GLU B 164 -12.89 33.75 18.58
N SER B 165 -13.63 33.00 17.78
CA SER B 165 -14.69 32.14 18.29
C SER B 165 -14.11 30.90 18.95
N VAL B 166 -15.02 30.03 19.39
CA VAL B 166 -14.66 28.79 20.08
C VAL B 166 -15.46 27.67 19.45
N MET B 167 -14.77 26.68 18.90
CA MET B 167 -15.43 25.61 18.17
C MET B 167 -16.15 24.69 19.14
N LEU B 168 -17.46 24.64 19.05
CA LEU B 168 -18.29 23.80 19.90
C LEU B 168 -18.24 22.36 19.45
N PRO B 169 -18.77 21.44 20.24
CA PRO B 169 -18.92 20.07 19.80
C PRO B 169 -20.29 19.84 19.19
N PRO B 170 -20.47 18.73 18.48
CA PRO B 170 -21.82 18.39 18.02
C PRO B 170 -22.64 17.86 19.18
N PRO B 171 -23.93 18.18 19.21
CA PRO B 171 -24.78 17.72 20.32
C PRO B 171 -24.96 16.21 20.34
N TRP B 172 -25.76 15.71 21.27
CA TRP B 172 -25.93 14.27 21.45
C TRP B 172 -27.35 13.81 21.14
N ARG B 173 -28.36 14.38 21.79
CA ARG B 173 -29.73 13.92 21.66
C ARG B 173 -30.64 15.11 21.37
N LEU B 174 -30.97 15.31 20.10
CA LEU B 174 -31.84 16.40 19.69
C LEU B 174 -33.29 15.98 19.76
N MET B 175 -34.16 16.91 20.09
CA MET B 175 -35.58 16.63 20.34
C MET B 175 -36.45 17.61 19.57
N PRO B 176 -37.09 17.20 18.48
CA PRO B 176 -38.04 18.08 17.80
C PRO B 176 -39.30 18.27 18.64
N ILE B 177 -40.30 19.01 18.15
CA ILE B 177 -41.41 19.31 19.05
C ILE B 177 -42.67 18.54 18.68
N THR B 178 -43.33 18.92 17.59
CA THR B 178 -44.49 18.12 17.15
C THR B 178 -44.56 17.91 15.66
N ALA B 179 -44.30 18.96 14.88
CA ALA B 179 -44.59 18.98 13.45
C ALA B 179 -46.03 18.54 13.18
N ALA B 180 -46.97 19.34 13.70
CA ALA B 180 -48.36 18.88 13.78
C ALA B 180 -49.10 19.02 12.46
N ALA B 181 -49.28 20.25 11.98
CA ALA B 181 -50.09 20.52 10.82
C ALA B 181 -49.21 20.98 9.66
N GLU B 182 -49.41 20.38 8.49
CA GLU B 182 -48.64 20.71 7.30
C GLU B 182 -49.22 21.88 6.53
N ALA B 183 -49.97 22.76 7.19
CA ALA B 183 -50.50 23.95 6.53
C ALA B 183 -49.39 24.89 6.09
N ILE B 184 -48.17 24.71 6.57
CA ILE B 184 -47.02 25.48 6.13
C ILE B 184 -46.50 24.95 4.80
N TRP B 185 -47.17 23.92 4.26
CA TRP B 185 -46.84 23.37 2.95
C TRP B 185 -45.42 22.81 2.94
N ALA B 186 -45.26 21.73 3.72
CA ALA B 186 -43.97 21.06 3.90
C ALA B 186 -43.61 20.32 2.61
N CYS B 187 -43.11 21.08 1.64
CA CYS B 187 -42.86 20.58 0.30
C CYS B 187 -41.61 19.68 0.28
N SER B 188 -41.59 18.75 -0.68
CA SER B 188 -40.44 17.87 -0.86
C SER B 188 -39.45 18.48 -1.85
N ILE B 189 -38.18 18.07 -1.71
CA ILE B 189 -37.14 18.61 -2.60
C ILE B 189 -37.46 18.27 -4.05
N GLU B 190 -37.96 17.05 -4.29
CA GLU B 190 -38.45 16.73 -5.62
C GLU B 190 -39.63 17.60 -5.98
N GLU B 191 -40.52 17.85 -5.02
CA GLU B 191 -41.56 18.84 -5.21
C GLU B 191 -41.03 20.26 -5.19
N LEU B 192 -39.78 20.45 -4.76
CA LEU B 192 -39.15 21.76 -4.81
C LEU B 192 -38.57 21.99 -6.19
N GLY B 193 -38.72 23.21 -6.69
CA GLY B 193 -38.35 23.50 -8.07
C GLY B 193 -36.88 23.76 -8.28
N LEU B 194 -36.07 22.71 -8.31
CA LEU B 194 -34.63 22.88 -8.42
C LEU B 194 -34.07 22.63 -9.82
N GLU B 195 -34.75 21.84 -10.64
CA GLU B 195 -34.20 21.51 -11.95
C GLU B 195 -35.35 21.23 -12.92
N ASN B 196 -34.98 20.82 -14.13
CA ASN B 196 -35.92 20.55 -15.20
C ASN B 196 -35.70 19.16 -15.77
N GLU B 197 -36.80 18.43 -15.96
CA GLU B 197 -36.70 17.05 -16.41
C GLU B 197 -36.07 16.96 -17.80
N ALA B 198 -36.32 17.95 -18.65
CA ALA B 198 -35.69 17.96 -19.97
C ALA B 198 -34.17 17.97 -19.84
N GLU B 199 -33.63 18.83 -18.99
CA GLU B 199 -32.19 18.93 -18.81
C GLU B 199 -31.68 18.05 -17.67
N LYS B 200 -32.56 17.33 -16.98
CA LYS B 200 -32.16 16.58 -15.80
C LYS B 200 -31.20 15.42 -16.07
N PRO B 201 -31.37 14.62 -17.13
CA PRO B 201 -30.42 13.52 -17.34
C PRO B 201 -29.01 13.98 -17.58
N SER B 202 -28.83 15.11 -18.25
CA SER B 202 -27.48 15.60 -18.52
C SER B 202 -26.77 15.98 -17.23
N ASN B 203 -27.42 16.76 -16.38
CA ASN B 203 -26.75 17.31 -15.21
C ASN B 203 -26.37 16.23 -14.20
N ALA B 204 -26.99 15.05 -14.25
CA ALA B 204 -26.65 14.03 -13.28
C ALA B 204 -25.30 13.39 -13.54
N LEU B 205 -24.73 13.58 -14.73
CA LEU B 205 -23.43 13.03 -15.05
C LEU B 205 -22.29 13.71 -14.33
N LEU B 206 -22.56 14.80 -13.61
CA LEU B 206 -21.49 15.46 -12.86
C LEU B 206 -20.94 14.58 -11.76
N THR B 207 -21.71 13.59 -11.30
CA THR B 207 -21.28 12.74 -10.20
C THR B 207 -20.04 11.91 -10.53
N ARG B 208 -19.58 11.89 -11.79
CA ARG B 208 -18.35 11.19 -12.09
C ARG B 208 -17.12 11.89 -11.53
N ALA B 209 -17.24 13.13 -11.08
CA ALA B 209 -16.11 13.87 -10.56
C ALA B 209 -16.31 14.45 -9.18
N TRP B 210 -17.54 14.49 -8.66
CA TRP B 210 -17.80 15.08 -7.36
C TRP B 210 -18.79 14.21 -6.60
N SER B 211 -18.85 14.43 -5.30
CA SER B 211 -19.78 13.70 -4.43
C SER B 211 -20.12 14.61 -3.26
N PRO B 212 -21.29 15.22 -3.27
CA PRO B 212 -21.59 16.23 -2.26
C PRO B 212 -21.95 15.62 -0.93
N GLY B 213 -22.37 16.46 0.01
CA GLY B 213 -22.72 15.99 1.35
C GLY B 213 -21.62 16.28 2.33
N TRP B 214 -21.97 16.75 3.53
CA TRP B 214 -20.96 17.20 4.46
C TRP B 214 -20.06 16.05 4.92
N SER B 215 -20.61 14.85 5.05
CA SER B 215 -19.81 13.72 5.52
C SER B 215 -18.65 13.44 4.59
N ASN B 216 -18.87 13.59 3.28
CA ASN B 216 -17.78 13.43 2.34
C ASN B 216 -16.71 14.49 2.53
N ALA B 217 -17.07 15.66 3.07
CA ALA B 217 -16.09 16.71 3.26
C ALA B 217 -14.99 16.27 4.22
N ASP B 218 -15.37 15.66 5.33
CA ASP B 218 -14.37 15.23 6.31
C ASP B 218 -13.45 14.17 5.72
N LYS B 219 -14.01 13.17 5.05
CA LYS B 219 -13.19 12.13 4.44
C LYS B 219 -12.26 12.69 3.38
N LEU B 220 -12.54 13.87 2.85
CA LEU B 220 -11.60 14.55 1.97
C LEU B 220 -10.56 15.35 2.72
N LEU B 221 -10.92 15.92 3.86
CA LEU B 221 -9.99 16.77 4.59
C LEU B 221 -8.81 15.97 5.11
N ASN B 222 -9.07 14.98 5.98
CA ASN B 222 -8.03 14.08 6.44
C ASN B 222 -7.32 13.43 5.28
N GLU B 223 -8.05 13.12 4.21
CA GLU B 223 -7.42 12.66 2.98
C GLU B 223 -6.49 13.71 2.41
N PHE B 224 -6.70 14.98 2.75
CA PHE B 224 -5.89 16.04 2.20
C PHE B 224 -4.68 16.38 3.07
N ILE B 225 -4.93 16.76 4.33
CA ILE B 225 -3.87 17.33 5.14
C ILE B 225 -2.80 16.28 5.45
N GLU B 226 -3.18 15.02 5.56
CA GLU B 226 -2.19 13.99 5.83
C GLU B 226 -1.45 13.51 4.60
N LYS B 227 -1.80 13.99 3.41
CA LYS B 227 -1.21 13.46 2.19
C LYS B 227 -0.41 14.49 1.41
N GLN B 228 -1.01 15.62 1.02
CA GLN B 228 -0.36 16.51 0.08
C GLN B 228 -0.29 17.96 0.55
N LEU B 229 -0.62 18.25 1.81
CA LEU B 229 -0.42 19.60 2.29
C LEU B 229 1.05 19.97 2.36
N ILE B 230 1.93 18.98 2.46
CA ILE B 230 3.35 19.26 2.65
C ILE B 230 3.96 19.86 1.40
N ASP B 231 3.40 19.60 0.23
CA ASP B 231 3.99 20.04 -1.03
C ASP B 231 3.09 20.97 -1.81
N TYR B 232 2.09 21.56 -1.16
CA TYR B 232 1.16 22.44 -1.87
C TYR B 232 1.87 23.67 -2.42
N ALA B 233 2.97 24.08 -1.82
CA ALA B 233 3.68 25.25 -2.31
C ALA B 233 4.35 25.01 -3.65
N LYS B 234 4.51 23.74 -4.05
CA LYS B 234 5.12 23.41 -5.34
C LYS B 234 4.16 22.68 -6.26
N ASN B 235 2.87 22.77 -5.99
CA ASN B 235 1.86 22.17 -6.84
C ASN B 235 0.69 23.09 -7.11
N SER B 236 0.75 24.34 -6.66
CA SER B 236 -0.33 25.28 -6.95
C SER B 236 -0.26 25.80 -8.36
N LYS B 237 0.92 25.84 -8.97
CA LYS B 237 1.11 26.45 -10.27
C LYS B 237 1.14 25.43 -11.41
N LYS B 238 0.87 24.16 -11.12
CA LYS B 238 0.89 23.12 -12.13
C LYS B 238 -0.56 22.77 -12.46
N VAL B 239 -1.04 23.28 -13.59
CA VAL B 239 -2.46 23.24 -13.92
C VAL B 239 -2.96 21.81 -14.07
N VAL B 240 -2.06 20.88 -14.37
CA VAL B 240 -2.48 19.54 -14.77
C VAL B 240 -3.16 18.81 -13.63
N GLY B 241 -4.33 18.24 -13.91
CA GLY B 241 -4.96 17.27 -13.05
C GLY B 241 -5.26 17.80 -11.65
N ASN B 242 -5.34 16.85 -10.72
CA ASN B 242 -5.63 17.13 -9.32
C ASN B 242 -4.32 17.50 -8.63
N SER B 243 -4.14 18.78 -8.38
CA SER B 243 -3.08 19.27 -7.50
C SER B 243 -3.60 20.08 -6.33
N THR B 244 -4.52 21.00 -6.58
CA THR B 244 -4.99 21.91 -5.55
C THR B 244 -5.92 21.18 -4.58
N SER B 245 -6.52 21.94 -3.68
CA SER B 245 -7.26 21.36 -2.57
C SER B 245 -8.57 20.72 -3.04
N LEU B 246 -9.30 21.40 -3.92
CA LEU B 246 -10.65 20.98 -4.29
C LEU B 246 -11.59 21.04 -3.08
N LEU B 247 -11.57 22.17 -2.39
CA LEU B 247 -12.50 22.42 -1.31
C LEU B 247 -13.46 23.56 -1.61
N SER B 248 -13.28 24.26 -2.73
CA SER B 248 -14.00 25.50 -2.97
C SER B 248 -15.51 25.39 -2.87
N PRO B 249 -16.17 24.34 -3.36
CA PRO B 249 -17.63 24.27 -3.12
C PRO B 249 -17.97 24.02 -1.67
N TYR B 250 -17.27 23.09 -1.02
CA TYR B 250 -17.64 22.70 0.34
C TYR B 250 -17.56 23.84 1.33
N LEU B 251 -16.74 24.85 1.08
CA LEU B 251 -16.68 26.00 1.97
C LEU B 251 -17.72 27.06 1.63
N HIS B 252 -18.21 27.08 0.39
CA HIS B 252 -19.24 28.03 0.04
C HIS B 252 -20.56 27.68 0.70
N PHE B 253 -20.90 26.40 0.71
CA PHE B 253 -22.18 25.96 1.27
C PHE B 253 -22.10 25.66 2.75
N GLY B 254 -20.98 25.96 3.39
CA GLY B 254 -20.83 25.51 4.76
C GLY B 254 -20.82 24.00 4.87
N GLU B 255 -20.33 23.30 3.85
CA GLU B 255 -20.15 21.87 3.98
C GLU B 255 -19.16 21.51 5.08
N ILE B 256 -18.28 22.44 5.45
CA ILE B 256 -17.28 22.21 6.50
C ILE B 256 -16.99 23.53 7.18
N SER B 257 -16.95 23.52 8.51
CA SER B 257 -16.68 24.74 9.25
C SER B 257 -15.27 25.23 8.96
N VAL B 258 -15.16 26.49 8.54
CA VAL B 258 -13.87 27.01 8.09
C VAL B 258 -12.86 27.02 9.22
N ARG B 259 -13.31 27.36 10.44
CA ARG B 259 -12.38 27.47 11.56
C ARG B 259 -11.68 26.14 11.85
N HIS B 260 -12.43 25.05 11.85
CA HIS B 260 -11.82 23.74 12.04
C HIS B 260 -10.82 23.43 10.93
N VAL B 261 -11.03 23.99 9.73
CA VAL B 261 -9.99 23.95 8.72
C VAL B 261 -8.79 24.77 9.15
N PHE B 262 -8.98 25.72 10.06
CA PHE B 262 -7.89 26.55 10.52
C PHE B 262 -7.20 26.01 11.76
N GLN B 263 -7.72 24.96 12.39
CA GLN B 263 -7.02 24.30 13.48
C GLN B 263 -6.20 23.14 12.97
N CYS B 264 -6.85 22.17 12.32
CA CYS B 264 -6.14 21.01 11.79
C CYS B 264 -5.20 21.36 10.65
N ALA B 265 -5.21 22.60 10.17
CA ALA B 265 -4.19 23.06 9.23
C ALA B 265 -3.17 23.98 9.88
N ARG B 266 -3.27 24.22 11.18
CA ARG B 266 -2.25 24.96 11.90
C ARG B 266 -1.34 24.01 12.68
N MET B 267 -1.92 23.05 13.39
CA MET B 267 -1.12 22.10 14.16
C MET B 267 -0.18 21.31 13.27
N LYS B 268 -0.56 21.07 12.03
CA LYS B 268 0.36 20.55 11.03
C LYS B 268 1.23 21.64 10.43
N GLN B 269 1.18 22.85 10.98
CA GLN B 269 2.08 23.93 10.62
C GLN B 269 3.05 24.29 11.73
N ILE B 270 2.69 24.04 12.98
CA ILE B 270 3.61 24.31 14.07
C ILE B 270 4.62 23.19 14.22
N ILE B 271 4.24 21.96 13.84
CA ILE B 271 5.12 20.82 14.02
C ILE B 271 6.37 20.97 13.15
N TRP B 272 6.19 21.40 11.90
CA TRP B 272 7.33 21.52 11.01
C TRP B 272 8.26 22.63 11.44
N ALA B 273 7.70 23.75 11.92
CA ALA B 273 8.52 24.84 12.40
C ALA B 273 9.42 24.40 13.55
N ARG B 274 8.90 23.54 14.43
CA ARG B 274 9.72 23.01 15.51
C ARG B 274 10.77 22.03 14.99
N ASP B 275 10.59 21.48 13.78
CA ASP B 275 11.49 20.48 13.24
C ASP B 275 12.40 21.01 12.16
N LYS B 276 12.45 22.33 11.96
CA LYS B 276 13.28 22.94 10.93
C LYS B 276 12.89 22.50 9.52
N ASN B 277 11.67 21.99 9.34
CA ASN B 277 11.21 21.50 8.04
C ASN B 277 10.85 22.68 7.15
N SER B 278 11.88 23.44 6.79
CA SER B 278 11.70 24.75 6.18
C SER B 278 10.88 24.70 4.89
N GLU B 279 10.89 23.58 4.17
CA GLU B 279 10.06 23.49 2.98
C GLU B 279 8.58 23.47 3.35
N GLY B 280 8.19 22.51 4.20
CA GLY B 280 6.80 22.42 4.60
C GLY B 280 6.29 23.68 5.28
N GLU B 281 7.15 24.36 6.02
CA GLU B 281 6.76 25.62 6.65
C GLU B 281 6.45 26.69 5.62
N GLU B 282 6.97 26.56 4.40
CA GLU B 282 6.60 27.47 3.33
C GLU B 282 5.26 27.09 2.71
N SER B 283 5.03 25.79 2.51
CA SER B 283 3.79 25.37 1.87
C SER B 283 2.61 25.47 2.81
N ALA B 284 2.85 25.51 4.11
CA ALA B 284 1.76 25.73 5.04
C ALA B 284 1.23 27.16 4.92
N ASP B 285 2.12 28.14 4.94
CA ASP B 285 1.72 29.54 4.92
C ASP B 285 1.37 30.04 3.53
N LEU B 286 1.28 29.16 2.54
CA LEU B 286 0.70 29.49 1.25
C LEU B 286 -0.66 28.85 1.06
N PHE B 287 -1.15 28.13 2.07
CA PHE B 287 -2.53 27.70 2.17
C PHE B 287 -3.32 28.56 3.14
N LEU B 288 -2.80 28.74 4.35
CA LEU B 288 -3.47 29.61 5.32
C LEU B 288 -3.55 31.04 4.84
N ARG B 289 -2.67 31.45 3.92
CA ARG B 289 -2.92 32.70 3.21
C ARG B 289 -3.96 32.50 2.13
N GLY B 290 -4.11 31.28 1.63
CA GLY B 290 -5.14 31.02 0.64
C GLY B 290 -6.52 31.32 1.16
N ILE B 291 -6.85 30.80 2.34
CA ILE B 291 -8.11 31.16 2.98
C ILE B 291 -8.20 32.66 3.17
N GLY B 292 -7.06 33.31 3.41
CA GLY B 292 -7.06 34.73 3.73
C GLY B 292 -7.67 35.59 2.65
N LEU B 293 -7.56 35.16 1.39
CA LEU B 293 -8.30 35.85 0.35
C LEU B 293 -9.79 35.81 0.64
N ARG B 294 -10.27 34.69 1.18
CA ARG B 294 -11.71 34.48 1.33
C ARG B 294 -12.33 35.53 2.24
N GLU B 295 -11.74 35.74 3.41
CA GLU B 295 -12.23 36.80 4.29
C GLU B 295 -12.15 38.14 3.60
N TYR B 296 -11.05 38.39 2.88
CA TYR B 296 -10.84 39.70 2.30
C TYR B 296 -11.94 40.08 1.31
N SER B 297 -12.59 39.10 0.71
CA SER B 297 -13.79 39.42 -0.05
C SER B 297 -14.87 39.97 0.86
N ARG B 298 -15.19 39.23 1.92
CA ARG B 298 -16.26 39.65 2.82
C ARG B 298 -15.97 41.03 3.42
N TYR B 299 -14.72 41.28 3.78
CA TYR B 299 -14.37 42.56 4.39
C TYR B 299 -14.49 43.72 3.43
N ILE B 300 -14.60 43.49 2.12
CA ILE B 300 -14.78 44.60 1.20
C ILE B 300 -16.26 44.78 0.89
N CYS B 301 -17.04 43.70 0.94
CA CYS B 301 -18.44 43.83 0.61
C CYS B 301 -19.18 44.62 1.68
N PHE B 302 -19.06 44.19 2.94
CA PHE B 302 -19.81 44.87 3.99
C PHE B 302 -19.14 46.17 4.40
N ASN B 303 -17.91 46.10 4.92
CA ASN B 303 -17.30 47.30 5.47
C ASN B 303 -16.77 48.20 4.37
N PHE B 304 -16.21 47.63 3.33
CA PHE B 304 -16.19 48.66 2.31
C PHE B 304 -17.57 48.78 1.68
N PRO B 305 -18.03 49.98 1.34
CA PRO B 305 -19.38 50.12 0.78
C PRO B 305 -19.49 49.41 -0.56
N PHE B 306 -20.70 49.00 -0.88
CA PHE B 306 -20.92 48.10 -2.01
C PHE B 306 -20.79 48.86 -3.32
N THR B 307 -21.17 48.20 -4.42
CA THR B 307 -21.02 48.77 -5.75
C THR B 307 -21.97 49.96 -5.87
N HIS B 308 -21.43 51.16 -5.70
CA HIS B 308 -22.24 52.36 -5.85
C HIS B 308 -22.68 52.55 -7.30
N GLU B 309 -21.83 52.18 -8.25
CA GLU B 309 -22.23 51.99 -9.63
C GLU B 309 -22.85 50.61 -9.76
N GLN B 310 -22.95 50.08 -10.97
CA GLN B 310 -23.46 48.72 -11.16
C GLN B 310 -22.54 47.70 -10.50
N SER B 311 -22.93 46.42 -10.60
CA SER B 311 -22.26 45.29 -9.95
C SER B 311 -20.74 45.36 -10.06
N LEU B 312 -20.23 45.70 -11.24
CA LEU B 312 -18.84 46.08 -11.37
C LEU B 312 -18.68 47.48 -10.80
N LEU B 313 -17.89 47.60 -9.74
CA LEU B 313 -17.95 48.77 -8.85
C LEU B 313 -17.65 50.08 -9.57
N SER B 314 -16.39 50.32 -9.97
CA SER B 314 -16.07 51.61 -10.58
C SER B 314 -15.09 51.50 -11.73
N HIS B 315 -15.10 50.40 -12.49
CA HIS B 315 -14.13 50.24 -13.56
C HIS B 315 -14.74 50.15 -14.94
N LEU B 316 -15.64 49.18 -15.18
CA LEU B 316 -16.17 48.92 -16.51
C LEU B 316 -17.68 49.07 -16.46
N ARG B 317 -18.16 50.23 -16.91
CA ARG B 317 -19.59 50.48 -17.06
C ARG B 317 -19.91 51.21 -18.34
N PHE B 318 -18.93 51.39 -19.23
CA PHE B 318 -19.12 52.16 -20.46
C PHE B 318 -18.61 51.46 -21.72
N PHE B 319 -17.69 50.51 -21.60
CA PHE B 319 -16.95 49.97 -22.75
C PHE B 319 -17.14 48.47 -22.85
N PRO B 320 -18.33 48.00 -23.21
CA PRO B 320 -18.49 46.59 -23.54
C PRO B 320 -17.94 46.30 -24.93
N TRP B 321 -18.14 47.24 -25.85
CA TRP B 321 -17.51 47.30 -27.17
C TRP B 321 -18.02 46.26 -28.16
N ASP B 322 -19.02 45.46 -27.81
CA ASP B 322 -19.50 44.45 -28.75
C ASP B 322 -20.80 43.85 -28.23
N ALA B 323 -21.62 43.39 -29.17
CA ALA B 323 -22.85 42.67 -28.87
C ALA B 323 -22.97 41.37 -29.66
N ASP B 324 -21.83 40.79 -30.06
CA ASP B 324 -21.83 39.62 -30.93
C ASP B 324 -22.57 38.46 -30.28
N VAL B 325 -22.95 37.49 -31.11
CA VAL B 325 -23.51 36.23 -30.60
C VAL B 325 -22.63 35.09 -31.06
N ASP B 326 -22.14 35.16 -32.30
CA ASP B 326 -21.34 34.07 -32.85
C ASP B 326 -20.02 33.94 -32.11
N LYS B 327 -19.38 35.08 -31.81
CA LYS B 327 -18.16 35.03 -31.01
C LYS B 327 -18.44 34.41 -29.65
N PHE B 328 -19.47 34.91 -28.97
CA PHE B 328 -19.92 34.24 -27.76
C PHE B 328 -20.41 32.83 -28.07
N LYS B 329 -20.94 32.62 -29.28
CA LYS B 329 -21.24 31.26 -29.71
C LYS B 329 -19.99 30.44 -29.92
N ALA B 330 -18.84 31.09 -30.10
CA ALA B 330 -17.59 30.38 -30.33
C ALA B 330 -16.72 30.31 -29.09
N TRP B 331 -16.93 31.17 -28.11
CA TRP B 331 -16.03 31.20 -26.97
C TRP B 331 -16.35 30.09 -25.96
N ARG B 332 -17.59 29.62 -25.93
CA ARG B 332 -17.98 28.61 -24.96
C ARG B 332 -18.08 27.21 -25.55
N GLN B 333 -17.79 27.05 -26.84
CA GLN B 333 -17.82 25.75 -27.47
C GLN B 333 -16.43 25.14 -27.61
N GLY B 334 -15.41 25.79 -27.10
CA GLY B 334 -14.06 25.30 -27.33
C GLY B 334 -13.67 25.30 -28.79
N ARG B 335 -14.24 26.21 -29.58
CA ARG B 335 -13.85 26.34 -30.97
C ARG B 335 -13.21 27.71 -31.14
N THR B 336 -12.37 28.09 -30.19
CA THR B 336 -11.72 29.39 -30.22
C THR B 336 -10.47 29.40 -31.08
N GLY B 337 -9.67 28.34 -31.01
CA GLY B 337 -8.42 28.25 -31.72
C GLY B 337 -7.21 28.21 -30.82
N TYR B 338 -7.18 29.03 -29.79
CA TYR B 338 -6.10 28.99 -28.82
C TYR B 338 -6.14 27.66 -28.09
N PRO B 339 -5.15 26.81 -28.24
CA PRO B 339 -5.23 25.48 -27.64
C PRO B 339 -5.04 25.46 -26.14
N LEU B 340 -5.07 26.62 -25.48
CA LEU B 340 -5.11 26.67 -24.02
C LEU B 340 -6.47 27.06 -23.49
N VAL B 341 -7.11 28.07 -24.06
CA VAL B 341 -8.46 28.42 -23.61
C VAL B 341 -9.43 27.31 -23.95
N ASP B 342 -9.26 26.66 -25.11
CA ASP B 342 -10.14 25.56 -25.47
C ASP B 342 -10.04 24.44 -24.46
N ALA B 343 -8.83 24.14 -23.99
CA ALA B 343 -8.67 23.05 -23.04
C ALA B 343 -9.35 23.34 -21.72
N GLY B 344 -9.74 24.58 -21.46
CA GLY B 344 -10.46 24.88 -20.24
C GLY B 344 -11.94 24.68 -20.36
N MET B 345 -12.54 25.34 -21.36
CA MET B 345 -14.00 25.36 -21.47
C MET B 345 -14.57 23.96 -21.57
N ARG B 346 -13.88 23.06 -22.25
CA ARG B 346 -14.32 21.67 -22.22
C ARG B 346 -14.09 21.04 -20.87
N GLU B 347 -13.12 21.54 -20.10
CA GLU B 347 -12.98 21.04 -18.75
C GLU B 347 -14.10 21.52 -17.85
N LEU B 348 -14.51 22.78 -18.03
CA LEU B 348 -15.63 23.30 -17.25
C LEU B 348 -16.93 22.63 -17.64
N TRP B 349 -17.20 22.57 -18.93
CA TRP B 349 -18.44 21.97 -19.41
C TRP B 349 -18.53 20.49 -19.07
N ALA B 350 -17.39 19.84 -18.84
CA ALA B 350 -17.39 18.41 -18.57
C ALA B 350 -17.51 18.08 -17.09
N THR B 351 -17.02 18.94 -16.20
CA THR B 351 -17.11 18.68 -14.78
C THR B 351 -17.52 19.89 -13.95
N GLY B 352 -17.65 21.07 -14.55
CA GLY B 352 -18.07 22.23 -13.80
C GLY B 352 -17.06 22.64 -12.73
N TRP B 353 -15.81 22.81 -13.15
CA TRP B 353 -14.77 23.28 -12.24
C TRP B 353 -13.50 23.51 -13.04
N MET B 354 -12.72 24.50 -12.62
CA MET B 354 -11.46 24.80 -13.26
C MET B 354 -10.44 25.12 -12.19
N HIS B 355 -9.20 25.30 -12.60
CA HIS B 355 -8.14 25.68 -11.70
C HIS B 355 -7.99 27.20 -11.69
N ASN B 356 -7.49 27.73 -10.58
CA ASN B 356 -7.46 29.18 -10.39
C ASN B 356 -6.65 29.88 -11.47
N ARG B 357 -5.63 29.23 -12.03
CA ARG B 357 -4.90 29.83 -13.13
C ARG B 357 -5.80 29.99 -14.35
N ILE B 358 -6.43 28.90 -14.78
CA ILE B 358 -7.26 28.94 -15.98
C ILE B 358 -8.41 29.92 -15.82
N ARG B 359 -8.92 30.08 -14.59
CA ARG B 359 -10.01 31.02 -14.38
C ARG B 359 -9.59 32.47 -14.60
N VAL B 360 -8.29 32.73 -14.71
CA VAL B 360 -7.83 34.07 -15.03
C VAL B 360 -7.25 34.14 -16.43
N ILE B 361 -7.24 33.05 -17.17
CA ILE B 361 -6.81 33.08 -18.56
C ILE B 361 -7.99 33.16 -19.51
N VAL B 362 -9.01 32.33 -19.27
CA VAL B 362 -10.21 32.37 -20.11
C VAL B 362 -10.93 33.70 -19.96
N SER B 363 -10.76 34.36 -18.83
CA SER B 363 -11.35 35.68 -18.64
C SER B 363 -10.59 36.75 -19.39
N SER B 364 -9.28 36.83 -19.17
CA SER B 364 -8.46 37.87 -19.78
C SER B 364 -8.57 37.83 -21.30
N PHE B 365 -8.60 36.65 -21.88
CA PHE B 365 -8.82 36.52 -23.32
C PHE B 365 -10.27 36.80 -23.67
N ALA B 366 -11.19 36.62 -22.72
CA ALA B 366 -12.60 36.82 -23.01
C ALA B 366 -12.95 38.28 -23.22
N VAL B 367 -12.12 39.20 -22.74
CA VAL B 367 -12.38 40.63 -22.82
C VAL B 367 -11.27 41.36 -23.55
N LYS B 368 -10.02 41.09 -23.18
CA LYS B 368 -8.91 41.83 -23.75
C LYS B 368 -8.68 41.51 -25.22
N PHE B 369 -9.11 40.35 -25.69
CA PHE B 369 -8.90 39.95 -27.07
C PHE B 369 -10.18 39.64 -27.81
N LEU B 370 -11.20 39.12 -27.15
CA LEU B 370 -12.46 38.79 -27.82
C LEU B 370 -13.48 39.91 -27.81
N LEU B 371 -13.26 40.97 -27.03
CA LEU B 371 -14.13 42.14 -27.05
C LEU B 371 -15.51 41.84 -26.52
N LEU B 372 -15.64 40.87 -25.60
CA LEU B 372 -17.01 40.69 -25.16
C LEU B 372 -17.29 41.49 -23.88
N PRO B 373 -18.55 41.75 -23.59
CA PRO B 373 -18.88 42.54 -22.39
C PRO B 373 -18.68 41.72 -21.14
N ALA B 374 -18.38 42.41 -20.05
CA ALA B 374 -18.16 41.73 -18.78
C ALA B 374 -19.43 41.07 -18.27
N LYS B 375 -20.56 41.76 -18.39
CA LYS B 375 -21.83 41.26 -17.85
C LYS B 375 -22.17 39.89 -18.42
N TRP B 376 -21.92 39.70 -19.73
CA TRP B 376 -22.05 38.36 -20.29
C TRP B 376 -21.06 37.40 -19.64
N GLY B 377 -19.93 37.90 -19.19
CA GLY B 377 -18.93 37.05 -18.58
C GLY B 377 -19.41 36.41 -17.29
N MET B 378 -19.75 37.25 -16.31
CA MET B 378 -19.98 36.76 -14.95
C MET B 378 -21.11 35.75 -14.91
N LYS B 379 -22.17 35.97 -15.67
CA LYS B 379 -23.34 35.09 -15.54
C LYS B 379 -23.07 33.70 -16.06
N TYR B 380 -22.23 33.55 -17.10
CA TYR B 380 -21.98 32.21 -17.60
C TYR B 380 -21.24 31.37 -16.57
N PHE B 381 -20.23 31.93 -15.93
CA PHE B 381 -19.71 31.29 -14.73
C PHE B 381 -20.82 31.18 -13.69
N TRP B 382 -21.65 32.21 -13.59
CA TRP B 382 -22.71 32.23 -12.58
C TRP B 382 -23.71 31.11 -12.77
N ASP B 383 -23.84 30.58 -13.98
CA ASP B 383 -24.83 29.56 -14.24
C ASP B 383 -24.30 28.15 -14.15
N THR B 384 -22.99 27.95 -14.33
CA THR B 384 -22.44 26.61 -14.40
C THR B 384 -21.42 26.29 -13.33
N LEU B 385 -20.68 27.28 -12.83
CA LEU B 385 -19.60 27.00 -11.88
C LEU B 385 -20.17 26.44 -10.59
N LEU B 386 -19.66 25.28 -10.17
CA LEU B 386 -20.18 24.61 -8.98
C LEU B 386 -20.03 25.49 -7.75
N ASP B 387 -18.90 26.17 -7.61
CA ASP B 387 -18.62 26.98 -6.43
C ASP B 387 -18.86 28.46 -6.69
N ALA B 388 -19.90 28.80 -7.45
CA ALA B 388 -20.13 30.19 -7.80
C ALA B 388 -20.58 30.98 -6.59
N ASP B 389 -19.64 31.59 -5.88
CA ASP B 389 -19.94 32.51 -4.79
C ASP B 389 -19.71 33.91 -5.29
N LEU B 390 -20.74 34.76 -5.17
CA LEU B 390 -20.70 36.08 -5.80
C LEU B 390 -19.55 36.92 -5.27
N GLU B 391 -19.37 36.94 -3.95
CA GLU B 391 -18.30 37.74 -3.36
C GLU B 391 -16.93 37.33 -3.87
N CYS B 392 -16.71 36.03 -4.04
CA CYS B 392 -15.48 35.54 -4.62
C CYS B 392 -15.51 35.52 -6.14
N ASP B 393 -16.42 36.27 -6.75
CA ASP B 393 -16.46 36.35 -8.20
C ASP B 393 -16.13 37.74 -8.71
N ILE B 394 -16.71 38.78 -8.12
CA ILE B 394 -16.31 40.13 -8.51
C ILE B 394 -14.84 40.34 -8.22
N LEU B 395 -14.33 39.73 -7.14
CA LEU B 395 -12.89 39.71 -6.92
C LEU B 395 -12.18 38.98 -8.04
N GLY B 396 -12.84 37.99 -8.63
CA GLY B 396 -12.23 37.27 -9.73
C GLY B 396 -12.03 38.13 -10.95
N TRP B 397 -12.93 39.10 -11.17
CA TRP B 397 -12.84 39.92 -12.37
C TRP B 397 -12.14 41.24 -12.16
N GLN B 398 -12.21 41.82 -10.96
CA GLN B 398 -11.45 43.04 -10.71
C GLN B 398 -9.96 42.79 -10.57
N TYR B 399 -9.55 41.54 -10.34
CA TYR B 399 -8.13 41.21 -10.43
C TYR B 399 -7.61 41.36 -11.84
N ILE B 400 -8.49 41.36 -12.84
CA ILE B 400 -8.11 41.51 -14.24
C ILE B 400 -8.66 42.78 -14.85
N SER B 401 -9.23 43.68 -14.06
CA SER B 401 -9.75 44.91 -14.61
C SER B 401 -9.66 46.06 -13.61
N ASN B 415 1.00 37.00 -25.53
CA ASN B 415 1.15 35.64 -26.02
C ASN B 415 0.93 34.62 -24.91
N PRO B 416 0.38 33.46 -25.25
CA PRO B 416 0.17 32.43 -24.23
C PRO B 416 1.39 31.55 -24.01
N ALA B 417 2.30 31.51 -24.99
CA ALA B 417 3.48 30.66 -24.86
C ALA B 417 4.34 31.09 -23.68
N LEU B 418 4.44 32.41 -23.45
CA LEU B 418 5.10 32.91 -22.25
C LEU B 418 4.44 32.35 -21.00
N GLN B 419 3.14 32.56 -20.86
CA GLN B 419 2.35 31.97 -19.79
C GLN B 419 2.09 30.49 -20.03
N GLY B 420 2.51 29.94 -21.17
CA GLY B 420 2.38 28.52 -21.38
C GLY B 420 3.43 27.70 -20.64
N ALA B 421 4.45 28.37 -20.11
CA ALA B 421 5.55 27.66 -19.46
C ALA B 421 5.40 27.59 -17.95
N LYS B 422 5.01 28.70 -17.31
CA LYS B 422 4.97 28.73 -15.86
C LYS B 422 3.86 27.84 -15.30
N TYR B 423 2.82 27.57 -16.09
CA TYR B 423 1.66 26.87 -15.58
C TYR B 423 1.59 25.41 -16.02
N ASP B 424 2.12 25.09 -17.19
CA ASP B 424 2.10 23.72 -17.72
C ASP B 424 3.25 23.56 -18.68
N PRO B 425 4.41 23.17 -18.19
CA PRO B 425 5.60 23.12 -19.04
C PRO B 425 5.62 21.94 -20.00
N GLU B 426 5.30 20.75 -19.49
CA GLU B 426 5.38 19.55 -20.33
C GLU B 426 4.28 19.50 -21.38
N GLY B 427 3.26 20.33 -21.27
CA GLY B 427 2.13 20.23 -22.18
C GLY B 427 1.32 18.98 -21.98
N GLU B 428 1.33 18.39 -20.79
CA GLU B 428 0.51 17.23 -20.53
C GLU B 428 -0.97 17.57 -20.52
N TYR B 429 -1.32 18.82 -20.24
CA TYR B 429 -2.72 19.16 -20.07
C TYR B 429 -3.48 19.15 -21.38
N ILE B 430 -2.93 19.79 -22.42
CA ILE B 430 -3.67 19.93 -23.66
C ILE B 430 -3.93 18.61 -24.34
N ARG B 431 -3.12 17.59 -24.09
CA ARG B 431 -3.33 16.28 -24.69
C ARG B 431 -4.25 15.40 -23.86
N GLN B 432 -5.02 15.99 -22.94
CA GLN B 432 -6.06 15.27 -22.24
C GLN B 432 -7.45 15.72 -22.61
N TRP B 433 -7.62 16.97 -23.03
CA TRP B 433 -8.93 17.51 -23.36
C TRP B 433 -9.05 17.91 -24.82
N LEU B 434 -7.98 17.84 -25.59
CA LEU B 434 -8.03 18.06 -27.04
C LEU B 434 -7.16 17.00 -27.70
N PRO B 435 -7.65 15.77 -27.77
CA PRO B 435 -6.81 14.68 -28.27
C PRO B 435 -6.41 14.80 -29.72
N GLU B 436 -6.92 15.80 -30.44
CA GLU B 436 -6.51 15.99 -31.82
C GLU B 436 -5.03 16.35 -31.92
N LEU B 437 -4.47 16.93 -30.86
CA LEU B 437 -3.08 17.40 -30.86
C LEU B 437 -2.15 16.39 -30.21
N ALA B 438 -2.41 15.09 -30.40
CA ALA B 438 -1.60 14.08 -29.76
C ALA B 438 -0.17 14.04 -30.29
N ARG B 439 0.09 14.68 -31.42
CA ARG B 439 1.37 14.56 -32.10
C ARG B 439 1.98 15.93 -32.33
N LEU B 440 2.02 16.75 -31.31
CA LEU B 440 2.73 18.01 -31.40
C LEU B 440 3.68 18.17 -30.22
N PRO B 441 4.90 18.63 -30.46
CA PRO B 441 5.82 18.86 -29.36
C PRO B 441 5.54 20.20 -28.71
N THR B 442 5.95 20.33 -27.45
CA THR B 442 5.64 21.52 -26.67
C THR B 442 6.21 22.78 -27.28
N GLU B 443 7.24 22.67 -28.13
CA GLU B 443 7.74 23.86 -28.81
C GLU B 443 6.77 24.42 -29.84
N TRP B 444 5.74 23.66 -30.21
CA TRP B 444 4.71 24.19 -31.09
C TRP B 444 3.30 23.82 -30.64
N ILE B 445 3.13 23.20 -29.48
CA ILE B 445 1.78 22.82 -29.08
C ILE B 445 1.00 24.02 -28.61
N HIS B 446 1.65 25.02 -28.03
CA HIS B 446 0.93 26.11 -27.40
C HIS B 446 0.60 27.25 -28.36
N HIS B 447 0.96 27.13 -29.63
CA HIS B 447 0.47 28.08 -30.62
C HIS B 447 0.60 27.48 -32.02
N PRO B 448 -0.39 26.70 -32.47
CA PRO B 448 -0.24 25.98 -33.74
C PRO B 448 -0.24 26.88 -34.96
N TRP B 449 -0.80 28.09 -34.87
CA TRP B 449 -1.06 28.87 -36.07
C TRP B 449 0.21 29.27 -36.79
N ASP B 450 1.33 29.39 -36.08
CA ASP B 450 2.56 29.91 -36.65
C ASP B 450 3.67 28.89 -36.76
N ALA B 451 3.42 27.63 -36.39
CA ALA B 451 4.46 26.63 -36.45
C ALA B 451 4.89 26.42 -37.91
N PRO B 452 6.05 25.79 -38.11
CA PRO B 452 6.51 25.53 -39.49
C PRO B 452 5.53 24.61 -40.22
N LEU B 453 5.35 24.89 -41.51
CA LEU B 453 4.30 24.22 -42.27
C LEU B 453 4.52 22.72 -42.36
N THR B 454 5.77 22.27 -42.33
CA THR B 454 6.02 20.84 -42.44
C THR B 454 5.60 20.10 -41.17
N VAL B 455 5.82 20.71 -40.01
CA VAL B 455 5.55 20.03 -38.76
C VAL B 455 4.06 19.75 -38.60
N LEU B 456 3.22 20.64 -39.11
CA LEU B 456 1.78 20.41 -39.02
C LEU B 456 1.36 19.26 -39.91
N LYS B 457 1.99 19.11 -41.08
CA LYS B 457 1.62 18.03 -41.98
C LYS B 457 1.99 16.68 -41.39
N ALA B 458 3.22 16.54 -40.90
CA ALA B 458 3.66 15.27 -40.34
C ALA B 458 2.84 14.88 -39.13
N SER B 459 2.35 15.85 -38.38
CA SER B 459 1.40 15.59 -37.32
C SER B 459 -0.01 15.57 -37.89
N GLY B 460 -0.95 15.09 -37.09
CA GLY B 460 -2.31 14.98 -37.54
C GLY B 460 -3.11 16.27 -37.38
N VAL B 461 -2.57 17.37 -37.88
CA VAL B 461 -3.22 18.67 -37.73
C VAL B 461 -3.15 19.39 -39.06
N GLU B 462 -4.29 19.56 -39.70
CA GLU B 462 -4.45 20.47 -40.83
C GLU B 462 -5.41 21.56 -40.41
N LEU B 463 -4.93 22.80 -40.42
CA LEU B 463 -5.72 23.91 -39.89
C LEU B 463 -7.04 24.06 -40.63
N GLY B 464 -8.13 24.12 -39.87
CA GLY B 464 -9.45 24.33 -40.38
C GLY B 464 -10.27 23.07 -40.56
N THR B 465 -9.62 21.94 -40.89
CA THR B 465 -10.35 20.73 -41.22
C THR B 465 -10.54 19.81 -40.04
N ASN B 466 -9.55 19.68 -39.15
CA ASN B 466 -9.74 19.01 -37.88
C ASN B 466 -9.32 19.89 -36.73
N TYR B 467 -9.12 21.18 -36.97
CA TYR B 467 -9.01 22.18 -35.92
C TYR B 467 -9.14 23.55 -36.54
N ALA B 468 -9.87 24.43 -35.85
CA ALA B 468 -10.16 25.76 -36.37
C ALA B 468 -9.01 26.72 -36.06
N LYS B 469 -8.85 27.73 -36.92
CA LYS B 469 -7.80 28.71 -36.77
C LYS B 469 -8.01 29.51 -35.51
N PRO B 470 -7.01 30.27 -35.07
CA PRO B 470 -7.22 31.23 -33.98
C PRO B 470 -8.25 32.27 -34.40
N ILE B 471 -9.21 32.53 -33.50
CA ILE B 471 -10.36 33.34 -33.91
C ILE B 471 -9.96 34.81 -34.09
N VAL B 472 -8.94 35.26 -33.37
CA VAL B 472 -8.44 36.62 -33.56
C VAL B 472 -6.93 36.58 -33.54
N ASP B 473 -6.31 37.40 -34.40
CA ASP B 473 -4.86 37.43 -34.50
C ASP B 473 -4.28 38.07 -33.25
N ILE B 474 -3.48 37.29 -32.50
CA ILE B 474 -2.89 37.80 -31.27
C ILE B 474 -1.88 38.90 -31.55
N ASP B 475 -1.23 38.87 -32.71
CA ASP B 475 -0.08 39.74 -32.94
C ASP B 475 -0.48 41.20 -32.95
N THR B 476 -1.56 41.55 -33.64
CA THR B 476 -1.97 42.94 -33.75
C THR B 476 -2.92 43.33 -32.61
N ALA B 477 -4.08 42.68 -32.54
CA ALA B 477 -5.06 43.00 -31.52
C ALA B 477 -4.82 42.16 -30.27
N LYS C 5 32.84 -23.36 -35.25
CA LYS C 5 33.99 -22.67 -34.67
C LYS C 5 33.80 -21.16 -34.69
N LYS C 6 33.78 -20.56 -35.87
CA LYS C 6 33.52 -19.13 -36.02
C LYS C 6 32.26 -18.96 -36.87
N THR C 7 31.29 -18.23 -36.34
CA THR C 7 29.96 -18.19 -36.92
C THR C 7 29.43 -16.77 -36.92
N ILE C 8 28.44 -16.53 -37.77
CA ILE C 8 27.80 -15.24 -37.94
C ILE C 8 26.32 -15.39 -37.61
N VAL C 9 25.90 -14.86 -36.46
CA VAL C 9 24.51 -14.90 -36.05
C VAL C 9 23.77 -13.77 -36.74
N TRP C 10 22.59 -14.08 -37.30
CA TRP C 10 21.80 -13.16 -38.09
C TRP C 10 20.53 -12.82 -37.33
N PHE C 11 20.24 -11.53 -37.17
CA PHE C 11 19.04 -11.08 -36.48
C PHE C 11 18.08 -10.45 -37.45
N ARG C 12 16.86 -11.00 -37.53
CA ARG C 12 15.84 -10.47 -38.41
C ARG C 12 14.61 -9.95 -37.66
N ARG C 13 13.95 -10.78 -36.86
CA ARG C 13 12.81 -10.28 -36.09
C ARG C 13 12.71 -10.94 -34.72
N ASP C 14 13.82 -11.30 -34.12
CA ASP C 14 13.84 -12.01 -32.84
C ASP C 14 14.82 -11.34 -31.88
N LEU C 15 14.68 -10.03 -31.72
CA LEU C 15 15.65 -9.25 -30.97
C LEU C 15 15.56 -9.51 -29.46
N ARG C 16 15.89 -10.72 -29.04
CA ARG C 16 15.98 -11.05 -27.63
C ARG C 16 17.21 -11.91 -27.41
N ILE C 17 17.68 -11.91 -26.16
CA ILE C 17 18.80 -12.75 -25.76
C ILE C 17 18.34 -13.99 -25.02
N GLU C 18 17.33 -13.86 -24.17
CA GLU C 18 16.78 -15.00 -23.47
C GLU C 18 15.99 -15.85 -24.46
N ASP C 19 16.36 -17.12 -24.57
CA ASP C 19 15.60 -18.09 -25.36
C ASP C 19 15.68 -17.80 -26.86
N ASN C 20 16.85 -17.43 -27.33
CA ASN C 20 17.06 -17.32 -28.77
C ASN C 20 17.81 -18.55 -29.22
N PRO C 21 17.11 -19.63 -29.55
CA PRO C 21 17.79 -20.90 -29.81
C PRO C 21 18.73 -20.85 -31.00
N ALA C 22 18.53 -19.92 -31.93
CA ALA C 22 19.51 -19.78 -33.00
C ALA C 22 20.85 -19.33 -32.46
N LEU C 23 20.84 -18.63 -31.31
CA LEU C 23 22.06 -18.08 -30.72
C LEU C 23 22.72 -19.06 -29.76
N ALA C 24 21.94 -19.62 -28.83
CA ALA C 24 22.50 -20.53 -27.85
C ALA C 24 23.15 -21.74 -28.51
N ALA C 25 22.61 -22.20 -29.64
CA ALA C 25 23.28 -23.23 -30.41
C ALA C 25 24.67 -22.78 -30.84
N ALA C 26 24.79 -21.51 -31.25
CA ALA C 26 26.09 -20.92 -31.53
C ALA C 26 26.78 -20.46 -30.26
N ALA C 27 26.22 -20.74 -29.10
CA ALA C 27 26.90 -20.52 -27.83
C ALA C 27 27.71 -21.73 -27.38
N HIS C 28 27.85 -22.74 -28.24
CA HIS C 28 28.66 -23.90 -27.93
C HIS C 28 29.88 -24.05 -28.82
N GLU C 29 29.79 -23.64 -30.08
CA GLU C 29 30.89 -23.90 -31.01
C GLU C 29 32.09 -23.00 -30.73
N GLY C 30 31.90 -21.70 -30.87
CA GLY C 30 33.02 -20.78 -30.75
C GLY C 30 32.61 -19.33 -30.62
N SER C 31 33.32 -18.44 -31.32
CA SER C 31 33.09 -17.01 -31.22
C SER C 31 31.95 -16.58 -32.13
N VAL C 32 31.18 -15.59 -31.68
CA VAL C 32 30.04 -15.09 -32.42
C VAL C 32 30.05 -13.58 -32.37
N PHE C 33 29.49 -12.96 -33.40
CA PHE C 33 29.23 -11.52 -33.33
C PHE C 33 27.96 -11.22 -34.09
N PRO C 34 27.01 -10.53 -33.47
CA PRO C 34 25.69 -10.34 -34.08
C PRO C 34 25.75 -9.46 -35.30
N VAL C 35 24.65 -9.46 -36.06
CA VAL C 35 24.52 -8.64 -37.26
C VAL C 35 23.06 -8.29 -37.48
N PHE C 36 22.81 -7.07 -37.93
CA PHE C 36 21.50 -6.64 -38.42
C PHE C 36 21.67 -6.02 -39.79
N ILE C 37 21.18 -6.69 -40.82
CA ILE C 37 21.29 -6.22 -42.19
C ILE C 37 20.02 -5.45 -42.53
N TRP C 38 20.17 -4.38 -43.29
CA TRP C 38 19.03 -3.62 -43.81
C TRP C 38 19.19 -3.42 -45.30
N CYS C 39 18.08 -3.53 -46.02
CA CYS C 39 18.03 -3.21 -47.44
C CYS C 39 16.62 -2.78 -47.76
N PRO C 40 16.41 -1.50 -48.03
CA PRO C 40 15.09 -1.03 -48.43
C PRO C 40 14.85 -1.20 -49.92
N GLU C 41 15.66 -2.04 -50.56
CA GLU C 41 15.60 -2.25 -52.00
C GLU C 41 15.15 -3.65 -52.38
N GLU C 42 14.81 -4.49 -51.40
CA GLU C 42 14.29 -5.82 -51.68
C GLU C 42 12.82 -6.00 -51.29
N GLU C 43 12.26 -5.08 -50.51
CA GLU C 43 10.85 -5.20 -50.12
C GLU C 43 9.94 -4.46 -51.09
N GLY C 44 10.38 -3.32 -51.60
CA GLY C 44 9.56 -2.53 -52.49
C GLY C 44 8.26 -2.09 -51.84
N GLN C 45 7.16 -2.74 -52.22
CA GLN C 45 5.87 -2.44 -51.63
C GLN C 45 5.76 -2.86 -50.17
N PHE C 46 6.73 -3.62 -49.65
CA PHE C 46 6.65 -4.13 -48.30
C PHE C 46 7.44 -3.31 -47.30
N TYR C 47 7.86 -2.11 -47.67
CA TYR C 47 8.61 -1.23 -46.79
C TYR C 47 7.81 -0.96 -45.53
N PRO C 48 8.32 -1.30 -44.36
CA PRO C 48 7.53 -1.10 -43.13
C PRO C 48 7.20 0.36 -42.92
N GLY C 49 6.05 0.59 -42.28
CA GLY C 49 5.47 1.91 -42.23
C GLY C 49 6.27 2.90 -41.41
N ARG C 50 5.61 4.01 -41.09
CA ARG C 50 6.26 5.07 -40.36
C ARG C 50 6.43 4.72 -38.89
N ALA C 51 5.32 4.45 -38.21
CA ALA C 51 5.41 4.08 -36.80
C ALA C 51 5.99 2.69 -36.60
N SER C 52 5.98 1.84 -37.63
CA SER C 52 6.67 0.56 -37.54
C SER C 52 8.17 0.77 -37.43
N ARG C 53 8.74 1.60 -38.32
CA ARG C 53 10.17 1.82 -38.33
C ARG C 53 10.67 2.35 -37.00
N TRP C 54 9.94 3.28 -36.39
CA TRP C 54 10.39 3.84 -35.11
C TRP C 54 10.53 2.77 -34.04
N TRP C 55 9.78 1.68 -34.16
CA TRP C 55 9.92 0.60 -33.20
C TRP C 55 11.30 -0.03 -33.28
N MET C 56 11.80 -0.27 -34.50
CA MET C 56 13.14 -0.82 -34.63
C MET C 56 14.18 0.12 -34.07
N LYS C 57 14.09 1.41 -34.42
CA LYS C 57 15.06 2.39 -33.94
C LYS C 57 15.06 2.50 -32.43
N GLN C 58 13.94 2.18 -31.79
CA GLN C 58 13.85 2.25 -30.34
C GLN C 58 13.96 0.88 -29.69
N SER C 59 14.24 -0.17 -30.46
CA SER C 59 14.49 -1.48 -29.87
C SER C 59 15.93 -1.94 -30.05
N LEU C 60 16.54 -1.66 -31.20
CA LEU C 60 17.94 -2.02 -31.40
C LEU C 60 18.84 -1.35 -30.37
N ALA C 61 18.68 -0.02 -30.21
CA ALA C 61 19.50 0.71 -29.26
C ALA C 61 19.34 0.16 -27.85
N HIS C 62 18.16 -0.34 -27.52
CA HIS C 62 18.00 -1.04 -26.26
C HIS C 62 18.73 -2.37 -26.27
N LEU C 63 18.78 -3.05 -27.42
CA LEU C 63 19.39 -4.36 -27.47
C LEU C 63 20.90 -4.28 -27.38
N SER C 64 21.50 -3.33 -28.10
CA SER C 64 22.96 -3.27 -28.22
C SER C 64 23.63 -3.15 -26.86
N GLN C 65 23.06 -2.34 -25.97
CA GLN C 65 23.61 -2.23 -24.63
C GLN C 65 23.56 -3.54 -23.87
N SER C 66 22.56 -4.38 -24.16
CA SER C 66 22.45 -5.64 -23.45
C SER C 66 23.55 -6.61 -23.86
N LEU C 67 23.92 -6.63 -25.14
CA LEU C 67 24.95 -7.56 -25.59
C LEU C 67 26.35 -7.09 -25.22
N LYS C 68 26.54 -5.79 -24.99
CA LYS C 68 27.87 -5.31 -24.61
C LYS C 68 28.21 -5.63 -23.17
N ALA C 69 27.21 -5.93 -22.33
CA ALA C 69 27.48 -6.42 -20.99
C ALA C 69 28.02 -7.84 -20.97
N LEU C 70 28.02 -8.52 -22.12
CA LEU C 70 28.53 -9.87 -22.23
C LEU C 70 29.74 -9.98 -23.14
N GLY C 71 30.24 -8.85 -23.66
CA GLY C 71 31.39 -8.88 -24.52
C GLY C 71 31.09 -9.14 -25.98
N SER C 72 30.24 -8.28 -26.57
CA SER C 72 29.90 -8.38 -27.98
C SER C 72 29.52 -7.00 -28.50
N ASP C 73 29.30 -6.92 -29.81
CA ASP C 73 28.99 -5.65 -30.44
C ASP C 73 28.14 -5.91 -31.69
N LEU C 74 26.83 -5.67 -31.59
CA LEU C 74 25.95 -5.83 -32.74
C LEU C 74 26.37 -4.88 -33.86
N THR C 75 26.77 -5.45 -34.99
CA THR C 75 27.14 -4.66 -36.15
C THR C 75 25.90 -4.42 -37.00
N LEU C 76 25.87 -3.28 -37.69
CA LEU C 76 24.74 -2.89 -38.52
C LEU C 76 25.24 -2.60 -39.93
N ILE C 77 24.49 -3.05 -40.94
CA ILE C 77 24.95 -2.94 -42.32
C ILE C 77 23.79 -2.58 -43.24
N LYS C 78 24.10 -1.76 -44.24
CA LYS C 78 23.24 -1.53 -45.40
C LYS C 78 23.83 -2.21 -46.62
N THR C 79 22.96 -2.55 -47.56
CA THR C 79 23.39 -3.14 -48.82
C THR C 79 22.17 -3.28 -49.74
N HIS C 80 22.38 -3.26 -51.06
CA HIS C 80 21.27 -3.44 -51.98
C HIS C 80 20.91 -4.91 -52.12
N ASN C 81 21.89 -5.80 -52.00
CA ASN C 81 21.68 -7.24 -52.11
C ASN C 81 22.37 -7.94 -50.94
N THR C 82 21.57 -8.49 -50.03
CA THR C 82 22.06 -9.15 -48.82
C THR C 82 23.09 -10.22 -49.13
N ILE C 83 22.88 -10.94 -50.22
CA ILE C 83 23.81 -12.01 -50.61
C ILE C 83 25.21 -11.42 -50.80
N SER C 84 25.33 -10.40 -51.65
CA SER C 84 26.59 -9.69 -51.76
C SER C 84 26.98 -9.04 -50.45
N ALA C 85 26.00 -8.71 -49.60
CA ALA C 85 26.30 -8.08 -48.32
C ALA C 85 27.03 -9.04 -47.40
N ILE C 86 26.41 -10.18 -47.09
CA ILE C 86 26.99 -11.11 -46.13
C ILE C 86 28.33 -11.64 -46.61
N LEU C 87 28.51 -11.75 -47.92
CA LEU C 87 29.81 -12.20 -48.44
C LEU C 87 30.92 -11.25 -48.04
N ASP C 88 30.61 -9.97 -47.83
CA ASP C 88 31.60 -9.04 -47.31
C ASP C 88 32.06 -9.48 -45.92
N CYS C 89 31.13 -9.94 -45.08
CA CYS C 89 31.53 -10.39 -43.75
C CYS C 89 32.46 -11.59 -43.82
N ILE C 90 32.27 -12.45 -44.82
CA ILE C 90 33.22 -13.53 -45.04
C ILE C 90 34.59 -12.95 -45.42
N ARG C 91 34.59 -11.79 -46.09
CA ARG C 91 35.83 -11.20 -46.56
C ARG C 91 36.80 -10.87 -45.43
N VAL C 92 36.30 -10.70 -44.22
CA VAL C 92 37.17 -10.29 -43.12
C VAL C 92 37.09 -11.30 -41.97
N THR C 93 35.87 -11.69 -41.60
CA THR C 93 35.73 -12.64 -40.50
C THR C 93 36.31 -14.00 -40.87
N GLY C 94 35.94 -14.52 -42.03
CA GLY C 94 36.34 -15.85 -42.41
C GLY C 94 35.78 -16.91 -41.49
N ALA C 95 34.51 -16.75 -41.11
CA ALA C 95 33.87 -17.70 -40.19
C ALA C 95 33.55 -18.99 -40.95
N THR C 96 32.81 -19.88 -40.32
CA THR C 96 32.59 -21.16 -41.00
C THR C 96 31.12 -21.54 -41.12
N LYS C 97 30.32 -21.30 -40.09
CA LYS C 97 28.89 -21.63 -40.14
C LYS C 97 28.07 -20.36 -40.21
N VAL C 98 26.76 -20.52 -40.40
CA VAL C 98 25.82 -19.41 -40.36
C VAL C 98 24.50 -19.92 -39.81
N VAL C 99 24.00 -19.28 -38.77
CA VAL C 99 22.77 -19.66 -38.11
C VAL C 99 21.83 -18.47 -38.10
N PHE C 100 20.54 -18.74 -38.30
CA PHE C 100 19.54 -17.67 -38.29
C PHE C 100 18.23 -18.26 -37.76
N ASN C 101 17.14 -17.54 -37.99
CA ASN C 101 15.82 -18.01 -37.61
C ASN C 101 14.95 -18.16 -38.86
N HIS C 102 13.85 -18.88 -38.69
CA HIS C 102 12.89 -19.02 -39.76
C HIS C 102 11.91 -17.86 -39.76
N LEU C 103 11.51 -17.45 -40.95
CA LEU C 103 10.38 -16.55 -41.13
C LEU C 103 9.42 -17.18 -42.13
N TYR C 104 8.29 -16.52 -42.34
CA TYR C 104 7.25 -17.11 -43.16
C TYR C 104 6.62 -16.15 -44.15
N ASP C 105 6.87 -14.85 -44.04
CA ASP C 105 6.33 -13.89 -44.99
C ASP C 105 6.79 -14.22 -46.41
N PRO C 106 6.03 -13.83 -47.42
CA PRO C 106 6.35 -14.24 -48.79
C PRO C 106 7.55 -13.55 -49.40
N VAL C 107 8.16 -12.60 -48.69
CA VAL C 107 9.37 -11.96 -49.22
C VAL C 107 10.62 -12.70 -48.78
N SER C 108 10.60 -13.34 -47.62
CA SER C 108 11.80 -13.95 -47.09
C SER C 108 12.02 -15.36 -47.62
N LEU C 109 10.96 -16.14 -47.76
CA LEU C 109 11.09 -17.51 -48.23
C LEU C 109 11.73 -17.59 -49.60
N VAL C 110 11.53 -16.57 -50.43
CA VAL C 110 12.20 -16.54 -51.72
C VAL C 110 13.67 -16.20 -51.56
N ARG C 111 13.97 -15.14 -50.80
CA ARG C 111 15.36 -14.73 -50.62
C ARG C 111 16.16 -15.81 -49.92
N ASP C 112 15.67 -16.27 -48.76
CA ASP C 112 16.43 -17.23 -47.98
C ASP C 112 16.61 -18.54 -48.72
N HIS C 113 15.64 -18.90 -49.56
CA HIS C 113 15.79 -20.09 -50.39
C HIS C 113 17.01 -19.98 -51.28
N THR C 114 17.28 -18.77 -51.78
CA THR C 114 18.49 -18.57 -52.56
C THR C 114 19.73 -18.63 -51.70
N VAL C 115 19.63 -18.22 -50.44
CA VAL C 115 20.82 -18.11 -49.59
C VAL C 115 21.44 -19.48 -49.36
N LYS C 116 20.62 -20.47 -49.00
CA LYS C 116 21.12 -21.81 -48.74
C LYS C 116 21.81 -22.38 -49.97
N GLU C 117 21.13 -22.33 -51.11
CA GLU C 117 21.66 -22.92 -52.33
C GLU C 117 22.70 -22.04 -53.00
N LYS C 118 23.04 -20.89 -52.42
CA LYS C 118 24.07 -20.03 -52.98
C LYS C 118 25.28 -19.87 -52.08
N LEU C 119 25.23 -20.36 -50.84
CA LEU C 119 26.41 -20.37 -49.99
C LEU C 119 27.07 -21.73 -49.89
N VAL C 120 26.35 -22.80 -50.23
CA VAL C 120 26.97 -24.12 -50.32
C VAL C 120 27.97 -24.17 -51.45
N GLU C 121 27.78 -23.34 -52.48
CA GLU C 121 28.78 -23.24 -53.54
C GLU C 121 30.12 -22.79 -53.00
N ARG C 122 30.12 -21.98 -51.94
CA ARG C 122 31.34 -21.55 -51.28
C ARG C 122 31.77 -22.50 -50.18
N GLY C 123 31.17 -23.69 -50.12
CA GLY C 123 31.53 -24.70 -49.15
C GLY C 123 31.37 -24.22 -47.72
N ILE C 124 30.17 -23.77 -47.37
CA ILE C 124 29.90 -23.18 -46.07
C ILE C 124 28.67 -23.85 -45.49
N SER C 125 28.83 -24.53 -44.36
CA SER C 125 27.69 -25.17 -43.70
C SER C 125 26.80 -24.09 -43.09
N VAL C 126 25.51 -24.21 -43.33
CA VAL C 126 24.54 -23.21 -42.90
C VAL C 126 23.34 -23.93 -42.30
N GLN C 127 22.88 -23.45 -41.15
CA GLN C 127 21.75 -24.05 -40.45
C GLN C 127 20.73 -22.98 -40.10
N SER C 128 19.53 -23.43 -39.79
CA SER C 128 18.47 -22.57 -39.29
C SER C 128 18.01 -23.10 -37.95
N TYR C 129 17.20 -22.30 -37.26
CA TYR C 129 16.67 -22.71 -35.96
C TYR C 129 15.35 -22.00 -35.73
N ASN C 130 14.28 -22.78 -35.64
CA ASN C 130 12.91 -22.25 -35.59
C ASN C 130 12.58 -21.91 -34.14
N GLY C 131 12.88 -20.66 -33.76
CA GLY C 131 12.61 -20.23 -32.40
C GLY C 131 11.60 -19.11 -32.34
N ASP C 132 10.56 -19.19 -33.17
CA ASP C 132 9.52 -18.17 -33.18
C ASP C 132 8.11 -18.70 -33.22
N LEU C 133 7.90 -20.00 -33.40
CA LEU C 133 6.56 -20.57 -33.47
C LEU C 133 6.45 -21.76 -32.54
N LEU C 134 5.21 -22.18 -32.28
CA LEU C 134 4.96 -23.29 -31.37
C LEU C 134 5.05 -24.62 -32.11
N TYR C 135 4.34 -24.75 -33.22
CA TYR C 135 4.40 -25.95 -34.04
C TYR C 135 4.74 -25.56 -35.47
N GLU C 136 5.41 -26.45 -36.16
CA GLU C 136 5.78 -26.18 -37.54
C GLU C 136 4.52 -26.12 -38.41
N PRO C 137 4.45 -25.17 -39.34
CA PRO C 137 3.30 -25.10 -40.24
C PRO C 137 3.23 -26.23 -41.24
N TRP C 138 4.24 -27.08 -41.34
CA TRP C 138 4.20 -28.21 -42.23
C TRP C 138 3.95 -29.54 -41.55
N GLU C 139 4.25 -29.64 -40.25
CA GLU C 139 4.14 -30.93 -39.59
C GLU C 139 2.69 -31.33 -39.34
N ILE C 140 1.83 -30.37 -39.01
CA ILE C 140 0.41 -30.67 -38.77
C ILE C 140 -0.28 -30.91 -40.10
N TYR C 141 -0.93 -32.05 -40.23
CA TYR C 141 -1.71 -32.41 -41.41
C TYR C 141 -3.08 -32.88 -40.96
N CYS C 142 -3.91 -33.25 -41.93
CA CYS C 142 -5.09 -34.01 -41.61
C CYS C 142 -4.69 -35.46 -41.37
N GLU C 143 -5.68 -36.32 -41.18
CA GLU C 143 -5.41 -37.75 -41.12
C GLU C 143 -4.83 -38.24 -42.45
N LYS C 144 -5.38 -37.77 -43.57
CA LYS C 144 -4.92 -38.17 -44.89
C LYS C 144 -3.73 -37.36 -45.37
N GLY C 145 -3.12 -36.57 -44.50
CA GLY C 145 -1.98 -35.76 -44.88
C GLY C 145 -2.32 -34.45 -45.55
N LYS C 146 -3.58 -34.18 -45.83
CA LYS C 146 -3.98 -32.88 -46.33
C LYS C 146 -4.00 -31.86 -45.21
N PRO C 147 -4.01 -30.58 -45.53
CA PRO C 147 -4.07 -29.55 -44.49
C PRO C 147 -5.46 -29.50 -43.87
N PHE C 148 -5.53 -28.86 -42.71
CA PHE C 148 -6.81 -28.57 -42.11
C PHE C 148 -7.50 -27.45 -42.90
N THR C 149 -8.71 -27.09 -42.49
CA THR C 149 -9.44 -26.09 -43.26
C THR C 149 -10.00 -25.00 -42.37
N SER C 150 -10.33 -25.32 -41.13
CA SER C 150 -10.95 -24.36 -40.23
C SER C 150 -10.21 -24.35 -38.90
N PHE C 151 -10.26 -23.18 -38.25
CA PHE C 151 -9.47 -22.96 -37.03
C PHE C 151 -9.86 -23.93 -35.93
N ASN C 152 -11.13 -23.89 -35.49
CA ASN C 152 -11.54 -24.71 -34.37
C ASN C 152 -11.39 -26.20 -34.67
N SER C 153 -11.46 -26.57 -35.94
CA SER C 153 -11.09 -27.93 -36.33
C SER C 153 -9.59 -28.17 -36.18
N TYR C 154 -8.82 -27.11 -36.04
CA TYR C 154 -7.36 -27.18 -35.94
C TYR C 154 -6.87 -27.07 -34.51
N TRP C 155 -7.51 -26.24 -33.69
CA TRP C 155 -6.98 -25.97 -32.35
C TRP C 155 -7.04 -27.20 -31.46
N LYS C 156 -8.13 -27.96 -31.51
CA LYS C 156 -8.20 -29.18 -30.71
C LYS C 156 -7.13 -30.17 -31.12
N LYS C 157 -6.79 -30.21 -32.41
CA LYS C 157 -5.72 -31.08 -32.86
C LYS C 157 -4.36 -30.64 -32.34
N CYS C 158 -4.21 -29.38 -31.96
CA CYS C 158 -2.93 -28.87 -31.50
C CYS C 158 -2.77 -28.90 -30.00
N LEU C 159 -3.70 -29.48 -29.26
CA LEU C 159 -3.58 -29.58 -27.82
C LEU C 159 -3.04 -30.92 -27.37
N ASP C 160 -2.61 -31.78 -28.30
CA ASP C 160 -2.08 -33.09 -27.96
C ASP C 160 -0.85 -33.40 -28.80
N MET C 161 0.09 -32.46 -28.85
CA MET C 161 1.29 -32.65 -29.64
C MET C 161 2.41 -33.27 -28.81
N SER C 162 3.20 -34.12 -29.45
CA SER C 162 4.25 -34.89 -28.78
C SER C 162 5.63 -34.28 -28.95
N ILE C 163 6.08 -34.10 -30.20
CA ILE C 163 7.43 -33.62 -30.45
C ILE C 163 7.45 -32.12 -30.28
N GLU C 164 7.72 -31.67 -29.05
CA GLU C 164 7.72 -30.27 -28.69
C GLU C 164 9.10 -29.68 -28.98
N SER C 165 9.15 -28.34 -29.03
CA SER C 165 10.42 -27.65 -29.11
C SER C 165 11.09 -27.67 -27.73
N VAL C 166 12.20 -26.97 -27.60
CA VAL C 166 12.97 -26.98 -26.37
C VAL C 166 13.16 -25.56 -25.87
N MET C 167 13.24 -25.41 -24.55
CA MET C 167 13.56 -24.13 -23.93
C MET C 167 15.05 -24.05 -23.69
N LEU C 168 15.58 -22.82 -23.68
CA LEU C 168 17.01 -22.60 -23.59
C LEU C 168 17.35 -21.55 -22.55
N PRO C 169 18.56 -21.58 -22.02
CA PRO C 169 19.02 -20.54 -21.12
C PRO C 169 19.79 -19.47 -21.88
N PRO C 170 20.11 -18.36 -21.23
CA PRO C 170 20.99 -17.38 -21.84
C PRO C 170 22.44 -17.66 -21.50
N PRO C 171 23.35 -17.57 -22.46
CA PRO C 171 24.76 -17.82 -22.16
C PRO C 171 25.31 -16.78 -21.22
N TRP C 172 26.50 -17.08 -20.68
CA TRP C 172 27.13 -16.19 -19.70
C TRP C 172 28.04 -15.19 -20.39
N ARG C 173 29.08 -15.68 -21.05
CA ARG C 173 30.07 -14.84 -21.70
C ARG C 173 30.21 -15.25 -23.16
N LEU C 174 30.14 -14.28 -24.05
CA LEU C 174 30.32 -14.53 -25.47
C LEU C 174 31.72 -14.11 -25.89
N MET C 175 32.40 -14.99 -26.60
CA MET C 175 33.72 -14.67 -27.11
C MET C 175 33.57 -13.91 -28.41
N PRO C 176 33.77 -12.61 -28.42
CA PRO C 176 33.63 -11.83 -29.65
C PRO C 176 34.84 -12.05 -30.56
N ILE C 177 34.81 -11.40 -31.71
CA ILE C 177 35.92 -11.46 -32.65
C ILE C 177 35.92 -10.17 -33.46
N THR C 178 37.03 -9.45 -33.43
CA THR C 178 37.17 -8.18 -34.13
C THR C 178 37.86 -8.42 -35.47
N ALA C 179 37.20 -7.98 -36.55
CA ALA C 179 37.65 -8.30 -37.89
C ALA C 179 38.41 -7.15 -38.55
N ALA C 180 37.76 -6.01 -38.72
CA ALA C 180 38.36 -4.90 -39.46
C ALA C 180 37.51 -3.65 -39.35
N ALA C 181 37.82 -2.63 -40.17
CA ALA C 181 36.92 -1.50 -40.36
C ALA C 181 35.51 -1.99 -40.64
N GLU C 182 34.54 -1.14 -40.30
CA GLU C 182 33.15 -1.58 -40.13
C GLU C 182 32.59 -2.33 -41.33
N ALA C 183 32.41 -1.66 -42.47
CA ALA C 183 31.90 -2.32 -43.66
C ALA C 183 31.97 -1.34 -44.83
N ILE C 184 31.44 -1.76 -45.96
CA ILE C 184 31.29 -0.91 -47.13
C ILE C 184 29.86 -0.40 -47.20
N TRP C 185 29.70 0.83 -47.68
CA TRP C 185 28.46 1.46 -48.09
C TRP C 185 27.60 2.00 -46.95
N ALA C 186 27.97 1.81 -45.68
CA ALA C 186 26.99 2.09 -44.64
C ALA C 186 27.70 2.44 -43.33
N CYS C 187 26.91 2.57 -42.28
CA CYS C 187 27.35 2.97 -40.95
C CYS C 187 26.31 2.45 -39.96
N SER C 188 26.32 3.00 -38.74
CA SER C 188 25.49 2.48 -37.68
C SER C 188 23.99 2.58 -37.98
N ILE C 189 23.44 3.78 -37.99
CA ILE C 189 22.01 3.97 -38.26
C ILE C 189 21.79 5.13 -39.22
N GLU C 190 22.83 5.93 -39.41
CA GLU C 190 22.66 7.21 -40.09
C GLU C 190 22.33 7.03 -41.56
N GLU C 191 23.05 6.12 -42.25
CA GLU C 191 22.80 5.92 -43.66
C GLU C 191 21.67 4.93 -43.92
N LEU C 192 21.33 4.10 -42.93
CA LEU C 192 20.12 3.29 -43.07
C LEU C 192 18.88 4.14 -42.93
N GLY C 193 18.93 5.17 -42.08
CA GLY C 193 17.84 6.10 -41.93
C GLY C 193 16.53 5.45 -41.57
N LEU C 194 16.45 4.86 -40.37
CA LEU C 194 15.19 4.31 -39.92
C LEU C 194 14.10 5.38 -39.89
N GLU C 195 14.47 6.62 -39.60
CA GLU C 195 13.54 7.73 -39.60
C GLU C 195 14.07 8.87 -40.45
N ASN C 196 13.15 9.57 -41.11
CA ASN C 196 13.49 10.85 -41.70
C ASN C 196 13.76 11.86 -40.59
N GLU C 197 14.18 13.05 -40.99
CA GLU C 197 14.60 14.02 -39.98
C GLU C 197 13.42 14.74 -39.35
N ALA C 198 12.62 15.43 -40.16
CA ALA C 198 11.58 16.29 -39.62
C ALA C 198 10.51 15.49 -38.88
N GLU C 199 10.33 14.22 -39.22
CA GLU C 199 9.33 13.41 -38.56
C GLU C 199 9.72 13.05 -37.13
N LYS C 200 10.97 13.30 -36.75
CA LYS C 200 11.45 12.83 -35.45
C LYS C 200 10.82 13.54 -34.26
N PRO C 201 10.72 14.87 -34.21
CA PRO C 201 10.23 15.52 -32.98
C PRO C 201 8.82 15.13 -32.61
N SER C 202 7.99 14.74 -33.58
CA SER C 202 6.63 14.35 -33.26
C SER C 202 6.57 12.96 -32.67
N ASN C 203 7.30 12.02 -33.27
CA ASN C 203 7.15 10.61 -32.93
C ASN C 203 7.44 10.33 -31.47
N ALA C 204 8.31 11.13 -30.85
CA ALA C 204 8.75 10.85 -29.48
C ALA C 204 7.60 10.93 -28.48
N LEU C 205 6.46 11.50 -28.85
CA LEU C 205 5.32 11.52 -27.95
C LEU C 205 4.64 10.16 -27.83
N LEU C 206 5.03 9.19 -28.66
CA LEU C 206 4.54 7.83 -28.47
C LEU C 206 5.13 7.18 -27.24
N THR C 207 6.31 7.63 -26.81
CA THR C 207 6.98 7.00 -25.69
C THR C 207 6.19 7.08 -24.40
N ARG C 208 5.25 8.03 -24.30
CA ARG C 208 4.49 8.17 -23.06
C ARG C 208 3.67 6.93 -22.75
N ALA C 209 3.21 6.23 -23.78
CA ALA C 209 2.34 5.07 -23.58
C ALA C 209 3.01 3.75 -23.93
N TRP C 210 4.25 3.76 -24.42
CA TRP C 210 4.96 2.52 -24.70
C TRP C 210 6.42 2.70 -24.30
N SER C 211 7.09 1.58 -24.09
CA SER C 211 8.50 1.56 -23.74
C SER C 211 9.11 0.33 -24.38
N PRO C 212 9.78 0.47 -25.52
CA PRO C 212 10.35 -0.68 -26.21
C PRO C 212 11.41 -1.37 -25.36
N GLY C 213 11.83 -2.54 -25.83
CA GLY C 213 12.91 -3.23 -25.16
C GLY C 213 12.48 -4.47 -24.42
N TRP C 214 13.16 -5.58 -24.71
CA TRP C 214 12.78 -6.87 -24.14
C TRP C 214 12.93 -6.87 -22.62
N SER C 215 13.89 -6.11 -22.09
CA SER C 215 14.00 -5.98 -20.64
C SER C 215 12.71 -5.45 -20.04
N ASN C 216 12.03 -4.53 -20.73
CA ASN C 216 10.72 -4.10 -20.30
C ASN C 216 9.68 -5.19 -20.52
N ALA C 217 9.92 -6.07 -21.48
CA ALA C 217 8.95 -7.14 -21.75
C ALA C 217 8.78 -8.04 -20.53
N ASP C 218 9.90 -8.56 -20.00
CA ASP C 218 9.82 -9.46 -18.87
C ASP C 218 9.19 -8.77 -17.65
N LYS C 219 9.46 -7.48 -17.48
CA LYS C 219 8.78 -6.75 -16.42
C LYS C 219 7.28 -6.71 -16.65
N LEU C 220 6.86 -6.72 -17.92
CA LEU C 220 5.44 -6.66 -18.23
C LEU C 220 4.77 -8.00 -18.02
N LEU C 221 5.35 -9.05 -18.61
CA LEU C 221 4.70 -10.36 -18.57
C LEU C 221 4.53 -10.86 -17.14
N ASN C 222 5.58 -10.76 -16.33
CA ASN C 222 5.44 -11.09 -14.92
C ASN C 222 4.42 -10.17 -14.26
N GLU C 223 4.39 -8.90 -14.66
CA GLU C 223 3.39 -7.98 -14.12
C GLU C 223 2.01 -8.26 -14.67
N PHE C 224 1.93 -8.83 -15.87
CA PHE C 224 0.63 -9.11 -16.46
C PHE C 224 0.03 -10.38 -15.87
N ILE C 225 0.79 -11.46 -15.84
CA ILE C 225 0.23 -12.77 -15.52
C ILE C 225 -0.23 -12.82 -14.08
N GLU C 226 0.69 -12.65 -13.13
CA GLU C 226 0.33 -12.85 -11.73
C GLU C 226 -0.54 -11.72 -11.16
N LYS C 227 -0.94 -10.75 -11.97
CA LYS C 227 -1.81 -9.67 -11.50
C LYS C 227 -3.10 -9.56 -12.29
N GLN C 228 -3.06 -9.71 -13.61
CA GLN C 228 -4.22 -9.44 -14.44
C GLN C 228 -4.77 -10.66 -15.15
N LEU C 229 -3.99 -11.74 -15.28
CA LEU C 229 -4.45 -12.87 -16.06
C LEU C 229 -5.63 -13.60 -15.42
N ILE C 230 -5.89 -13.37 -14.14
CA ILE C 230 -7.02 -14.04 -13.50
C ILE C 230 -8.35 -13.53 -14.01
N ASP C 231 -8.40 -12.32 -14.55
CA ASP C 231 -9.65 -11.68 -14.93
C ASP C 231 -9.79 -11.48 -16.44
N TYR C 232 -8.97 -12.16 -17.24
CA TYR C 232 -8.98 -11.93 -18.68
C TYR C 232 -10.33 -12.24 -19.31
N ALA C 233 -11.13 -13.10 -18.68
CA ALA C 233 -12.45 -13.37 -19.23
C ALA C 233 -13.35 -12.15 -19.19
N LYS C 234 -13.30 -11.40 -18.08
CA LYS C 234 -14.22 -10.28 -17.88
C LYS C 234 -13.71 -8.97 -18.46
N ASN C 235 -12.49 -8.93 -18.98
CA ASN C 235 -11.96 -7.72 -19.58
C ASN C 235 -11.70 -7.86 -21.07
N SER C 236 -11.90 -9.04 -21.64
CA SER C 236 -11.65 -9.20 -23.06
C SER C 236 -12.63 -8.42 -23.92
N LYS C 237 -13.83 -8.13 -23.40
CA LYS C 237 -14.85 -7.45 -24.18
C LYS C 237 -15.18 -6.07 -23.62
N LYS C 238 -14.37 -5.55 -22.70
CA LYS C 238 -14.49 -4.16 -22.28
C LYS C 238 -13.46 -3.34 -23.04
N VAL C 239 -13.92 -2.27 -23.67
CA VAL C 239 -13.04 -1.47 -24.51
C VAL C 239 -12.22 -0.46 -23.70
N VAL C 240 -12.78 0.07 -22.63
CA VAL C 240 -12.15 1.15 -21.89
C VAL C 240 -11.02 0.58 -21.03
N GLY C 241 -9.99 1.40 -20.82
CA GLY C 241 -8.88 1.01 -19.98
C GLY C 241 -8.02 -0.07 -20.60
N ASN C 242 -6.89 -0.38 -19.96
CA ASN C 242 -6.00 -1.42 -20.46
C ASN C 242 -6.61 -2.79 -20.14
N SER C 243 -7.64 -3.13 -20.90
CA SER C 243 -8.34 -4.39 -20.66
C SER C 243 -7.49 -5.58 -21.07
N THR C 244 -7.04 -5.61 -22.31
CA THR C 244 -6.34 -6.76 -22.83
C THR C 244 -4.89 -6.72 -22.34
N SER C 245 -4.06 -7.66 -22.80
CA SER C 245 -2.73 -7.82 -22.22
C SER C 245 -1.79 -6.68 -22.60
N LEU C 246 -1.97 -6.11 -23.79
CA LEU C 246 -1.01 -5.14 -24.34
C LEU C 246 0.35 -5.81 -24.55
N LEU C 247 0.35 -6.85 -25.38
CA LEU C 247 1.56 -7.57 -25.70
C LEU C 247 1.82 -7.66 -27.20
N SER C 248 0.95 -7.07 -28.02
CA SER C 248 1.02 -7.33 -29.46
C SER C 248 2.33 -6.90 -30.10
N PRO C 249 2.86 -5.70 -29.88
CA PRO C 249 4.09 -5.33 -30.63
C PRO C 249 5.28 -6.18 -30.26
N TYR C 250 5.45 -6.51 -28.98
CA TYR C 250 6.58 -7.33 -28.58
C TYR C 250 6.55 -8.68 -29.29
N LEU C 251 5.41 -9.36 -29.24
CA LEU C 251 5.30 -10.67 -29.85
C LEU C 251 5.47 -10.64 -31.36
N HIS C 252 5.33 -9.47 -31.98
CA HIS C 252 5.60 -9.39 -33.41
C HIS C 252 7.10 -9.35 -33.67
N PHE C 253 7.80 -8.45 -33.00
CA PHE C 253 9.24 -8.31 -33.18
C PHE C 253 10.03 -9.33 -32.38
N GLY C 254 9.37 -10.31 -31.79
CA GLY C 254 10.10 -11.33 -31.05
C GLY C 254 10.84 -10.82 -29.84
N GLU C 255 10.48 -9.65 -29.32
CA GLU C 255 11.12 -9.16 -28.11
C GLU C 255 10.84 -10.04 -26.90
N ILE C 256 9.85 -10.92 -26.97
CA ILE C 256 9.65 -12.01 -26.02
C ILE C 256 9.42 -13.28 -26.82
N SER C 257 9.78 -14.42 -26.25
CA SER C 257 9.66 -15.68 -26.95
C SER C 257 8.30 -16.30 -26.71
N VAL C 258 7.57 -16.60 -27.78
CA VAL C 258 6.21 -17.10 -27.67
C VAL C 258 6.16 -18.42 -26.92
N ARG C 259 7.23 -19.22 -26.99
CA ARG C 259 7.24 -20.46 -26.25
C ARG C 259 7.59 -20.26 -24.78
N HIS C 260 7.89 -19.03 -24.36
CA HIS C 260 8.07 -18.77 -22.94
C HIS C 260 6.82 -18.24 -22.28
N VAL C 261 6.02 -17.46 -22.99
CA VAL C 261 4.74 -17.02 -22.45
C VAL C 261 3.78 -18.19 -22.37
N PHE C 262 3.76 -19.05 -23.39
CA PHE C 262 2.84 -20.18 -23.41
C PHE C 262 3.11 -21.13 -22.26
N GLN C 263 4.37 -21.26 -21.86
CA GLN C 263 4.67 -22.06 -20.68
C GLN C 263 4.22 -21.36 -19.42
N CYS C 264 4.53 -20.07 -19.28
CA CYS C 264 4.30 -19.36 -18.02
C CYS C 264 2.82 -19.30 -17.64
N ALA C 265 1.91 -19.61 -18.55
CA ALA C 265 0.49 -19.67 -18.22
C ALA C 265 0.03 -21.10 -17.93
N ARG C 266 0.52 -22.06 -18.70
CA ARG C 266 0.12 -23.45 -18.49
C ARG C 266 0.47 -23.92 -17.10
N MET C 267 1.71 -23.69 -16.68
CA MET C 267 2.08 -23.97 -15.30
C MET C 267 1.24 -23.14 -14.33
N LYS C 268 0.80 -21.95 -14.77
CA LYS C 268 -0.10 -21.16 -13.95
C LYS C 268 -1.50 -21.75 -13.92
N GLN C 269 -1.99 -22.22 -15.08
CA GLN C 269 -3.36 -22.72 -15.15
C GLN C 269 -3.54 -23.96 -14.28
N ILE C 270 -2.54 -24.83 -14.23
CA ILE C 270 -2.67 -26.08 -13.50
C ILE C 270 -2.84 -25.82 -12.02
N ILE C 271 -2.29 -24.71 -11.51
CA ILE C 271 -2.51 -24.34 -10.12
C ILE C 271 -4.00 -24.14 -9.86
N TRP C 272 -4.63 -23.27 -10.64
CA TRP C 272 -6.08 -23.13 -10.54
C TRP C 272 -6.79 -24.40 -10.98
N ALA C 273 -6.13 -25.26 -11.75
CA ALA C 273 -6.72 -26.54 -12.11
C ALA C 273 -6.91 -27.45 -10.92
N ARG C 274 -6.28 -27.16 -9.78
CA ARG C 274 -6.39 -27.98 -8.59
C ARG C 274 -7.41 -27.48 -7.59
N ASP C 275 -7.54 -26.16 -7.43
CA ASP C 275 -8.43 -25.60 -6.42
C ASP C 275 -9.85 -25.38 -6.93
N LYS C 276 -10.16 -25.79 -8.16
CA LYS C 276 -11.50 -25.67 -8.71
C LYS C 276 -11.88 -24.20 -8.90
N ASN C 277 -10.94 -23.39 -9.37
CA ASN C 277 -11.23 -22.02 -9.81
C ASN C 277 -11.46 -22.01 -11.32
N SER C 278 -12.59 -22.61 -11.71
CA SER C 278 -12.91 -22.71 -13.12
C SER C 278 -13.03 -21.32 -13.75
N GLU C 279 -13.68 -20.40 -13.05
CA GLU C 279 -13.76 -19.02 -13.53
C GLU C 279 -12.37 -18.41 -13.68
N GLY C 280 -11.48 -18.69 -12.74
CA GLY C 280 -10.08 -18.40 -12.97
C GLY C 280 -9.47 -19.35 -13.97
N GLU C 281 -9.95 -20.58 -14.00
CA GLU C 281 -9.46 -21.56 -14.97
C GLU C 281 -9.88 -21.19 -16.38
N GLU C 282 -11.12 -20.73 -16.53
CA GLU C 282 -11.65 -20.51 -17.88
C GLU C 282 -11.03 -19.28 -18.53
N SER C 283 -10.84 -18.20 -17.76
CA SER C 283 -10.20 -17.01 -18.30
C SER C 283 -8.79 -17.34 -18.79
N ALA C 284 -8.13 -18.30 -18.16
CA ALA C 284 -6.84 -18.74 -18.65
C ALA C 284 -6.96 -19.38 -20.03
N ASP C 285 -8.12 -19.97 -20.34
CA ASP C 285 -8.25 -20.67 -21.62
C ASP C 285 -8.27 -19.70 -22.79
N LEU C 286 -8.91 -18.55 -22.61
CA LEU C 286 -9.08 -17.63 -23.74
C LEU C 286 -7.75 -17.10 -24.22
N PHE C 287 -6.89 -16.67 -23.30
CA PHE C 287 -5.55 -16.24 -23.68
C PHE C 287 -4.82 -17.32 -24.45
N LEU C 288 -5.00 -18.58 -24.04
CA LEU C 288 -4.41 -19.69 -24.80
C LEU C 288 -4.92 -19.71 -26.23
N ARG C 289 -6.25 -19.59 -26.39
CA ARG C 289 -6.78 -19.49 -27.74
C ARG C 289 -6.29 -18.24 -28.44
N GLY C 290 -6.06 -17.17 -27.69
CA GLY C 290 -5.55 -15.95 -28.30
C GLY C 290 -4.24 -16.17 -29.02
N ILE C 291 -3.39 -17.05 -28.50
CA ILE C 291 -2.19 -17.42 -29.23
C ILE C 291 -2.52 -18.36 -30.38
N GLY C 292 -3.64 -19.07 -30.29
CA GLY C 292 -3.97 -20.04 -31.32
C GLY C 292 -4.29 -19.37 -32.65
N LEU C 293 -5.04 -18.26 -32.62
CA LEU C 293 -5.36 -17.56 -33.85
C LEU C 293 -4.10 -17.10 -34.55
N ARG C 294 -3.18 -16.48 -33.81
CA ARG C 294 -1.95 -15.96 -34.40
C ARG C 294 -1.16 -17.06 -35.07
N GLU C 295 -0.93 -18.17 -34.35
CA GLU C 295 -0.25 -19.31 -34.95
C GLU C 295 -1.03 -19.83 -36.15
N TYR C 296 -2.37 -19.81 -36.06
CA TYR C 296 -3.20 -20.21 -37.19
C TYR C 296 -2.89 -19.35 -38.41
N SER C 297 -2.60 -18.07 -38.19
CA SER C 297 -2.30 -17.18 -39.31
C SER C 297 -1.07 -17.63 -40.06
N ARG C 298 0.01 -17.91 -39.34
CA ARG C 298 1.23 -18.37 -39.98
C ARG C 298 1.00 -19.68 -40.74
N TYR C 299 0.03 -20.48 -40.31
CA TYR C 299 -0.30 -21.73 -40.97
C TYR C 299 -0.69 -21.49 -42.42
N ILE C 300 -1.82 -20.81 -42.63
CA ILE C 300 -2.38 -20.70 -43.96
C ILE C 300 -1.53 -19.85 -44.88
N CYS C 301 -0.66 -19.01 -44.31
CA CYS C 301 0.24 -18.23 -45.15
C CYS C 301 1.42 -19.03 -45.65
N PHE C 302 1.58 -20.26 -45.20
CA PHE C 302 2.64 -21.15 -45.68
C PHE C 302 2.09 -22.26 -46.57
N ASN C 303 1.15 -23.06 -46.05
CA ASN C 303 0.67 -24.23 -46.76
C ASN C 303 -0.63 -23.99 -47.51
N PHE C 304 -1.15 -22.77 -47.47
CA PHE C 304 -2.16 -22.30 -48.39
C PHE C 304 -1.55 -21.25 -49.30
N PRO C 305 -2.21 -20.92 -50.41
CA PRO C 305 -1.54 -20.15 -51.46
C PRO C 305 -1.07 -18.78 -50.98
N PHE C 306 0.00 -18.31 -51.61
CA PHE C 306 0.70 -17.10 -51.17
C PHE C 306 -0.23 -15.90 -51.23
N THR C 307 -0.53 -15.33 -50.05
CA THR C 307 -1.50 -14.25 -49.83
C THR C 307 -2.77 -14.45 -50.65
N HIS C 308 -3.20 -15.70 -50.81
CA HIS C 308 -4.34 -16.09 -51.64
C HIS C 308 -4.11 -15.74 -53.11
N GLU C 309 -2.87 -15.43 -53.48
CA GLU C 309 -2.47 -14.99 -54.82
C GLU C 309 -2.84 -13.55 -55.12
N GLN C 310 -3.40 -12.81 -54.16
CA GLN C 310 -3.65 -11.38 -54.37
C GLN C 310 -4.13 -10.71 -53.08
N SER C 311 -3.91 -9.40 -52.98
CA SER C 311 -4.42 -8.63 -51.85
C SER C 311 -5.93 -8.75 -51.72
N LEU C 312 -6.64 -8.86 -52.83
CA LEU C 312 -8.06 -9.24 -52.86
C LEU C 312 -8.08 -10.67 -53.36
N LEU C 313 -8.97 -11.50 -52.80
CA LEU C 313 -8.76 -12.94 -52.50
C LEU C 313 -7.94 -13.59 -53.62
N SER C 314 -8.42 -13.61 -54.85
CA SER C 314 -7.56 -13.93 -55.98
C SER C 314 -7.56 -12.82 -57.03
N HIS C 315 -8.73 -12.30 -57.39
CA HIS C 315 -8.80 -11.02 -58.08
C HIS C 315 -9.55 -10.01 -57.22
N LEU C 316 -10.83 -10.30 -56.94
CA LEU C 316 -11.73 -9.49 -56.11
C LEU C 316 -11.55 -7.98 -56.33
N ARG C 317 -11.42 -7.59 -57.59
CA ARG C 317 -11.22 -6.19 -57.94
C ARG C 317 -12.31 -5.65 -58.86
N PHE C 318 -13.39 -6.40 -59.08
CA PHE C 318 -14.44 -6.01 -60.01
C PHE C 318 -15.69 -5.45 -59.33
N PHE C 319 -15.93 -5.80 -58.07
CA PHE C 319 -17.16 -5.39 -57.40
C PHE C 319 -17.15 -3.88 -57.16
N PRO C 320 -18.26 -3.32 -56.69
CA PRO C 320 -18.35 -1.85 -56.56
C PRO C 320 -17.28 -1.28 -55.63
N TRP C 321 -16.62 -0.24 -56.11
CA TRP C 321 -15.54 0.41 -55.38
C TRP C 321 -15.75 1.90 -55.16
N ASP C 322 -16.27 2.61 -56.16
CA ASP C 322 -16.63 4.03 -56.10
C ASP C 322 -15.60 4.89 -55.39
N ALA C 323 -14.39 4.97 -55.94
CA ALA C 323 -13.27 5.59 -55.26
C ALA C 323 -13.44 7.10 -55.15
N ASP C 324 -14.12 7.55 -54.10
CA ASP C 324 -14.28 8.96 -53.77
C ASP C 324 -13.24 9.32 -52.70
N VAL C 325 -12.13 9.91 -53.14
CA VAL C 325 -10.98 10.08 -52.25
C VAL C 325 -11.30 11.03 -51.10
N ASP C 326 -12.35 11.84 -51.23
CA ASP C 326 -12.69 12.81 -50.20
C ASP C 326 -12.94 12.15 -48.84
N LYS C 327 -13.65 11.03 -48.82
CA LYS C 327 -13.96 10.37 -47.55
C LYS C 327 -12.68 9.88 -46.88
N PHE C 328 -11.73 9.38 -47.67
CA PHE C 328 -10.51 8.81 -47.12
C PHE C 328 -9.77 9.82 -46.24
N LYS C 329 -9.47 10.99 -46.79
CA LYS C 329 -8.92 12.05 -45.97
C LYS C 329 -9.93 12.52 -44.93
N ALA C 330 -11.23 12.34 -45.21
CA ALA C 330 -12.24 12.65 -44.22
C ALA C 330 -12.32 11.59 -43.14
N TRP C 331 -12.09 10.33 -43.51
CA TRP C 331 -12.23 9.25 -42.54
C TRP C 331 -11.09 9.28 -41.52
N ARG C 332 -9.85 9.18 -41.99
CA ARG C 332 -8.75 8.96 -41.08
C ARG C 332 -8.48 10.13 -40.14
N GLN C 333 -9.08 11.28 -40.37
CA GLN C 333 -8.93 12.38 -39.43
C GLN C 333 -9.89 12.30 -38.27
N GLY C 334 -10.71 11.25 -38.20
CA GLY C 334 -11.68 11.12 -37.14
C GLY C 334 -12.72 12.22 -37.17
N ARG C 335 -13.50 12.27 -38.25
CA ARG C 335 -14.57 13.24 -38.39
C ARG C 335 -15.79 12.62 -39.04
N THR C 336 -15.98 11.31 -38.87
CA THR C 336 -16.99 10.61 -39.65
C THR C 336 -18.37 10.66 -39.03
N GLY C 337 -18.46 10.96 -37.73
CA GLY C 337 -19.72 11.14 -37.05
C GLY C 337 -20.09 10.01 -36.12
N TYR C 338 -19.87 8.78 -36.52
CA TYR C 338 -20.23 7.66 -35.67
C TYR C 338 -19.27 7.63 -34.50
N PRO C 339 -19.73 7.98 -33.29
CA PRO C 339 -18.80 8.23 -32.18
C PRO C 339 -17.92 7.04 -31.82
N LEU C 340 -18.34 5.82 -32.09
CA LEU C 340 -17.43 4.71 -31.86
C LEU C 340 -16.34 4.65 -32.93
N VAL C 341 -16.70 4.92 -34.17
CA VAL C 341 -15.70 4.93 -35.24
C VAL C 341 -14.66 6.01 -34.97
N ASP C 342 -15.09 7.26 -34.88
CA ASP C 342 -14.17 8.35 -34.58
C ASP C 342 -13.54 8.23 -33.21
N ALA C 343 -14.09 7.38 -32.34
CA ALA C 343 -13.37 7.04 -31.12
C ALA C 343 -12.04 6.39 -31.45
N GLY C 344 -12.05 5.41 -32.33
CA GLY C 344 -10.84 4.69 -32.67
C GLY C 344 -9.73 5.57 -33.22
N MET C 345 -9.96 6.17 -34.39
CA MET C 345 -8.92 6.92 -35.08
C MET C 345 -8.35 8.06 -34.25
N ARG C 346 -9.02 8.48 -33.19
CA ARG C 346 -8.41 9.41 -32.24
C ARG C 346 -7.69 8.68 -31.12
N GLU C 347 -7.66 7.35 -31.16
CA GLU C 347 -6.70 6.59 -30.37
C GLU C 347 -5.62 5.96 -31.22
N LEU C 348 -5.97 5.56 -32.44
CA LEU C 348 -5.00 4.96 -33.34
C LEU C 348 -3.90 5.93 -33.70
N TRP C 349 -4.22 7.22 -33.77
CA TRP C 349 -3.26 8.25 -34.15
C TRP C 349 -2.51 8.82 -32.97
N ALA C 350 -2.88 8.46 -31.74
CA ALA C 350 -2.23 9.01 -30.56
C ALA C 350 -1.43 8.01 -29.76
N THR C 351 -1.70 6.71 -29.90
CA THR C 351 -0.90 5.71 -29.23
C THR C 351 -0.59 4.51 -30.11
N GLY C 352 -0.94 4.55 -31.39
CA GLY C 352 -0.60 3.49 -32.31
C GLY C 352 -1.10 2.13 -31.90
N TRP C 353 -2.28 2.05 -31.30
CA TRP C 353 -2.81 0.77 -30.86
C TRP C 353 -4.27 0.90 -30.51
N MET C 354 -5.03 -0.14 -30.81
CA MET C 354 -6.46 -0.19 -30.52
C MET C 354 -6.78 -1.53 -29.89
N HIS C 355 -7.98 -1.63 -29.35
CA HIS C 355 -8.50 -2.92 -28.94
C HIS C 355 -9.01 -3.65 -30.17
N ASN C 356 -8.78 -4.97 -30.21
CA ASN C 356 -9.07 -5.73 -31.42
C ASN C 356 -10.53 -5.66 -31.79
N ARG C 357 -11.41 -5.60 -30.78
CA ARG C 357 -12.83 -5.41 -31.05
C ARG C 357 -13.06 -4.15 -31.87
N ILE C 358 -12.36 -3.07 -31.53
CA ILE C 358 -12.52 -1.84 -32.30
C ILE C 358 -12.04 -2.04 -33.72
N ARG C 359 -10.94 -2.77 -33.90
CA ARG C 359 -10.36 -2.92 -35.23
C ARG C 359 -11.26 -3.69 -36.18
N VAL C 360 -12.26 -4.40 -35.65
CA VAL C 360 -13.23 -5.05 -36.52
C VAL C 360 -14.44 -4.16 -36.79
N ILE C 361 -14.56 -3.03 -36.09
CA ILE C 361 -15.63 -2.09 -36.39
C ILE C 361 -15.25 -1.20 -37.56
N VAL C 362 -14.16 -0.45 -37.40
CA VAL C 362 -13.74 0.48 -38.44
C VAL C 362 -13.39 -0.25 -39.71
N SER C 363 -12.76 -1.43 -39.59
CA SER C 363 -12.45 -2.24 -40.76
C SER C 363 -13.72 -2.60 -41.53
N SER C 364 -14.80 -2.85 -40.82
CA SER C 364 -16.09 -3.01 -41.49
C SER C 364 -16.59 -1.70 -42.07
N PHE C 365 -16.09 -0.58 -41.55
CA PHE C 365 -16.66 0.70 -41.92
C PHE C 365 -16.22 1.14 -43.30
N ALA C 366 -14.91 1.12 -43.57
CA ALA C 366 -14.39 1.76 -44.76
C ALA C 366 -14.81 1.04 -46.04
N VAL C 367 -15.27 -0.21 -45.92
CA VAL C 367 -15.65 -0.99 -47.08
C VAL C 367 -17.16 -1.16 -47.19
N LYS C 368 -17.83 -1.40 -46.06
CA LYS C 368 -19.28 -1.64 -46.11
C LYS C 368 -20.05 -0.32 -46.10
N PHE C 369 -19.95 0.43 -45.02
CA PHE C 369 -20.76 1.63 -44.87
C PHE C 369 -20.17 2.83 -45.61
N LEU C 370 -19.05 2.65 -46.29
CA LEU C 370 -18.48 3.70 -47.13
C LEU C 370 -18.06 3.22 -48.51
N LEU C 371 -17.87 1.91 -48.72
CA LEU C 371 -17.48 1.39 -50.02
C LEU C 371 -16.10 1.91 -50.42
N LEU C 372 -15.13 1.70 -49.57
CA LEU C 372 -13.86 2.12 -50.13
C LEU C 372 -13.02 0.90 -50.52
N PRO C 373 -12.13 1.05 -51.49
CA PRO C 373 -11.27 -0.07 -51.88
C PRO C 373 -10.39 -0.51 -50.73
N ALA C 374 -10.40 -1.82 -50.47
CA ALA C 374 -9.73 -2.35 -49.29
C ALA C 374 -8.24 -2.03 -49.27
N LYS C 375 -7.62 -1.92 -50.45
CA LYS C 375 -6.19 -1.61 -50.49
C LYS C 375 -5.89 -0.25 -49.87
N TRP C 376 -6.83 0.70 -49.99
CA TRP C 376 -6.71 1.94 -49.24
C TRP C 376 -6.86 1.71 -47.75
N GLY C 377 -7.48 0.60 -47.35
CA GLY C 377 -7.64 0.33 -45.93
C GLY C 377 -6.44 -0.30 -45.29
N MET C 378 -5.64 -1.04 -46.07
CA MET C 378 -4.42 -1.60 -45.51
C MET C 378 -3.33 -0.54 -45.41
N LYS C 379 -3.24 0.33 -46.42
CA LYS C 379 -2.16 1.31 -46.47
C LYS C 379 -2.14 2.20 -45.25
N TYR C 380 -3.30 2.45 -44.64
CA TYR C 380 -3.31 3.23 -43.41
C TYR C 380 -2.88 2.36 -42.23
N PHE C 381 -3.49 1.18 -42.09
CA PHE C 381 -3.17 0.31 -40.96
C PHE C 381 -1.69 -0.05 -40.95
N TRP C 382 -1.18 -0.46 -42.10
CA TRP C 382 0.25 -0.79 -42.19
C TRP C 382 1.12 0.42 -41.88
N ASP C 383 0.62 1.63 -42.08
CA ASP C 383 1.44 2.81 -41.93
C ASP C 383 1.46 3.37 -40.53
N THR C 384 0.53 2.97 -39.67
CA THR C 384 0.51 3.55 -38.33
C THR C 384 0.28 2.57 -37.19
N LEU C 385 -0.08 1.31 -37.46
CA LEU C 385 -0.13 0.35 -36.38
C LEU C 385 1.28 -0.02 -35.93
N LEU C 386 1.51 -0.03 -34.63
CA LEU C 386 2.83 -0.38 -34.12
C LEU C 386 3.15 -1.85 -34.31
N ASP C 387 2.15 -2.69 -34.58
CA ASP C 387 2.36 -4.12 -34.80
C ASP C 387 1.89 -4.54 -36.19
N ALA C 388 2.27 -3.78 -37.20
CA ALA C 388 1.83 -4.02 -38.57
C ALA C 388 2.65 -5.14 -39.18
N ASP C 389 2.31 -6.37 -38.79
CA ASP C 389 2.90 -7.53 -39.43
C ASP C 389 2.29 -7.73 -40.81
N LEU C 390 2.72 -8.78 -41.50
CA LEU C 390 2.13 -9.07 -42.81
C LEU C 390 1.12 -10.20 -42.74
N GLU C 391 1.35 -11.19 -41.89
CA GLU C 391 0.56 -12.41 -41.97
C GLU C 391 -0.79 -12.27 -41.27
N CYS C 392 -0.81 -11.87 -40.01
CA CYS C 392 -2.09 -11.71 -39.33
C CYS C 392 -2.91 -10.58 -39.95
N ASP C 393 -2.25 -9.57 -40.48
CA ASP C 393 -2.97 -8.41 -40.99
C ASP C 393 -3.87 -8.76 -42.17
N ILE C 394 -3.39 -9.61 -43.08
CA ILE C 394 -4.23 -10.03 -44.19
C ILE C 394 -5.42 -10.82 -43.68
N LEU C 395 -5.25 -11.54 -42.57
CA LEU C 395 -6.38 -12.22 -41.96
C LEU C 395 -7.45 -11.23 -41.52
N GLY C 396 -7.03 -10.07 -41.03
CA GLY C 396 -7.99 -9.09 -40.55
C GLY C 396 -8.93 -8.61 -41.64
N TRP C 397 -8.37 -8.21 -42.77
CA TRP C 397 -9.18 -7.78 -43.91
C TRP C 397 -9.69 -8.96 -44.72
N GLN C 398 -9.61 -10.17 -44.19
CA GLN C 398 -10.24 -11.34 -44.79
C GLN C 398 -11.32 -11.94 -43.93
N TYR C 399 -11.23 -11.79 -42.61
CA TYR C 399 -12.28 -12.29 -41.73
C TYR C 399 -13.60 -11.60 -41.98
N ILE C 400 -13.58 -10.38 -42.51
CA ILE C 400 -14.80 -9.60 -42.66
C ILE C 400 -15.32 -9.70 -44.09
N SER C 401 -14.41 -9.77 -45.06
CA SER C 401 -14.83 -9.80 -46.47
C SER C 401 -15.39 -11.17 -46.85
N ASP C 414 -24.17 -4.93 -39.21
CA ASP C 414 -24.32 -4.74 -37.78
C ASP C 414 -24.49 -3.27 -37.43
N ASN C 415 -25.47 -2.98 -36.57
CA ASN C 415 -26.00 -1.73 -36.07
C ASN C 415 -25.23 -1.26 -34.84
N PRO C 416 -24.71 -0.03 -34.86
CA PRO C 416 -23.98 0.47 -33.69
C PRO C 416 -24.87 0.72 -32.50
N ALA C 417 -26.19 0.84 -32.72
CA ALA C 417 -27.11 1.06 -31.62
C ALA C 417 -27.08 -0.08 -30.61
N LEU C 418 -26.68 -1.28 -31.03
CA LEU C 418 -26.64 -2.43 -30.16
C LEU C 418 -25.26 -2.70 -29.59
N GLN C 419 -24.25 -2.83 -30.46
CA GLN C 419 -22.92 -3.20 -30.00
C GLN C 419 -22.31 -2.16 -29.07
N GLY C 420 -22.80 -0.92 -29.12
CA GLY C 420 -22.32 0.08 -28.18
C GLY C 420 -22.47 -0.35 -26.75
N ALA C 421 -23.66 -0.87 -26.40
CA ALA C 421 -23.82 -1.49 -25.09
C ALA C 421 -23.08 -2.81 -24.99
N LYS C 422 -22.67 -3.38 -26.12
CA LYS C 422 -21.98 -4.66 -26.09
C LYS C 422 -20.56 -4.50 -25.54
N TYR C 423 -19.84 -3.48 -25.99
CA TYR C 423 -18.43 -3.34 -25.67
C TYR C 423 -18.11 -2.16 -24.77
N ASP C 424 -19.05 -1.23 -24.58
CA ASP C 424 -18.87 -0.13 -23.63
C ASP C 424 -20.23 0.14 -23.03
N PRO C 425 -20.54 -0.50 -21.91
CA PRO C 425 -21.90 -0.42 -21.36
C PRO C 425 -22.25 0.99 -20.89
N GLU C 426 -21.42 1.55 -20.02
CA GLU C 426 -21.68 2.87 -19.47
C GLU C 426 -21.11 3.99 -20.32
N GLY C 427 -20.52 3.66 -21.47
CA GLY C 427 -20.00 4.69 -22.33
C GLY C 427 -18.90 5.50 -21.69
N GLU C 428 -17.83 4.83 -21.26
CA GLU C 428 -16.65 5.56 -20.80
C GLU C 428 -15.65 5.77 -21.90
N TYR C 429 -15.65 4.91 -22.92
CA TYR C 429 -14.66 5.01 -23.98
C TYR C 429 -14.80 6.29 -24.78
N ILE C 430 -16.03 6.71 -25.05
CA ILE C 430 -16.21 7.92 -25.84
C ILE C 430 -15.81 9.16 -25.06
N ARG C 431 -16.22 9.24 -23.79
CA ARG C 431 -15.97 10.44 -23.01
C ARG C 431 -14.50 10.63 -22.70
N GLN C 432 -13.68 9.60 -22.83
CA GLN C 432 -12.26 9.77 -22.57
C GLN C 432 -11.52 10.35 -23.77
N TRP C 433 -11.95 10.01 -24.98
CA TRP C 433 -11.30 10.50 -26.19
C TRP C 433 -12.03 11.67 -26.81
N LEU C 434 -13.32 11.53 -27.07
CA LEU C 434 -14.12 12.68 -27.46
C LEU C 434 -14.71 13.29 -26.21
N PRO C 435 -14.18 14.41 -25.72
CA PRO C 435 -14.76 15.02 -24.52
C PRO C 435 -15.96 15.90 -24.78
N GLU C 436 -16.15 16.38 -26.00
CA GLU C 436 -17.27 17.27 -26.27
C GLU C 436 -18.62 16.59 -26.11
N LEU C 437 -18.66 15.27 -26.07
CA LEU C 437 -19.88 14.55 -25.76
C LEU C 437 -20.02 14.28 -24.27
N ALA C 438 -19.23 14.94 -23.43
CA ALA C 438 -19.23 14.66 -22.01
C ALA C 438 -20.55 14.96 -21.33
N ARG C 439 -21.48 15.64 -21.99
CA ARG C 439 -22.78 15.88 -21.41
C ARG C 439 -23.88 15.24 -22.26
N LEU C 440 -23.56 14.16 -22.94
CA LEU C 440 -24.76 13.44 -23.35
C LEU C 440 -25.10 12.37 -22.32
N PRO C 441 -26.38 12.05 -22.15
CA PRO C 441 -26.72 10.86 -21.39
C PRO C 441 -26.19 9.63 -22.11
N THR C 442 -25.83 8.61 -21.33
CA THR C 442 -25.13 7.47 -21.90
C THR C 442 -25.98 6.74 -22.94
N GLU C 443 -27.29 6.65 -22.72
CA GLU C 443 -28.07 5.88 -23.68
C GLU C 443 -28.29 6.59 -24.99
N TRP C 444 -27.66 7.74 -25.25
CA TRP C 444 -27.75 8.38 -26.54
C TRP C 444 -26.41 8.55 -27.22
N ILE C 445 -25.31 8.42 -26.49
CA ILE C 445 -23.99 8.81 -27.02
C ILE C 445 -23.62 7.96 -28.23
N HIS C 446 -23.97 6.67 -28.20
CA HIS C 446 -23.56 5.80 -29.29
C HIS C 446 -24.29 6.09 -30.60
N HIS C 447 -25.28 6.98 -30.60
CA HIS C 447 -25.97 7.33 -31.83
C HIS C 447 -26.68 8.67 -31.67
N PRO C 448 -25.96 9.78 -31.78
CA PRO C 448 -26.58 11.07 -31.48
C PRO C 448 -27.65 11.48 -32.47
N TRP C 449 -27.51 11.15 -33.75
CA TRP C 449 -28.42 11.68 -34.76
C TRP C 449 -29.84 11.17 -34.62
N ASP C 450 -30.09 10.17 -33.78
CA ASP C 450 -31.45 9.78 -33.44
C ASP C 450 -32.03 10.62 -32.32
N ALA C 451 -31.29 11.60 -31.82
CA ALA C 451 -31.70 12.26 -30.60
C ALA C 451 -32.81 13.28 -30.88
N PRO C 452 -33.64 13.55 -29.88
CA PRO C 452 -34.56 14.67 -29.96
C PRO C 452 -33.86 15.97 -29.61
N LEU C 453 -34.30 17.05 -30.27
CA LEU C 453 -33.66 18.34 -30.09
C LEU C 453 -33.68 18.82 -28.64
N THR C 454 -34.64 18.35 -27.85
CA THR C 454 -34.77 18.82 -26.48
C THR C 454 -33.61 18.33 -25.60
N VAL C 455 -32.81 17.39 -26.06
CA VAL C 455 -31.65 16.94 -25.30
C VAL C 455 -30.33 17.36 -25.93
N LEU C 456 -30.26 17.50 -27.26
CA LEU C 456 -29.06 18.06 -27.87
C LEU C 456 -28.82 19.48 -27.37
N LYS C 457 -29.77 20.37 -27.62
CA LYS C 457 -29.61 21.75 -27.19
C LYS C 457 -29.52 21.84 -25.66
N ALA C 458 -30.26 21.00 -24.96
CA ALA C 458 -30.18 21.01 -23.50
C ALA C 458 -28.80 20.62 -23.01
N SER C 459 -28.09 19.80 -23.77
CA SER C 459 -26.68 19.56 -23.52
C SER C 459 -25.85 20.48 -24.41
N GLY C 460 -24.54 20.34 -24.33
CA GLY C 460 -23.68 21.27 -25.03
C GLY C 460 -23.31 20.83 -26.43
N VAL C 461 -24.09 19.90 -26.99
CA VAL C 461 -23.76 19.28 -28.27
C VAL C 461 -24.71 19.82 -29.33
N GLU C 462 -24.14 20.44 -30.36
CA GLU C 462 -24.90 20.92 -31.51
C GLU C 462 -24.35 20.25 -32.76
N LEU C 463 -25.10 19.30 -33.30
CA LEU C 463 -24.64 18.50 -34.44
C LEU C 463 -24.51 19.38 -35.67
N GLY C 464 -23.28 19.59 -36.12
CA GLY C 464 -23.02 20.37 -37.32
C GLY C 464 -22.18 21.61 -37.08
N THR C 465 -21.88 21.96 -35.83
CA THR C 465 -21.07 23.13 -35.53
C THR C 465 -19.75 22.77 -34.89
N ASN C 466 -19.77 22.04 -33.78
CA ASN C 466 -18.56 21.61 -33.11
C ASN C 466 -18.27 20.14 -33.28
N TYR C 467 -19.30 19.31 -33.34
CA TYR C 467 -19.17 17.87 -33.57
C TYR C 467 -19.83 17.55 -34.90
N ALA C 468 -19.04 17.01 -35.83
CA ALA C 468 -19.47 16.90 -37.22
C ALA C 468 -20.72 16.06 -37.36
N LYS C 469 -21.47 16.34 -38.43
CA LYS C 469 -22.71 15.65 -38.76
C LYS C 469 -22.44 14.21 -39.12
N PRO C 470 -23.46 13.40 -39.35
CA PRO C 470 -23.23 12.09 -39.96
C PRO C 470 -22.69 12.27 -41.36
N ILE C 471 -21.65 11.50 -41.68
CA ILE C 471 -21.08 11.58 -43.03
C ILE C 471 -22.04 10.99 -44.04
N VAL C 472 -22.73 9.91 -43.66
CA VAL C 472 -23.70 9.24 -44.52
C VAL C 472 -24.79 8.67 -43.64
N ASP C 473 -25.98 8.53 -44.23
CA ASP C 473 -27.07 7.89 -43.51
C ASP C 473 -26.73 6.43 -43.23
N ILE C 474 -27.21 5.94 -42.08
CA ILE C 474 -26.93 4.57 -41.69
C ILE C 474 -27.64 3.57 -42.58
N ASP C 475 -28.72 3.98 -43.23
CA ASP C 475 -29.43 3.11 -44.16
C ASP C 475 -28.96 3.39 -45.59
N THR C 476 -27.68 3.13 -45.82
CA THR C 476 -27.06 3.38 -47.11
C THR C 476 -25.97 2.35 -47.41
N LYS D 5 0.18 44.17 32.04
CA LYS D 5 -0.34 42.82 31.89
C LYS D 5 0.77 41.79 32.07
N LYS D 6 0.80 41.14 33.22
CA LYS D 6 1.81 40.14 33.51
C LYS D 6 1.19 39.01 34.33
N THR D 7 1.37 37.78 33.84
CA THR D 7 0.72 36.62 34.43
C THR D 7 1.65 35.42 34.39
N ILE D 8 1.59 34.61 35.45
CA ILE D 8 2.41 33.42 35.61
C ILE D 8 1.53 32.21 35.37
N VAL D 9 2.02 31.25 34.59
CA VAL D 9 1.30 30.01 34.31
C VAL D 9 2.06 28.86 34.96
N TRP D 10 1.41 28.20 35.91
CA TRP D 10 2.01 27.10 36.66
C TRP D 10 1.59 25.79 36.01
N PHE D 11 2.56 24.97 35.66
CA PHE D 11 2.33 23.74 34.92
C PHE D 11 2.47 22.54 35.85
N ARG D 12 1.46 21.68 35.87
CA ARG D 12 1.59 20.44 36.63
C ARG D 12 1.45 19.19 35.75
N ARG D 13 0.33 18.99 35.08
CA ARG D 13 0.10 17.77 34.33
C ARG D 13 -0.65 18.05 33.04
N ASP D 14 -0.33 19.16 32.39
CA ASP D 14 -1.02 19.59 31.18
C ASP D 14 -0.01 19.95 30.10
N LEU D 15 0.95 19.07 29.86
CA LEU D 15 2.03 19.34 28.93
C LEU D 15 1.51 19.23 27.49
N ARG D 16 0.62 20.16 27.15
CA ARG D 16 0.13 20.27 25.79
C ARG D 16 -0.23 21.72 25.52
N ILE D 17 -0.05 22.13 24.26
CA ILE D 17 -0.27 23.51 23.86
C ILE D 17 -1.45 23.56 22.91
N GLU D 18 -2.40 22.65 23.10
CA GLU D 18 -3.65 22.64 22.34
C GLU D 18 -4.77 22.24 23.28
N ASP D 19 -5.75 23.11 23.43
CA ASP D 19 -6.90 22.86 24.30
C ASP D 19 -6.46 22.83 25.77
N ASN D 20 -5.76 23.87 26.19
CA ASN D 20 -5.45 24.07 27.60
C ASN D 20 -6.22 25.28 28.10
N PRO D 21 -7.32 25.09 28.84
CA PRO D 21 -8.10 26.23 29.34
C PRO D 21 -7.41 27.01 30.44
N ALA D 22 -6.19 26.64 30.83
CA ALA D 22 -5.38 27.49 31.69
C ALA D 22 -4.45 28.36 30.85
N LEU D 23 -3.63 27.73 30.02
CA LEU D 23 -2.70 28.47 29.16
C LEU D 23 -3.44 29.40 28.23
N ALA D 24 -4.52 28.93 27.61
CA ALA D 24 -5.20 29.73 26.59
C ALA D 24 -5.69 31.06 27.15
N ALA D 25 -6.08 31.08 28.42
CA ALA D 25 -6.51 32.34 29.01
C ALA D 25 -5.37 33.33 29.11
N ALA D 26 -4.17 32.84 29.42
CA ALA D 26 -3.05 33.74 29.68
C ALA D 26 -2.68 34.56 28.46
N ALA D 27 -2.78 33.98 27.26
CA ALA D 27 -2.37 34.69 26.07
C ALA D 27 -3.19 35.95 25.80
N HIS D 28 -4.35 36.10 26.44
CA HIS D 28 -5.13 37.32 26.27
C HIS D 28 -4.50 38.51 26.97
N GLU D 29 -4.23 38.38 28.27
CA GLU D 29 -3.86 39.55 29.06
C GLU D 29 -2.52 40.13 28.61
N GLY D 30 -1.46 39.34 28.66
CA GLY D 30 -0.17 39.84 28.26
C GLY D 30 0.91 38.78 28.18
N SER D 31 2.17 39.18 28.32
CA SER D 31 3.24 38.22 28.30
C SER D 31 3.14 37.28 29.49
N VAL D 32 3.92 36.20 29.44
CA VAL D 32 3.92 35.18 30.47
C VAL D 32 5.29 34.51 30.49
N PHE D 33 5.57 33.83 31.59
CA PHE D 33 6.65 32.86 31.58
C PHE D 33 6.22 31.68 32.44
N PRO D 34 6.14 30.49 31.85
CA PRO D 34 5.63 29.34 32.59
C PRO D 34 6.59 28.91 33.68
N VAL D 35 6.14 27.96 34.48
CA VAL D 35 6.90 27.49 35.63
C VAL D 35 6.50 26.05 35.94
N PHE D 36 7.51 25.21 36.14
CA PHE D 36 7.33 23.87 36.68
C PHE D 36 8.07 23.79 38.01
N ILE D 37 7.39 23.31 39.03
CA ILE D 37 7.95 23.28 40.38
C ILE D 37 7.95 21.85 40.87
N TRP D 38 9.08 21.41 41.40
CA TRP D 38 9.26 20.05 41.89
C TRP D 38 9.73 20.12 43.33
N CYS D 39 8.87 19.75 44.27
CA CYS D 39 9.20 19.79 45.69
C CYS D 39 8.95 18.42 46.30
N PRO D 40 9.97 17.59 46.45
CA PRO D 40 9.77 16.27 47.04
C PRO D 40 9.61 16.31 48.56
N GLU D 41 9.45 17.50 49.12
CA GLU D 41 9.42 17.65 50.57
C GLU D 41 8.04 17.37 51.15
N GLU D 42 6.98 17.48 50.34
CA GLU D 42 5.62 17.43 50.85
C GLU D 42 4.85 16.17 50.45
N GLU D 43 5.40 15.35 49.56
CA GLU D 43 4.63 14.23 49.01
C GLU D 43 4.42 13.12 50.03
N GLY D 44 5.10 13.16 51.17
CA GLY D 44 4.97 12.11 52.17
C GLY D 44 5.32 10.75 51.62
N GLN D 45 4.30 9.90 51.45
CA GLN D 45 4.49 8.59 50.84
C GLN D 45 4.14 8.58 49.36
N PHE D 46 3.57 9.67 48.83
CA PHE D 46 3.03 9.67 47.48
C PHE D 46 4.06 10.07 46.43
N TYR D 47 5.34 9.85 46.71
CA TYR D 47 6.36 10.19 45.71
C TYR D 47 6.15 9.34 44.46
N PRO D 48 6.47 9.89 43.29
CA PRO D 48 6.25 9.17 42.03
C PRO D 48 7.03 7.86 41.96
N GLY D 49 6.66 7.04 41.00
CA GLY D 49 7.23 5.72 40.84
C GLY D 49 8.66 5.72 40.34
N ARG D 50 9.05 4.64 39.67
CA ARG D 50 10.42 4.51 39.19
C ARG D 50 10.54 4.86 37.71
N ALA D 51 9.53 4.53 36.92
CA ALA D 51 9.52 4.90 35.51
C ALA D 51 8.60 6.07 35.23
N SER D 52 7.55 6.24 36.03
CA SER D 52 6.76 7.47 35.96
C SER D 52 7.64 8.69 36.15
N ARG D 53 8.60 8.60 37.07
CA ARG D 53 9.64 9.61 37.12
C ARG D 53 10.39 9.69 35.81
N TRP D 54 10.63 8.55 35.17
CA TRP D 54 11.29 8.60 33.87
C TRP D 54 10.44 9.32 32.85
N TRP D 55 9.12 9.17 32.94
CA TRP D 55 8.23 9.73 31.92
C TRP D 55 8.33 11.25 31.89
N MET D 56 8.11 11.90 33.04
CA MET D 56 8.28 13.35 33.10
C MET D 56 9.67 13.76 32.67
N LYS D 57 10.67 12.93 32.93
CA LYS D 57 12.02 13.25 32.51
C LYS D 57 12.16 13.33 31.00
N GLN D 58 11.23 12.76 30.25
CA GLN D 58 11.34 12.73 28.79
C GLN D 58 10.50 13.80 28.10
N SER D 59 9.21 13.91 28.43
CA SER D 59 8.35 14.82 27.69
C SER D 59 8.73 16.27 27.89
N LEU D 60 9.38 16.58 29.01
CA LEU D 60 9.73 17.97 29.31
C LEU D 60 10.60 18.58 28.23
N ALA D 61 11.67 17.89 27.85
CA ALA D 61 12.51 18.37 26.76
C ALA D 61 11.72 18.47 25.46
N HIS D 62 10.75 17.58 25.28
CA HIS D 62 9.86 17.71 24.13
C HIS D 62 8.98 18.94 24.26
N LEU D 63 8.40 19.16 25.44
CA LEU D 63 7.53 20.31 25.62
C LEU D 63 8.32 21.61 25.63
N SER D 64 9.38 21.68 26.44
CA SER D 64 10.14 22.92 26.55
C SER D 64 10.71 23.37 25.21
N GLN D 65 10.99 22.40 24.32
CA GLN D 65 11.33 22.78 22.95
C GLN D 65 10.14 23.42 22.25
N SER D 66 8.92 23.06 22.65
CA SER D 66 7.75 23.57 21.96
C SER D 66 7.61 25.07 22.16
N LEU D 67 7.84 25.57 23.38
CA LEU D 67 7.76 27.00 23.58
C LEU D 67 8.84 27.75 22.83
N LYS D 68 9.94 27.08 22.46
CA LYS D 68 10.97 27.73 21.66
C LYS D 68 10.52 27.97 20.23
N ALA D 69 9.41 27.37 19.81
CA ALA D 69 8.79 27.70 18.54
C ALA D 69 7.63 28.66 18.69
N LEU D 70 7.09 28.82 19.89
CA LEU D 70 6.06 29.80 20.16
C LEU D 70 6.59 31.03 20.88
N GLY D 71 7.90 31.19 20.93
CA GLY D 71 8.48 32.41 21.47
C GLY D 71 8.42 32.52 22.98
N SER D 72 8.88 31.49 23.67
CA SER D 72 9.04 31.57 25.12
C SER D 72 9.78 30.32 25.58
N ASP D 73 9.90 30.18 26.90
CA ASP D 73 10.60 29.06 27.49
C ASP D 73 9.87 28.58 28.73
N LEU D 74 9.72 27.27 28.83
CA LEU D 74 9.38 26.65 30.10
C LEU D 74 10.60 26.69 31.00
N THR D 75 10.45 27.28 32.18
CA THR D 75 11.58 27.55 33.07
C THR D 75 11.41 26.70 34.33
N LEU D 76 12.01 25.52 34.33
CA LEU D 76 11.90 24.57 35.43
C LEU D 76 12.52 25.16 36.70
N ILE D 77 12.07 24.69 37.85
CA ILE D 77 12.61 25.14 39.14
C ILE D 77 12.40 24.07 40.20
N LYS D 78 13.43 23.77 40.97
CA LYS D 78 13.29 22.91 42.13
C LYS D 78 13.33 23.76 43.39
N THR D 79 12.69 23.25 44.45
CA THR D 79 12.72 23.91 45.76
C THR D 79 11.98 23.07 46.77
N HIS D 80 11.99 23.50 48.03
CA HIS D 80 11.11 22.90 49.01
C HIS D 80 9.86 23.76 49.23
N ASN D 81 10.02 25.07 49.35
CA ASN D 81 8.93 25.97 49.67
C ASN D 81 8.43 26.69 48.41
N THR D 82 7.63 25.95 47.64
CA THR D 82 7.02 26.40 46.39
C THR D 82 6.44 27.80 46.50
N ILE D 83 5.84 28.10 47.64
CA ILE D 83 5.34 29.46 47.89
C ILE D 83 6.47 30.47 47.74
N SER D 84 7.63 30.18 48.32
CA SER D 84 8.72 31.16 48.29
C SER D 84 9.24 31.38 46.88
N ALA D 85 9.51 30.32 46.14
CA ALA D 85 9.93 30.48 44.75
C ALA D 85 8.83 31.17 43.94
N ILE D 86 7.57 30.89 44.27
CA ILE D 86 6.50 31.72 43.75
C ILE D 86 6.65 33.14 44.25
N LEU D 87 6.88 33.30 45.56
CA LEU D 87 7.17 34.63 46.10
C LEU D 87 8.43 35.23 45.48
N ASP D 88 9.36 34.39 45.02
CA ASP D 88 10.55 34.91 44.36
C ASP D 88 10.21 35.55 43.03
N CYS D 89 9.69 34.76 42.09
CA CYS D 89 9.45 35.29 40.75
C CYS D 89 8.36 36.36 40.75
N ILE D 90 7.46 36.32 41.74
CA ILE D 90 6.56 37.44 41.95
C ILE D 90 7.36 38.72 42.23
N ARG D 91 8.52 38.57 42.88
CA ARG D 91 9.37 39.71 43.14
C ARG D 91 10.26 40.07 41.96
N VAL D 92 10.50 39.14 41.03
CA VAL D 92 11.46 39.36 39.97
C VAL D 92 10.82 39.70 38.64
N THR D 93 9.51 39.58 38.51
CA THR D 93 8.85 39.87 37.25
C THR D 93 7.60 40.73 37.38
N GLY D 94 6.96 40.77 38.54
CA GLY D 94 5.79 41.62 38.73
C GLY D 94 4.58 41.23 37.92
N ALA D 95 4.25 39.94 37.91
CA ALA D 95 2.97 39.47 37.39
C ALA D 95 1.96 39.48 38.53
N THR D 96 0.70 39.22 38.22
CA THR D 96 -0.25 39.38 39.31
C THR D 96 -1.16 38.17 39.51
N LYS D 97 -1.52 37.45 38.45
CA LYS D 97 -2.35 36.26 38.56
C LYS D 97 -1.59 35.05 38.05
N VAL D 98 -1.71 33.94 38.75
CA VAL D 98 -1.00 32.71 38.44
C VAL D 98 -2.03 31.64 38.09
N VAL D 99 -2.35 31.52 36.81
CA VAL D 99 -3.34 30.58 36.32
C VAL D 99 -2.78 29.17 36.43
N PHE D 100 -3.66 28.17 36.43
CA PHE D 100 -3.23 26.79 36.39
C PHE D 100 -4.45 25.89 36.29
N ASN D 101 -4.18 24.59 36.15
CA ASN D 101 -5.22 23.59 35.95
C ASN D 101 -5.41 22.76 37.21
N HIS D 102 -6.65 22.35 37.43
CA HIS D 102 -7.00 21.64 38.66
C HIS D 102 -6.30 20.30 38.74
N LEU D 103 -6.15 19.82 39.97
CA LEU D 103 -5.73 18.46 40.26
C LEU D 103 -6.65 17.89 41.33
N TYR D 104 -6.73 16.55 41.38
CA TYR D 104 -7.75 15.91 42.20
C TYR D 104 -7.22 14.80 43.10
N ASP D 105 -5.93 14.53 43.10
CA ASP D 105 -5.35 13.62 44.07
C ASP D 105 -5.25 14.31 45.42
N PRO D 106 -5.63 13.65 46.51
CA PRO D 106 -5.73 14.34 47.80
C PRO D 106 -4.38 14.66 48.45
N VAL D 107 -3.29 14.54 47.70
CA VAL D 107 -2.02 15.16 48.07
C VAL D 107 -1.82 16.48 47.35
N SER D 108 -2.81 16.94 46.60
CA SER D 108 -2.74 18.19 45.87
C SER D 108 -3.76 19.21 46.32
N LEU D 109 -5.01 18.78 46.56
CA LEU D 109 -6.04 19.70 47.01
C LEU D 109 -5.71 20.36 48.34
N VAL D 110 -4.80 19.78 49.12
CA VAL D 110 -4.29 20.47 50.30
C VAL D 110 -3.22 21.48 49.88
N ARG D 111 -2.39 21.12 48.91
CA ARG D 111 -1.32 22.00 48.47
C ARG D 111 -1.87 23.26 47.81
N ASP D 112 -2.79 23.08 46.86
CA ASP D 112 -3.37 24.23 46.16
C ASP D 112 -4.07 25.18 47.13
N HIS D 113 -5.04 24.64 47.88
CA HIS D 113 -5.91 25.46 48.71
C HIS D 113 -5.14 26.30 49.71
N THR D 114 -4.02 25.76 50.22
CA THR D 114 -3.23 26.51 51.19
C THR D 114 -2.43 27.62 50.51
N VAL D 115 -1.86 27.34 49.34
CA VAL D 115 -0.99 28.32 48.71
C VAL D 115 -1.79 29.49 48.16
N LYS D 116 -2.99 29.22 47.65
CA LYS D 116 -3.84 30.30 47.16
C LYS D 116 -4.20 31.26 48.29
N GLU D 117 -4.84 30.74 49.33
CA GLU D 117 -5.26 31.58 50.45
C GLU D 117 -4.09 32.19 51.21
N LYS D 118 -2.89 31.67 51.04
CA LYS D 118 -1.69 32.38 51.46
C LYS D 118 -1.13 33.27 50.37
N LEU D 119 -1.76 33.27 49.19
CA LEU D 119 -1.35 34.16 48.11
C LEU D 119 -2.11 35.47 48.09
N VAL D 120 -3.21 35.59 48.85
CA VAL D 120 -3.93 36.85 48.91
C VAL D 120 -3.22 37.87 49.77
N GLU D 121 -2.17 37.47 50.49
CA GLU D 121 -1.45 38.41 51.34
C GLU D 121 -0.90 39.59 50.54
N ARG D 122 -0.37 39.31 49.35
CA ARG D 122 0.13 40.35 48.46
C ARG D 122 -0.97 40.97 47.61
N GLY D 123 -2.23 40.81 48.01
CA GLY D 123 -3.32 41.17 47.13
C GLY D 123 -3.25 40.45 45.81
N ILE D 124 -2.78 39.20 45.81
CA ILE D 124 -2.53 38.43 44.61
C ILE D 124 -3.55 37.30 44.56
N SER D 125 -4.32 37.27 43.48
CA SER D 125 -5.42 36.34 43.30
C SER D 125 -5.10 35.34 42.20
N VAL D 126 -6.03 34.44 41.96
CA VAL D 126 -5.78 33.32 41.05
C VAL D 126 -7.11 32.80 40.55
N GLN D 127 -7.10 32.27 39.33
CA GLN D 127 -8.26 31.64 38.72
C GLN D 127 -7.85 30.25 38.27
N SER D 128 -8.43 29.24 38.88
CA SER D 128 -8.14 27.86 38.49
C SER D 128 -9.09 27.45 37.38
N TYR D 129 -8.69 26.44 36.62
CA TYR D 129 -9.46 26.02 35.45
C TYR D 129 -9.55 24.50 35.42
N ASN D 130 -10.37 24.01 34.49
CA ASN D 130 -10.61 22.58 34.30
C ASN D 130 -10.09 22.18 32.92
N GLY D 131 -8.97 21.46 32.89
CA GLY D 131 -8.42 21.07 31.60
C GLY D 131 -8.11 19.60 31.42
N ASP D 132 -8.77 18.71 32.16
CA ASP D 132 -8.50 17.29 32.00
C ASP D 132 -9.71 16.38 32.13
N LEU D 133 -10.93 16.91 32.29
CA LEU D 133 -12.10 16.08 32.46
C LEU D 133 -13.23 16.57 31.56
N LEU D 134 -14.21 15.69 31.37
CA LEU D 134 -15.40 16.06 30.61
C LEU D 134 -16.37 16.84 31.47
N TYR D 135 -16.86 16.22 32.54
CA TYR D 135 -17.80 16.85 33.46
C TYR D 135 -17.07 17.19 34.76
N GLU D 136 -17.54 18.24 35.41
CA GLU D 136 -16.98 18.60 36.70
C GLU D 136 -17.25 17.48 37.70
N PRO D 137 -16.31 17.24 38.62
CA PRO D 137 -16.58 16.28 39.70
C PRO D 137 -17.57 16.79 40.73
N TRP D 138 -18.09 18.01 40.57
CA TRP D 138 -19.14 18.53 41.44
C TRP D 138 -20.44 18.77 40.70
N GLU D 139 -20.57 18.28 39.48
CA GLU D 139 -21.76 18.54 38.67
C GLU D 139 -22.82 17.47 38.81
N ILE D 140 -22.46 16.21 38.64
CA ILE D 140 -23.44 15.13 38.66
C ILE D 140 -24.02 15.00 40.06
N TYR D 141 -25.33 15.12 40.16
CA TYR D 141 -26.06 14.93 41.40
C TYR D 141 -27.16 13.91 41.19
N CYS D 142 -27.65 13.37 42.30
CA CYS D 142 -28.89 12.62 42.30
C CYS D 142 -30.04 13.63 42.34
N GLU D 143 -31.26 13.14 42.59
CA GLU D 143 -32.38 14.06 42.66
C GLU D 143 -32.32 14.93 43.91
N LYS D 144 -31.67 14.45 44.97
CA LYS D 144 -31.60 15.17 46.23
C LYS D 144 -30.19 15.65 46.57
N GLY D 145 -29.29 15.67 45.59
CA GLY D 145 -27.94 16.16 45.84
C GLY D 145 -27.09 15.19 46.63
N LYS D 146 -26.97 13.97 46.13
CA LYS D 146 -26.18 12.93 46.77
C LYS D 146 -25.32 12.24 45.73
N PRO D 147 -24.31 11.48 46.16
CA PRO D 147 -23.43 10.82 45.19
C PRO D 147 -23.97 9.48 44.75
N PHE D 148 -23.83 9.21 43.46
CA PHE D 148 -24.22 7.92 42.92
C PHE D 148 -23.34 6.82 43.49
N THR D 149 -23.75 5.58 43.26
CA THR D 149 -22.96 4.44 43.73
C THR D 149 -22.70 3.46 42.60
N SER D 150 -23.67 3.30 41.70
CA SER D 150 -23.55 2.39 40.58
C SER D 150 -23.11 3.18 39.34
N PHE D 151 -21.96 2.79 38.79
CA PHE D 151 -21.41 3.50 37.64
C PHE D 151 -22.38 3.46 36.46
N ASN D 152 -23.09 2.35 36.30
CA ASN D 152 -23.97 2.19 35.15
C ASN D 152 -25.05 3.27 35.12
N SER D 153 -25.71 3.50 36.26
CA SER D 153 -26.63 4.61 36.36
C SER D 153 -25.88 5.94 36.23
N TYR D 154 -24.64 5.98 36.71
CA TYR D 154 -23.83 7.18 36.57
C TYR D 154 -23.57 7.50 35.11
N TRP D 155 -23.24 6.49 34.31
CA TRP D 155 -22.89 6.73 32.92
C TRP D 155 -24.09 7.20 32.12
N LYS D 156 -25.29 6.69 32.43
CA LYS D 156 -26.49 7.17 31.75
C LYS D 156 -26.68 8.67 32.01
N LYS D 157 -26.40 9.11 33.24
CA LYS D 157 -26.56 10.53 33.57
C LYS D 157 -25.61 11.38 32.74
N CYS D 158 -24.31 11.09 32.79
CA CYS D 158 -23.35 11.86 32.01
C CYS D 158 -23.56 11.71 30.52
N LEU D 159 -24.21 10.63 30.09
CA LEU D 159 -24.41 10.39 28.67
C LEU D 159 -25.53 11.20 28.07
N ASP D 160 -26.38 11.83 28.89
CA ASP D 160 -27.51 12.59 28.38
C ASP D 160 -27.51 14.02 28.94
N MET D 161 -26.37 14.47 29.43
CA MET D 161 -26.20 15.87 29.78
C MET D 161 -25.68 16.70 28.63
N SER D 162 -24.66 16.20 27.91
CA SER D 162 -24.20 16.78 26.66
C SER D 162 -23.65 18.19 26.82
N ILE D 163 -23.35 18.61 28.04
CA ILE D 163 -22.80 19.93 28.30
C ILE D 163 -21.31 19.79 28.57
N GLU D 164 -20.51 20.50 27.81
CA GLU D 164 -19.07 20.55 28.00
C GLU D 164 -18.71 22.00 28.32
N SER D 165 -17.42 22.29 28.40
CA SER D 165 -17.01 23.68 28.63
C SER D 165 -16.70 24.37 27.31
N VAL D 166 -15.63 23.94 26.64
CA VAL D 166 -15.12 24.54 25.41
C VAL D 166 -13.98 23.67 24.90
N MET D 167 -13.87 23.52 23.58
CA MET D 167 -12.62 23.04 22.97
C MET D 167 -11.94 24.27 22.39
N LEU D 168 -11.17 24.95 23.23
CA LEU D 168 -10.54 26.21 22.85
C LEU D 168 -9.56 26.00 21.70
N PRO D 169 -9.11 27.08 21.06
CA PRO D 169 -8.17 26.94 19.97
C PRO D 169 -6.74 26.98 20.47
N PRO D 170 -5.77 26.72 19.61
CA PRO D 170 -4.38 26.92 19.99
C PRO D 170 -3.99 28.37 19.82
N PRO D 171 -3.21 28.92 20.74
CA PRO D 171 -2.78 30.31 20.60
C PRO D 171 -1.94 30.48 19.35
N TRP D 172 -1.88 31.72 18.86
CA TRP D 172 -1.15 32.02 17.64
C TRP D 172 0.33 32.22 17.92
N ARG D 173 0.67 32.81 19.05
CA ARG D 173 2.02 33.18 19.37
C ARG D 173 2.05 33.69 20.80
N LEU D 174 3.15 33.44 21.49
CA LEU D 174 3.25 33.85 22.87
C LEU D 174 3.90 35.23 22.99
N MET D 175 3.64 35.89 24.12
CA MET D 175 4.31 37.13 24.46
C MET D 175 5.37 36.81 25.50
N PRO D 176 6.65 36.92 25.17
CA PRO D 176 7.69 36.40 26.06
C PRO D 176 8.19 37.43 27.06
N ILE D 177 8.36 36.96 28.28
CA ILE D 177 9.02 37.72 29.34
C ILE D 177 10.52 37.64 29.09
N THR D 178 11.21 38.76 29.29
CA THR D 178 12.60 38.85 28.83
C THR D 178 13.52 37.91 29.61
N ALA D 179 13.68 38.15 30.91
CA ALA D 179 14.63 37.35 31.69
C ALA D 179 14.51 37.73 33.16
N ALA D 180 15.41 37.19 33.97
CA ALA D 180 15.55 37.52 35.38
C ALA D 180 16.87 36.92 35.87
N ALA D 181 17.33 37.41 37.01
CA ALA D 181 18.60 36.93 37.57
C ALA D 181 18.52 35.45 37.94
N GLU D 182 19.62 34.87 38.39
CA GLU D 182 19.69 33.44 38.64
C GLU D 182 19.52 33.08 40.11
N ALA D 183 18.68 33.81 40.83
CA ALA D 183 18.43 33.56 42.25
C ALA D 183 17.19 32.71 42.48
N ILE D 184 16.89 31.79 41.57
CA ILE D 184 15.75 30.89 41.71
C ILE D 184 16.18 29.46 41.97
N TRP D 185 17.47 29.16 41.96
CA TRP D 185 18.11 27.93 42.42
C TRP D 185 18.06 26.76 41.44
N ALA D 186 17.66 26.96 40.19
CA ALA D 186 17.66 25.83 39.27
C ALA D 186 17.41 26.33 37.84
N CYS D 187 18.06 25.70 36.87
CA CYS D 187 17.80 26.01 35.47
C CYS D 187 17.65 24.81 34.55
N SER D 188 18.28 23.67 34.83
CA SER D 188 18.35 22.58 33.87
C SER D 188 17.71 21.31 34.43
N ILE D 189 17.44 20.37 33.52
CA ILE D 189 16.67 19.18 33.88
C ILE D 189 17.49 18.24 34.76
N GLU D 190 18.80 18.15 34.51
CA GLU D 190 19.62 17.19 35.24
C GLU D 190 19.62 17.47 36.73
N GLU D 191 19.63 18.73 37.13
CA GLU D 191 19.64 19.04 38.56
C GLU D 191 18.38 18.54 39.24
N LEU D 192 17.27 18.50 38.51
CA LEU D 192 16.10 17.76 39.00
C LEU D 192 16.45 16.29 39.06
N GLY D 193 16.40 15.71 40.25
CA GLY D 193 16.76 14.32 40.43
C GLY D 193 15.67 13.35 40.01
N LEU D 194 15.11 13.54 38.83
CA LEU D 194 14.05 12.66 38.37
C LEU D 194 14.56 11.24 38.17
N GLU D 195 15.75 11.09 37.60
CA GLU D 195 16.32 9.79 37.28
C GLU D 195 17.74 9.72 37.84
N ASN D 196 18.02 8.67 38.58
CA ASN D 196 19.34 8.50 39.19
C ASN D 196 20.38 8.17 38.13
N GLU D 197 21.65 8.33 38.51
CA GLU D 197 22.74 8.14 37.56
C GLU D 197 23.09 6.67 37.38
N ALA D 198 22.91 5.85 38.42
CA ALA D 198 23.30 4.45 38.36
C ALA D 198 22.43 3.62 37.42
N GLU D 199 21.33 4.18 36.94
CA GLU D 199 20.37 3.41 36.16
C GLU D 199 19.90 4.19 34.95
N LYS D 200 20.78 5.01 34.37
CA LYS D 200 20.35 5.96 33.35
C LYS D 200 20.14 5.29 31.99
N PRO D 201 21.05 4.44 31.52
CA PRO D 201 20.77 3.69 30.29
C PRO D 201 19.86 2.49 30.54
N SER D 202 20.02 1.86 31.70
CA SER D 202 19.23 0.66 32.01
C SER D 202 17.75 0.98 32.07
N ASN D 203 17.38 2.20 32.45
CA ASN D 203 16.00 2.64 32.43
C ASN D 203 15.69 3.48 31.21
N ALA D 204 16.29 3.14 30.08
CA ALA D 204 16.10 3.90 28.84
C ALA D 204 15.68 3.06 27.66
N LEU D 205 15.82 1.74 27.71
CA LEU D 205 15.47 0.90 26.57
C LEU D 205 13.98 0.68 26.42
N LEU D 206 13.15 1.37 27.19
CA LEU D 206 11.73 1.39 26.94
C LEU D 206 11.37 2.26 25.74
N THR D 207 12.34 2.94 25.15
CA THR D 207 12.07 3.86 24.04
C THR D 207 11.76 3.13 22.75
N ARG D 208 11.82 1.80 22.72
CA ARG D 208 11.44 1.08 21.51
C ARG D 208 9.93 1.09 21.32
N ALA D 209 9.19 0.69 22.35
CA ALA D 209 7.74 0.57 22.27
C ALA D 209 7.01 1.77 22.84
N TRP D 210 7.71 2.89 23.03
CA TRP D 210 7.09 4.11 23.53
C TRP D 210 7.79 5.31 22.94
N SER D 211 7.10 6.43 22.93
CA SER D 211 7.70 7.69 22.50
C SER D 211 6.88 8.85 23.03
N PRO D 212 7.16 9.34 24.22
CA PRO D 212 6.31 10.37 24.83
C PRO D 212 6.35 11.67 24.02
N GLY D 213 5.49 12.58 24.42
CA GLY D 213 5.37 13.88 23.76
C GLY D 213 4.02 14.00 23.07
N TRP D 214 3.38 15.15 23.25
CA TRP D 214 2.05 15.33 22.66
C TRP D 214 2.11 15.32 21.14
N SER D 215 3.25 15.68 20.56
CA SER D 215 3.42 15.51 19.12
C SER D 215 3.22 14.07 18.71
N ASN D 216 3.62 13.12 19.56
CA ASN D 216 3.38 11.71 19.28
C ASN D 216 1.92 11.34 19.50
N ALA D 217 1.30 11.86 20.55
CA ALA D 217 -0.09 11.52 20.84
C ALA D 217 -1.01 11.93 19.71
N ASP D 218 -0.65 12.96 18.95
CA ASP D 218 -1.46 13.34 17.81
C ASP D 218 -1.37 12.31 16.70
N LYS D 219 -0.14 11.86 16.40
CA LYS D 219 0.01 10.80 15.39
C LYS D 219 -0.70 9.53 15.82
N LEU D 220 -0.58 9.18 17.11
CA LEU D 220 -1.17 7.93 17.56
C LEU D 220 -2.69 7.98 17.56
N LEU D 221 -3.27 9.16 17.78
CA LEU D 221 -4.72 9.26 17.81
C LEU D 221 -5.31 9.14 16.41
N ASN D 222 -4.86 9.99 15.49
CA ASN D 222 -5.38 9.95 14.13
C ASN D 222 -5.15 8.60 13.48
N GLU D 223 -3.95 8.05 13.65
CA GLU D 223 -3.66 6.73 13.11
C GLU D 223 -4.50 5.64 13.78
N PHE D 224 -5.04 5.92 14.96
CA PHE D 224 -5.80 4.90 15.68
C PHE D 224 -7.22 4.75 15.14
N ILE D 225 -7.96 5.85 15.08
CA ILE D 225 -9.39 5.79 14.76
C ILE D 225 -9.61 5.20 13.38
N GLU D 226 -9.03 5.82 12.36
CA GLU D 226 -9.25 5.41 10.99
C GLU D 226 -8.78 3.99 10.72
N LYS D 227 -7.90 3.44 11.54
CA LYS D 227 -7.35 2.12 11.29
C LYS D 227 -8.03 1.02 12.08
N GLN D 228 -8.19 1.18 13.39
CA GLN D 228 -8.63 0.04 14.18
C GLN D 228 -9.65 0.41 15.25
N LEU D 229 -10.49 1.41 14.99
CA LEU D 229 -11.63 1.60 15.88
C LEU D 229 -12.79 0.69 15.51
N ILE D 230 -12.88 0.29 14.25
CA ILE D 230 -13.96 -0.60 13.82
C ILE D 230 -13.85 -1.95 14.49
N ASP D 231 -12.64 -2.33 14.91
CA ASP D 231 -12.40 -3.65 15.47
C ASP D 231 -12.09 -3.62 16.95
N TYR D 232 -12.25 -2.47 17.61
CA TYR D 232 -12.06 -2.44 19.05
C TYR D 232 -13.06 -3.34 19.76
N ALA D 233 -14.27 -3.48 19.20
CA ALA D 233 -15.26 -4.32 19.84
C ALA D 233 -14.87 -5.78 19.82
N LYS D 234 -14.30 -6.26 18.71
CA LYS D 234 -13.90 -7.65 18.57
C LYS D 234 -12.44 -7.88 18.92
N ASN D 235 -11.81 -6.92 19.60
CA ASN D 235 -10.41 -7.06 20.00
C ASN D 235 -10.18 -6.78 21.47
N SER D 236 -11.12 -6.14 22.17
CA SER D 236 -10.89 -5.77 23.55
C SER D 236 -10.75 -6.97 24.48
N LYS D 237 -11.13 -8.16 24.04
CA LYS D 237 -10.86 -9.36 24.79
C LYS D 237 -9.66 -10.13 24.24
N LYS D 238 -8.99 -9.58 23.24
CA LYS D 238 -7.82 -10.22 22.64
C LYS D 238 -6.56 -9.62 23.28
N VAL D 239 -5.93 -10.39 24.16
CA VAL D 239 -4.75 -9.89 24.84
C VAL D 239 -3.53 -9.81 23.93
N VAL D 240 -3.46 -10.64 22.91
CA VAL D 240 -2.29 -10.67 22.05
C VAL D 240 -2.28 -9.42 21.16
N GLY D 241 -1.08 -9.03 20.74
CA GLY D 241 -0.92 -7.92 19.83
C GLY D 241 -1.37 -6.59 20.39
N ASN D 242 -1.02 -5.50 19.71
CA ASN D 242 -1.52 -4.17 20.09
C ASN D 242 -2.99 -4.10 19.68
N SER D 243 -3.83 -4.69 20.52
CA SER D 243 -5.25 -4.85 20.21
C SER D 243 -6.13 -3.83 20.91
N THR D 244 -5.54 -2.85 21.59
CA THR D 244 -6.35 -1.82 22.24
C THR D 244 -5.84 -0.43 21.91
N SER D 245 -6.32 0.58 22.64
CA SER D 245 -6.01 1.96 22.31
C SER D 245 -4.52 2.26 22.42
N LEU D 246 -3.92 1.93 23.57
CA LEU D 246 -2.58 2.37 23.91
C LEU D 246 -2.54 3.89 24.01
N LEU D 247 -3.43 4.44 24.83
CA LEU D 247 -3.42 5.85 25.19
C LEU D 247 -3.53 6.02 26.70
N SER D 248 -2.95 5.10 27.44
CA SER D 248 -2.95 5.17 28.89
C SER D 248 -1.87 6.10 29.42
N PRO D 249 -0.61 5.99 28.97
CA PRO D 249 0.41 6.91 29.48
C PRO D 249 0.14 8.37 29.17
N TYR D 250 -0.28 8.67 27.95
CA TYR D 250 -0.48 10.06 27.58
C TYR D 250 -1.57 10.72 28.44
N LEU D 251 -2.61 9.97 28.77
CA LEU D 251 -3.76 10.57 29.42
C LEU D 251 -3.44 11.00 30.86
N HIS D 252 -2.72 10.17 31.60
CA HIS D 252 -2.43 10.53 32.99
C HIS D 252 -1.57 11.78 33.08
N PHE D 253 -0.68 11.99 32.12
CA PHE D 253 0.18 13.17 32.16
C PHE D 253 -0.40 14.35 31.44
N GLY D 254 -1.58 14.21 30.83
CA GLY D 254 -2.18 15.31 30.12
C GLY D 254 -1.36 15.75 28.94
N GLU D 255 -1.12 14.83 28.00
CA GLU D 255 -0.50 15.19 26.74
C GLU D 255 -1.50 15.18 25.58
N ILE D 256 -2.68 14.62 25.79
CA ILE D 256 -3.75 14.66 24.80
C ILE D 256 -5.05 14.92 25.52
N SER D 257 -5.71 16.01 25.17
CA SER D 257 -6.89 16.48 25.90
C SER D 257 -8.02 15.49 25.75
N VAL D 258 -8.37 14.80 26.84
CA VAL D 258 -9.40 13.76 26.80
C VAL D 258 -10.71 14.29 26.27
N ARG D 259 -11.00 15.57 26.45
CA ARG D 259 -12.16 16.16 25.81
C ARG D 259 -11.93 16.43 24.33
N HIS D 260 -10.76 16.09 23.79
CA HIS D 260 -10.59 16.05 22.35
C HIS D 260 -10.71 14.65 21.78
N VAL D 261 -10.28 13.63 22.54
CA VAL D 261 -10.52 12.26 22.11
C VAL D 261 -12.00 11.92 22.21
N PHE D 262 -12.77 12.72 22.93
CA PHE D 262 -14.21 12.54 23.01
C PHE D 262 -14.96 13.14 21.84
N GLN D 263 -14.42 14.20 21.22
CA GLN D 263 -15.01 14.70 20.00
C GLN D 263 -14.61 13.84 18.80
N CYS D 264 -13.32 13.76 18.52
CA CYS D 264 -12.84 13.09 17.32
C CYS D 264 -13.14 11.61 17.30
N ALA D 265 -13.58 11.04 18.43
CA ALA D 265 -14.18 9.72 18.43
C ALA D 265 -15.69 9.78 18.31
N ARG D 266 -16.30 10.85 18.80
CA ARG D 266 -17.74 11.00 18.67
C ARG D 266 -18.16 11.14 17.22
N MET D 267 -17.49 12.04 16.49
CA MET D 267 -17.91 12.35 15.12
C MET D 267 -17.69 11.20 14.15
N LYS D 268 -17.17 10.07 14.61
CA LYS D 268 -17.24 8.85 13.82
C LYS D 268 -18.38 7.95 14.26
N GLN D 269 -18.73 7.96 15.55
CA GLN D 269 -19.81 7.12 16.01
C GLN D 269 -21.14 7.51 15.38
N ILE D 270 -21.29 8.75 14.98
CA ILE D 270 -22.53 9.17 14.34
C ILE D 270 -22.58 8.69 12.90
N ILE D 271 -21.42 8.64 12.22
CA ILE D 271 -21.41 8.33 10.80
C ILE D 271 -21.91 6.91 10.56
N TRP D 272 -21.35 5.94 11.29
CA TRP D 272 -21.81 4.57 11.12
C TRP D 272 -23.25 4.39 11.54
N ALA D 273 -23.68 5.10 12.58
CA ALA D 273 -25.09 5.10 12.95
C ALA D 273 -25.96 5.58 11.78
N ARG D 274 -25.48 6.59 11.05
CA ARG D 274 -26.18 7.02 9.85
C ARG D 274 -26.25 5.88 8.83
N ASP D 275 -25.09 5.32 8.47
CA ASP D 275 -25.04 4.25 7.50
C ASP D 275 -25.60 2.94 8.02
N LYS D 276 -25.96 2.86 9.29
CA LYS D 276 -26.51 1.64 9.89
C LYS D 276 -25.52 0.48 9.83
N ASN D 277 -24.22 0.80 9.77
CA ASN D 277 -23.16 -0.20 9.88
C ASN D 277 -22.99 -0.54 11.36
N SER D 278 -24.00 -1.23 11.90
CA SER D 278 -24.12 -1.41 13.34
C SER D 278 -22.94 -2.11 13.96
N GLU D 279 -22.14 -2.84 13.17
CA GLU D 279 -20.93 -3.46 13.70
C GLU D 279 -19.99 -2.42 14.26
N GLY D 280 -19.57 -1.46 13.42
CA GLY D 280 -18.69 -0.41 13.88
C GLY D 280 -19.30 0.43 14.99
N GLU D 281 -20.62 0.66 14.91
CA GLU D 281 -21.29 1.43 15.95
C GLU D 281 -21.18 0.73 17.30
N GLU D 282 -21.31 -0.59 17.32
CA GLU D 282 -21.24 -1.30 18.59
C GLU D 282 -19.86 -1.21 19.20
N SER D 283 -18.81 -1.08 18.38
CA SER D 283 -17.48 -0.95 18.93
C SER D 283 -17.27 0.41 19.59
N ALA D 284 -18.00 1.43 19.14
CA ALA D 284 -17.79 2.76 19.68
C ALA D 284 -18.33 2.89 21.11
N ASP D 285 -19.32 2.10 21.49
CA ASP D 285 -19.90 2.26 22.81
C ASP D 285 -18.94 1.81 23.91
N LEU D 286 -18.20 0.74 23.68
CA LEU D 286 -17.26 0.28 24.71
C LEU D 286 -16.11 1.25 24.87
N PHE D 287 -15.66 1.88 23.79
CA PHE D 287 -14.57 2.84 23.88
C PHE D 287 -14.96 4.01 24.79
N LEU D 288 -15.98 4.78 24.38
CA LEU D 288 -16.42 5.90 25.20
C LEU D 288 -16.90 5.44 26.56
N ARG D 289 -17.43 4.22 26.67
CA ARG D 289 -17.64 3.64 27.98
C ARG D 289 -16.31 3.45 28.70
N GLY D 290 -15.25 3.21 27.95
CA GLY D 290 -13.94 3.07 28.58
C GLY D 290 -13.55 4.32 29.34
N ILE D 291 -13.50 5.46 28.64
CA ILE D 291 -13.13 6.72 29.27
C ILE D 291 -14.03 7.01 30.46
N GLY D 292 -15.32 6.69 30.32
CA GLY D 292 -16.26 6.97 31.40
C GLY D 292 -15.91 6.26 32.69
N LEU D 293 -15.26 5.12 32.59
CA LEU D 293 -14.72 4.49 33.79
C LEU D 293 -13.79 5.46 34.52
N ARG D 294 -12.99 6.21 33.77
CA ARG D 294 -12.00 7.08 34.39
C ARG D 294 -12.67 8.16 35.23
N GLU D 295 -13.80 8.68 34.75
CA GLU D 295 -14.55 9.63 35.56
C GLU D 295 -15.01 8.99 36.86
N TYR D 296 -15.47 7.75 36.78
CA TYR D 296 -15.93 7.05 37.98
C TYR D 296 -14.82 6.96 39.03
N SER D 297 -13.56 6.94 38.57
CA SER D 297 -12.42 6.99 39.47
C SER D 297 -12.41 8.27 40.28
N ARG D 298 -12.23 9.39 39.58
CA ARG D 298 -12.00 10.65 40.27
C ARG D 298 -13.25 11.13 40.98
N TYR D 299 -14.41 11.04 40.30
CA TYR D 299 -15.66 11.52 40.87
C TYR D 299 -15.94 10.89 42.22
N ILE D 300 -15.70 9.59 42.35
CA ILE D 300 -15.82 8.96 43.65
C ILE D 300 -14.73 9.45 44.58
N CYS D 301 -13.52 9.62 44.05
CA CYS D 301 -12.39 10.01 44.89
C CYS D 301 -12.58 11.40 45.50
N PHE D 302 -13.45 12.21 44.93
CA PHE D 302 -13.76 13.54 45.44
C PHE D 302 -15.04 13.55 46.28
N ASN D 303 -16.10 12.91 45.79
CA ASN D 303 -17.32 12.80 46.58
C ASN D 303 -17.07 12.04 47.86
N PHE D 304 -16.69 10.80 47.75
CA PHE D 304 -16.11 10.17 48.92
C PHE D 304 -14.65 10.59 49.03
N PRO D 305 -14.10 10.56 50.23
CA PRO D 305 -12.65 10.72 50.36
C PRO D 305 -11.94 9.45 49.91
N PHE D 306 -10.72 9.62 49.40
CA PHE D 306 -9.99 8.50 48.82
C PHE D 306 -9.78 7.41 49.88
N THR D 307 -10.20 6.18 49.55
CA THR D 307 -10.05 4.97 50.34
C THR D 307 -10.26 5.18 51.84
N HIS D 308 -11.20 6.04 52.20
CA HIS D 308 -11.45 6.49 53.57
C HIS D 308 -10.33 7.38 54.11
N GLU D 309 -9.43 7.85 53.25
CA GLU D 309 -8.33 8.76 53.58
C GLU D 309 -7.24 8.09 54.43
N GLN D 310 -7.37 6.81 54.72
CA GLN D 310 -6.47 6.07 55.60
C GLN D 310 -5.81 4.96 54.78
N SER D 311 -5.17 4.02 55.50
CA SER D 311 -4.45 2.91 54.89
C SER D 311 -5.23 2.25 53.77
N LEU D 312 -6.40 1.70 54.08
CA LEU D 312 -7.35 1.29 53.05
C LEU D 312 -8.75 1.69 53.48
N LEU D 313 -9.73 1.38 52.62
CA LEU D 313 -11.07 1.95 52.77
C LEU D 313 -11.75 1.55 54.06
N SER D 314 -12.14 0.28 54.20
CA SER D 314 -12.84 -0.13 55.41
C SER D 314 -12.44 -1.47 55.98
N HIS D 315 -11.93 -2.42 55.20
CA HIS D 315 -11.76 -3.78 55.68
C HIS D 315 -10.41 -4.42 55.37
N LEU D 316 -9.70 -4.00 54.33
CA LEU D 316 -8.47 -4.67 53.93
C LEU D 316 -7.29 -3.75 54.24
N ARG D 317 -6.86 -3.78 55.50
CA ARG D 317 -5.62 -3.12 55.89
C ARG D 317 -4.82 -4.02 56.83
N PHE D 318 -5.53 -4.89 57.56
CA PHE D 318 -4.91 -5.79 58.53
C PHE D 318 -5.18 -7.25 58.23
N PHE D 319 -5.48 -7.59 56.98
CA PHE D 319 -5.71 -8.99 56.65
C PHE D 319 -4.39 -9.76 56.70
N PRO D 320 -4.38 -10.94 57.31
CA PRO D 320 -3.10 -11.63 57.52
C PRO D 320 -2.51 -12.21 56.26
N TRP D 321 -1.89 -11.36 55.44
CA TRP D 321 -1.04 -11.87 54.38
C TRP D 321 0.14 -12.60 55.00
N ASP D 322 0.60 -13.65 54.33
CA ASP D 322 1.77 -14.36 54.83
C ASP D 322 2.99 -13.44 54.81
N ALA D 323 3.58 -13.24 55.98
CA ALA D 323 4.72 -12.33 56.11
C ALA D 323 5.97 -13.02 55.57
N ASP D 324 5.98 -13.22 54.26
CA ASP D 324 7.07 -13.87 53.57
C ASP D 324 7.55 -13.00 52.42
N VAL D 325 8.80 -13.17 52.05
CA VAL D 325 9.44 -12.33 51.05
C VAL D 325 9.57 -13.05 49.72
N ASP D 326 10.06 -14.28 49.72
CA ASP D 326 10.51 -14.92 48.49
C ASP D 326 9.35 -15.14 47.51
N LYS D 327 8.17 -15.47 48.03
CA LYS D 327 6.99 -15.53 47.17
C LYS D 327 6.72 -14.15 46.57
N PHE D 328 6.64 -13.14 47.43
CA PHE D 328 6.64 -11.76 46.94
C PHE D 328 7.88 -11.50 46.10
N LYS D 329 9.01 -12.11 46.45
CA LYS D 329 10.16 -12.11 45.54
C LYS D 329 9.89 -12.93 44.30
N ALA D 330 9.02 -13.92 44.39
CA ALA D 330 8.69 -14.77 43.26
C ALA D 330 7.54 -14.22 42.43
N TRP D 331 6.66 -13.42 43.04
CA TRP D 331 5.50 -12.92 42.32
C TRP D 331 5.92 -12.03 41.16
N ARG D 332 6.99 -11.27 41.33
CA ARG D 332 7.42 -10.32 40.31
C ARG D 332 8.48 -10.87 39.37
N GLN D 333 9.30 -11.81 39.84
CA GLN D 333 10.41 -12.29 39.02
C GLN D 333 9.96 -13.06 37.78
N GLY D 334 8.74 -13.60 37.79
CA GLY D 334 8.29 -14.41 36.69
C GLY D 334 8.70 -15.86 36.84
N ARG D 335 8.49 -16.40 38.04
CA ARG D 335 8.79 -17.80 38.30
C ARG D 335 7.73 -18.45 39.18
N THR D 336 6.51 -17.92 39.17
CA THR D 336 5.49 -18.45 40.04
C THR D 336 5.09 -19.87 39.67
N GLY D 337 5.29 -20.25 38.41
CA GLY D 337 4.93 -21.58 37.96
C GLY D 337 3.67 -21.67 37.15
N TYR D 338 3.11 -20.55 36.71
CA TYR D 338 1.90 -20.56 35.94
C TYR D 338 2.13 -19.86 34.62
N PRO D 339 1.50 -20.32 33.54
CA PRO D 339 1.70 -19.68 32.23
C PRO D 339 1.23 -18.24 32.20
N LEU D 340 -0.04 -18.03 32.55
CA LEU D 340 -0.60 -16.67 32.54
C LEU D 340 0.14 -15.76 33.52
N VAL D 341 0.10 -16.11 34.80
CA VAL D 341 0.61 -15.22 35.85
C VAL D 341 2.07 -14.88 35.61
N ASP D 342 2.85 -15.84 35.12
CA ASP D 342 4.24 -15.56 34.80
C ASP D 342 4.40 -14.94 33.43
N ALA D 343 3.36 -14.98 32.60
CA ALA D 343 3.46 -14.46 31.24
C ALA D 343 3.77 -12.97 31.26
N GLY D 344 2.84 -12.18 31.78
CA GLY D 344 2.95 -10.74 31.63
C GLY D 344 4.10 -10.13 32.41
N MET D 345 4.40 -10.68 33.59
CA MET D 345 5.45 -10.10 34.40
C MET D 345 6.80 -10.16 33.70
N ARG D 346 6.99 -11.15 32.83
CA ARG D 346 8.13 -11.11 31.91
C ARG D 346 8.00 -9.97 30.92
N GLU D 347 6.79 -9.43 30.76
CA GLU D 347 6.53 -8.34 29.84
C GLU D 347 6.29 -7.02 30.53
N LEU D 348 5.78 -7.04 31.76
CA LEU D 348 5.65 -5.80 32.53
C LEU D 348 7.00 -5.11 32.67
N TRP D 349 8.00 -5.84 33.13
CA TRP D 349 9.35 -5.30 33.20
C TRP D 349 9.92 -5.00 31.82
N ALA D 350 9.36 -5.60 30.77
CA ALA D 350 9.92 -5.42 29.44
C ALA D 350 9.52 -4.10 28.83
N THR D 351 8.25 -3.71 28.96
CA THR D 351 7.81 -2.43 28.40
C THR D 351 6.85 -1.68 29.32
N GLY D 352 6.65 -2.12 30.55
CA GLY D 352 5.85 -1.37 31.49
C GLY D 352 4.41 -1.16 31.08
N TRP D 353 3.81 -2.11 30.38
CA TRP D 353 2.39 -2.03 30.08
C TRP D 353 1.83 -3.43 29.90
N MET D 354 0.62 -3.63 30.41
CA MET D 354 -0.08 -4.90 30.25
C MET D 354 -1.50 -4.62 29.78
N HIS D 355 -2.10 -5.65 29.18
CA HIS D 355 -3.49 -5.60 28.81
C HIS D 355 -4.35 -5.31 30.03
N ASN D 356 -5.55 -4.78 29.79
CA ASN D 356 -6.38 -4.34 30.90
C ASN D 356 -6.97 -5.51 31.67
N ARG D 357 -7.17 -6.66 31.03
CA ARG D 357 -7.73 -7.80 31.73
C ARG D 357 -6.66 -8.67 32.36
N ILE D 358 -5.52 -8.83 31.68
CA ILE D 358 -4.44 -9.64 32.23
C ILE D 358 -4.01 -9.13 33.59
N ARG D 359 -3.97 -7.80 33.76
CA ARG D 359 -3.69 -7.23 35.08
C ARG D 359 -4.67 -7.74 36.11
N VAL D 360 -5.94 -7.87 35.72
CA VAL D 360 -6.93 -8.42 36.63
C VAL D 360 -6.75 -9.91 36.82
N ILE D 361 -5.98 -10.57 35.96
CA ILE D 361 -5.57 -11.94 36.21
C ILE D 361 -4.43 -11.98 37.23
N VAL D 362 -3.36 -11.25 36.93
CA VAL D 362 -2.18 -11.26 37.79
C VAL D 362 -2.52 -10.68 39.16
N SER D 363 -3.36 -9.65 39.20
CA SER D 363 -3.65 -8.96 40.45
C SER D 363 -4.28 -9.89 41.47
N SER D 364 -5.41 -10.50 41.11
CA SER D 364 -6.16 -11.30 42.08
C SER D 364 -5.38 -12.53 42.50
N PHE D 365 -4.44 -12.98 41.67
CA PHE D 365 -3.71 -14.19 41.99
C PHE D 365 -2.90 -14.07 43.27
N ALA D 366 -2.26 -12.93 43.50
CA ALA D 366 -1.35 -12.78 44.63
C ALA D 366 -2.11 -12.70 45.95
N VAL D 367 -3.03 -11.74 46.05
CA VAL D 367 -3.74 -11.53 47.31
C VAL D 367 -4.66 -12.70 47.61
N LYS D 368 -5.24 -13.32 46.59
CA LYS D 368 -6.25 -14.36 46.78
C LYS D 368 -5.67 -15.77 46.78
N PHE D 369 -4.50 -15.98 46.18
CA PHE D 369 -3.83 -17.27 46.25
C PHE D 369 -2.52 -17.18 47.01
N LEU D 370 -1.59 -16.31 46.61
CA LEU D 370 -0.34 -16.20 47.34
C LEU D 370 -0.54 -15.62 48.73
N LEU D 371 -1.58 -14.82 48.93
CA LEU D 371 -1.87 -14.23 50.24
C LEU D 371 -0.75 -13.28 50.67
N LEU D 372 -0.24 -12.48 49.74
CA LEU D 372 0.82 -11.53 50.03
C LEU D 372 0.24 -10.12 50.22
N PRO D 373 0.96 -9.26 50.93
CA PRO D 373 0.45 -7.91 51.21
C PRO D 373 0.33 -7.09 49.95
N ALA D 374 -0.90 -6.64 49.66
CA ALA D 374 -1.13 -5.80 48.49
C ALA D 374 -0.30 -4.52 48.55
N LYS D 375 -0.10 -3.99 49.77
CA LYS D 375 0.80 -2.86 49.93
C LYS D 375 2.18 -3.19 49.38
N TRP D 376 2.63 -4.43 49.55
CA TRP D 376 3.85 -4.84 48.87
C TRP D 376 3.64 -4.98 47.38
N GLY D 377 2.39 -5.15 46.95
CA GLY D 377 2.10 -5.32 45.55
C GLY D 377 1.78 -4.02 44.84
N MET D 378 0.82 -3.26 45.40
CA MET D 378 0.44 -2.01 44.77
C MET D 378 1.61 -1.05 44.73
N LYS D 379 2.43 -1.02 45.78
CA LYS D 379 3.64 -0.23 45.77
C LYS D 379 4.56 -0.64 44.62
N TYR D 380 4.65 -1.95 44.35
CA TYR D 380 5.41 -2.39 43.19
C TYR D 380 4.76 -1.91 41.91
N PHE D 381 3.42 -1.95 41.85
CA PHE D 381 2.73 -1.44 40.67
C PHE D 381 3.03 0.04 40.45
N TRP D 382 2.89 0.84 41.50
CA TRP D 382 3.33 2.22 41.44
C TRP D 382 4.81 2.31 41.11
N ASP D 383 5.60 1.35 41.56
CA ASP D 383 7.03 1.35 41.26
C ASP D 383 7.35 1.02 39.82
N THR D 384 6.43 0.44 39.08
CA THR D 384 6.93 0.00 37.79
C THR D 384 6.12 0.48 36.60
N LEU D 385 4.81 0.57 36.72
CA LEU D 385 3.98 0.90 35.56
C LEU D 385 4.22 2.34 35.11
N LEU D 386 4.14 2.53 33.80
CA LEU D 386 4.32 3.87 33.24
C LEU D 386 3.25 4.82 33.76
N ASP D 387 1.99 4.49 33.52
CA ASP D 387 0.87 5.38 33.77
C ASP D 387 0.22 5.09 35.11
N ALA D 388 1.02 4.81 36.14
CA ALA D 388 0.46 4.41 37.43
C ALA D 388 -0.25 5.61 38.04
N ASP D 389 -1.53 5.73 37.75
CA ASP D 389 -2.40 6.71 38.37
C ASP D 389 -2.44 6.49 39.88
N LEU D 390 -2.84 7.52 40.61
CA LEU D 390 -3.11 7.36 42.03
C LEU D 390 -4.56 7.00 42.29
N GLU D 391 -5.51 7.54 41.53
CA GLU D 391 -6.91 7.32 41.89
C GLU D 391 -7.47 6.04 41.26
N CYS D 392 -7.20 5.80 39.98
CA CYS D 392 -7.81 4.62 39.36
C CYS D 392 -7.16 3.36 39.88
N ASP D 393 -5.84 3.38 40.07
CA ASP D 393 -5.14 2.24 40.64
C ASP D 393 -5.76 1.78 41.94
N ILE D 394 -6.02 2.72 42.85
CA ILE D 394 -6.69 2.32 44.08
C ILE D 394 -8.12 1.89 43.82
N LEU D 395 -8.70 2.30 42.69
CA LEU D 395 -9.95 1.70 42.28
C LEU D 395 -9.73 0.28 41.75
N GLY D 396 -8.63 0.08 41.02
CA GLY D 396 -8.32 -1.26 40.53
C GLY D 396 -8.15 -2.25 41.66
N TRP D 397 -7.47 -1.86 42.72
CA TRP D 397 -7.34 -2.72 43.90
C TRP D 397 -8.45 -2.44 44.91
N GLN D 398 -9.66 -2.35 44.40
CA GLN D 398 -10.92 -2.48 45.12
C GLN D 398 -11.87 -3.44 44.42
N TYR D 399 -11.93 -3.37 43.09
CA TYR D 399 -12.68 -4.35 42.32
C TYR D 399 -12.01 -5.70 42.35
N ILE D 400 -10.68 -5.72 42.52
CA ILE D 400 -9.95 -6.98 42.69
C ILE D 400 -10.11 -7.55 44.08
N SER D 401 -10.65 -6.78 45.01
CA SER D 401 -10.88 -7.26 46.37
C SER D 401 -12.16 -8.08 46.48
N GLY D 402 -13.20 -7.70 45.76
CA GLY D 402 -14.47 -8.41 45.82
C GLY D 402 -15.62 -7.65 45.19
N ASP D 414 -10.47 -18.46 40.92
CA ASP D 414 -10.55 -18.42 39.48
C ASP D 414 -9.81 -19.60 38.84
N ASN D 415 -10.56 -20.49 38.21
CA ASN D 415 -9.96 -21.65 37.57
C ASN D 415 -9.10 -21.21 36.40
N PRO D 416 -7.79 -21.44 36.41
CA PRO D 416 -6.93 -20.94 35.32
C PRO D 416 -7.22 -21.57 33.97
N ALA D 417 -7.90 -22.71 33.93
CA ALA D 417 -8.11 -23.40 32.65
C ALA D 417 -9.08 -22.64 31.77
N LEU D 418 -10.28 -22.35 32.30
CA LEU D 418 -11.36 -21.84 31.47
C LEU D 418 -11.04 -20.45 30.92
N GLN D 419 -10.67 -19.51 31.79
CA GLN D 419 -10.52 -18.13 31.38
C GLN D 419 -9.40 -17.92 30.37
N GLY D 420 -8.44 -18.83 30.30
CA GLY D 420 -7.36 -18.66 29.35
C GLY D 420 -7.82 -18.79 27.91
N ALA D 421 -8.65 -19.79 27.62
CA ALA D 421 -9.09 -20.03 26.25
C ALA D 421 -9.87 -18.85 25.71
N LYS D 422 -10.80 -18.32 26.50
CA LYS D 422 -11.55 -17.14 26.08
C LYS D 422 -10.61 -15.96 25.86
N TYR D 423 -9.76 -15.68 26.84
CA TYR D 423 -8.80 -14.58 26.70
C TYR D 423 -7.79 -14.88 25.60
N ASP D 424 -7.29 -16.11 25.56
CA ASP D 424 -6.29 -16.53 24.57
C ASP D 424 -6.86 -17.72 23.82
N PRO D 425 -7.36 -17.51 22.61
CA PRO D 425 -8.09 -18.58 21.92
C PRO D 425 -7.19 -19.67 21.36
N GLU D 426 -6.10 -19.27 20.71
CA GLU D 426 -5.28 -20.19 19.94
C GLU D 426 -3.90 -20.39 20.53
N GLY D 427 -3.69 -19.97 21.77
CA GLY D 427 -2.40 -20.15 22.41
C GLY D 427 -1.29 -19.44 21.66
N GLU D 428 -1.48 -18.15 21.40
CA GLU D 428 -0.46 -17.35 20.74
C GLU D 428 0.19 -16.33 21.66
N TYR D 429 -0.51 -15.90 22.71
CA TYR D 429 0.08 -14.98 23.67
C TYR D 429 1.25 -15.62 24.39
N ILE D 430 1.01 -16.76 25.04
CA ILE D 430 2.03 -17.42 25.84
C ILE D 430 3.26 -17.76 25.01
N ARG D 431 3.07 -18.03 23.73
CA ARG D 431 4.21 -18.38 22.88
C ARG D 431 5.11 -17.19 22.61
N GLN D 432 4.64 -15.97 22.85
CA GLN D 432 5.48 -14.81 22.62
C GLN D 432 6.21 -14.36 23.87
N TRP D 433 5.64 -14.59 25.06
CA TRP D 433 6.29 -14.21 26.31
C TRP D 433 6.62 -15.41 27.18
N LEU D 434 6.78 -16.58 26.58
CA LEU D 434 7.35 -17.76 27.21
C LEU D 434 7.86 -18.68 26.11
N PRO D 435 8.98 -18.35 25.48
CA PRO D 435 9.41 -19.12 24.30
C PRO D 435 9.75 -20.56 24.60
N GLU D 436 10.11 -20.88 25.84
CA GLU D 436 10.49 -22.25 26.15
C GLU D 436 9.33 -23.22 25.96
N LEU D 437 8.09 -22.75 26.14
CA LEU D 437 6.91 -23.59 25.99
C LEU D 437 6.35 -23.55 24.57
N ALA D 438 7.20 -23.32 23.57
CA ALA D 438 6.76 -23.23 22.19
C ALA D 438 6.52 -24.57 21.54
N ARG D 439 6.42 -25.65 22.31
CA ARG D 439 6.19 -26.97 21.73
C ARG D 439 5.12 -27.75 22.47
N LEU D 440 4.26 -27.10 23.19
CA LEU D 440 3.08 -27.77 23.70
C LEU D 440 1.93 -27.62 22.72
N PRO D 441 1.00 -28.56 22.71
CA PRO D 441 -0.21 -28.38 21.90
C PRO D 441 -1.05 -27.25 22.45
N THR D 442 -1.90 -26.71 21.58
CA THR D 442 -2.79 -25.62 22.00
C THR D 442 -3.73 -26.08 23.11
N GLU D 443 -4.04 -27.37 23.17
CA GLU D 443 -4.82 -27.89 24.28
C GLU D 443 -3.98 -27.93 25.54
N TRP D 444 -4.62 -27.61 26.67
CA TRP D 444 -4.04 -27.66 28.02
C TRP D 444 -2.64 -27.06 28.10
N ILE D 445 -2.36 -26.02 27.30
CA ILE D 445 -1.08 -25.35 27.44
C ILE D 445 -1.06 -24.47 28.68
N HIS D 446 -2.15 -23.75 28.92
CA HIS D 446 -2.23 -22.81 30.04
C HIS D 446 -2.21 -23.47 31.40
N HIS D 447 -2.21 -24.81 31.47
CA HIS D 447 -2.15 -25.53 32.74
C HIS D 447 -1.40 -26.84 32.53
N PRO D 448 -0.11 -26.76 32.19
CA PRO D 448 0.63 -27.97 31.85
C PRO D 448 0.75 -28.97 32.99
N TRP D 449 0.57 -28.56 34.24
CA TRP D 449 0.67 -29.51 35.34
C TRP D 449 -0.50 -30.48 35.37
N ASP D 450 -1.58 -30.19 34.64
CA ASP D 450 -2.76 -31.05 34.63
C ASP D 450 -2.72 -32.12 33.55
N ALA D 451 -2.00 -31.88 32.46
CA ALA D 451 -1.91 -32.83 31.38
C ALA D 451 -1.18 -34.09 31.85
N PRO D 452 -1.17 -35.15 31.04
CA PRO D 452 -0.44 -36.36 31.44
C PRO D 452 1.05 -36.17 31.38
N LEU D 453 1.76 -37.00 32.15
CA LEU D 453 3.21 -36.88 32.23
C LEU D 453 3.88 -37.18 30.91
N THR D 454 3.32 -38.11 30.12
CA THR D 454 4.01 -38.54 28.92
C THR D 454 3.91 -37.54 27.78
N VAL D 455 2.82 -36.78 27.70
CA VAL D 455 2.70 -35.79 26.64
C VAL D 455 3.75 -34.70 26.80
N LEU D 456 4.07 -34.34 28.04
CA LEU D 456 5.12 -33.35 28.26
C LEU D 456 6.45 -33.85 27.73
N LYS D 457 6.77 -35.12 27.98
CA LYS D 457 7.97 -35.72 27.40
C LYS D 457 7.92 -35.67 25.88
N ALA D 458 6.71 -35.74 25.31
CA ALA D 458 6.59 -35.53 23.87
C ALA D 458 7.00 -34.12 23.48
N SER D 459 6.91 -33.18 24.41
CA SER D 459 7.41 -31.83 24.22
C SER D 459 8.77 -31.68 24.90
N GLY D 460 9.30 -30.46 24.89
CA GLY D 460 10.57 -30.18 25.51
C GLY D 460 10.43 -29.46 26.84
N VAL D 461 9.34 -29.73 27.54
CA VAL D 461 9.03 -29.10 28.82
C VAL D 461 9.19 -30.14 29.92
N GLU D 462 10.18 -29.94 30.78
CA GLU D 462 10.39 -30.78 31.95
C GLU D 462 10.53 -29.87 33.15
N LEU D 463 9.56 -29.93 34.05
CA LEU D 463 9.52 -29.00 35.17
C LEU D 463 10.70 -29.25 36.11
N GLY D 464 11.35 -28.16 36.50
CA GLY D 464 12.57 -28.26 37.28
C GLY D 464 13.71 -27.42 36.74
N THR D 465 14.79 -28.07 36.28
CA THR D 465 16.00 -27.33 35.91
C THR D 465 15.79 -26.50 34.65
N ASN D 466 14.86 -26.90 33.78
CA ASN D 466 14.61 -26.20 32.54
C ASN D 466 13.26 -25.48 32.51
N TYR D 467 12.50 -25.51 33.60
CA TYR D 467 11.28 -24.73 33.68
C TYR D 467 10.80 -24.72 35.13
N ALA D 468 10.32 -23.57 35.57
CA ALA D 468 9.99 -23.38 36.98
C ALA D 468 8.76 -24.21 37.35
N LYS D 469 8.92 -25.08 38.35
CA LYS D 469 7.78 -25.78 38.89
C LYS D 469 6.82 -24.78 39.51
N PRO D 470 5.55 -25.18 39.67
CA PRO D 470 4.56 -24.25 40.26
C PRO D 470 4.90 -23.96 41.72
N ILE D 471 4.88 -22.67 42.08
CA ILE D 471 5.13 -22.28 43.46
C ILE D 471 4.10 -22.92 44.39
N VAL D 472 2.82 -22.86 44.00
CA VAL D 472 1.74 -23.50 44.73
C VAL D 472 0.66 -23.87 43.72
N ASP D 473 -0.21 -24.77 44.13
CA ASP D 473 -1.29 -25.28 43.28
C ASP D 473 -2.65 -24.85 43.81
N ILE D 474 -3.66 -25.00 42.96
CA ILE D 474 -5.03 -24.70 43.35
C ILE D 474 -5.66 -25.78 44.19
N ASP D 475 -5.03 -26.96 44.25
CA ASP D 475 -5.59 -28.06 45.04
C ASP D 475 -5.74 -27.69 46.51
N THR D 476 -4.83 -26.87 47.03
CA THR D 476 -4.99 -26.25 48.33
C THR D 476 -5.38 -24.78 48.25
N ALA D 477 -5.15 -24.14 47.11
CA ALA D 477 -5.51 -22.74 46.91
C ALA D 477 -7.02 -22.61 46.69
N UNK E 1 -27.55 42.22 14.05
CA UNK E 1 -28.05 42.89 12.86
C UNK E 1 -26.99 43.38 11.88
N UNK E 2 -26.95 42.74 10.71
CA UNK E 2 -26.00 43.14 9.67
C UNK E 2 -26.18 44.61 9.31
N UNK E 3 -27.42 45.09 9.29
CA UNK E 3 -27.65 46.50 9.07
C UNK E 3 -27.12 47.32 10.23
N UNK E 4 -27.25 46.81 11.47
CA UNK E 4 -26.68 47.49 12.61
C UNK E 4 -25.17 47.61 12.48
N UNK E 5 -24.54 46.64 11.84
CA UNK E 5 -23.11 46.72 11.57
C UNK E 5 -22.81 47.72 10.46
N UNK E 6 -23.77 47.98 9.58
CA UNK E 6 -23.53 48.85 8.43
C UNK E 6 -23.46 50.32 8.78
N UNK E 7 -23.72 50.68 10.04
CA UNK E 7 -23.62 52.08 10.45
C UNK E 7 -22.19 52.45 10.81
N UNK E 8 -21.49 51.58 11.52
CA UNK E 8 -20.12 51.83 11.95
C UNK E 8 -19.52 50.59 12.59
N UNK F 1 -10.73 23.60 44.86
CA UNK F 1 -10.89 24.16 46.20
C UNK F 1 -11.37 23.20 47.26
N UNK F 2 -10.49 22.88 48.21
CA UNK F 2 -10.85 22.00 49.32
C UNK F 2 -12.05 22.53 50.07
N UNK F 3 -12.14 23.85 50.23
CA UNK F 3 -13.34 24.43 50.83
C UNK F 3 -14.55 24.22 49.94
N UNK F 4 -14.36 24.31 48.62
CA UNK F 4 -15.45 24.04 47.70
C UNK F 4 -15.95 22.61 47.86
N UNK F 5 -15.05 21.69 48.20
CA UNK F 5 -15.45 20.33 48.47
C UNK F 5 -16.17 20.20 49.81
N UNK F 6 -15.92 21.13 50.74
CA UNK F 6 -16.46 21.03 52.09
C UNK F 6 -17.95 21.38 52.14
N UNK F 7 -18.54 21.83 51.04
CA UNK F 7 -19.97 22.13 51.03
C UNK F 7 -20.80 20.89 50.79
N UNK F 8 -20.37 20.04 49.85
CA UNK F 8 -21.09 18.83 49.51
C UNK F 8 -20.29 17.97 48.55
#